data_1I3A
# 
_entry.id   1I3A 
# 
_audit_conform.dict_name       mmcif_pdbx.dic 
_audit_conform.dict_version    5.399 
_audit_conform.dict_location   http://mmcif.pdb.org/dictionaries/ascii/mmcif_pdbx.dic 
# 
loop_
_database_2.database_id 
_database_2.database_code 
_database_2.pdbx_database_accession 
_database_2.pdbx_DOI 
PDB   1I3A         pdb_00001i3a 10.2210/pdb1i3a/pdb 
RCSB  RCSB012849   ?            ?                   
WWPDB D_1000012849 ?            ?                   
# 
loop_
_pdbx_audit_revision_history.ordinal 
_pdbx_audit_revision_history.data_content_type 
_pdbx_audit_revision_history.major_revision 
_pdbx_audit_revision_history.minor_revision 
_pdbx_audit_revision_history.revision_date 
1 'Structure model' 1 0 2001-04-11 
2 'Structure model' 1 1 2008-04-27 
3 'Structure model' 1 2 2011-07-13 
4 'Structure model' 1 3 2024-04-03 
5 'Structure model' 1 4 2024-11-20 
# 
_pdbx_audit_revision_details.ordinal             1 
_pdbx_audit_revision_details.revision_ordinal    1 
_pdbx_audit_revision_details.data_content_type   'Structure model' 
_pdbx_audit_revision_details.provider            repository 
_pdbx_audit_revision_details.type                'Initial release' 
_pdbx_audit_revision_details.description         ? 
_pdbx_audit_revision_details.details             ? 
# 
loop_
_pdbx_audit_revision_group.ordinal 
_pdbx_audit_revision_group.revision_ordinal 
_pdbx_audit_revision_group.data_content_type 
_pdbx_audit_revision_group.group 
1 2 'Structure model' 'Version format compliance' 
2 3 'Structure model' 'Version format compliance' 
3 4 'Structure model' 'Data collection'           
4 4 'Structure model' 'Database references'       
5 4 'Structure model' 'Derived calculations'      
6 4 'Structure model' 'Refinement description'    
7 5 'Structure model' 'Structure summary'         
# 
loop_
_pdbx_audit_revision_category.ordinal 
_pdbx_audit_revision_category.revision_ordinal 
_pdbx_audit_revision_category.data_content_type 
_pdbx_audit_revision_category.category 
1 4 'Structure model' chem_comp_atom                
2 4 'Structure model' chem_comp_bond                
3 4 'Structure model' database_2                    
4 4 'Structure model' pdbx_initial_refinement_model 
5 4 'Structure model' struct_site                   
6 5 'Structure model' pdbx_entry_details            
7 5 'Structure model' pdbx_modification_feature     
# 
loop_
_pdbx_audit_revision_item.ordinal 
_pdbx_audit_revision_item.revision_ordinal 
_pdbx_audit_revision_item.data_content_type 
_pdbx_audit_revision_item.item 
1 4 'Structure model' '_database_2.pdbx_DOI'                
2 4 'Structure model' '_database_2.pdbx_database_accession' 
3 4 'Structure model' '_struct_site.pdbx_auth_asym_id'      
4 4 'Structure model' '_struct_site.pdbx_auth_comp_id'      
5 4 'Structure model' '_struct_site.pdbx_auth_seq_id'       
# 
_pdbx_database_status.status_code                     REL 
_pdbx_database_status.entry_id                        1I3A 
_pdbx_database_status.recvd_initial_deposition_date   2001-02-13 
_pdbx_database_status.deposit_site                    RCSB 
_pdbx_database_status.process_site                    RCSB 
_pdbx_database_status.status_code_sf                  REL 
_pdbx_database_status.SG_entry                        . 
_pdbx_database_status.pdb_format_compatible           Y 
_pdbx_database_status.status_code_mr                  ? 
_pdbx_database_status.status_code_cs                  ? 
_pdbx_database_status.status_code_nmr_data            ? 
_pdbx_database_status.methods_development_category    ? 
# 
_pdbx_database_related.db_name        PDB 
_pdbx_database_related.db_id          1I39 
_pdbx_database_related.details        '1I39 IS RNase HII from Archaeoglobus fulgidus apo-enzyme' 
_pdbx_database_related.content_type   unspecified 
# 
loop_
_audit_author.name 
_audit_author.pdbx_ordinal 
'Chapados, B.R.' 1 
'Chai, Q.'       2 
'Hosfield, D.J.' 3 
'Qiu, J.'        4 
'Shen, B.'       5 
'Tainer, J.A.'   6 
# 
_citation.id                        primary 
_citation.title                     
'Structural biochemistry of a type 2 RNase H: RNA primer recognition and removal during DNA replication.' 
_citation.journal_abbrev            J.Mol.Biol. 
_citation.journal_volume            307 
_citation.page_first                541 
_citation.page_last                 556 
_citation.year                      2001 
_citation.journal_id_ASTM           JMOBAK 
_citation.country                   UK 
_citation.journal_id_ISSN           0022-2836 
_citation.journal_id_CSD            0070 
_citation.book_publisher            ? 
_citation.pdbx_database_id_PubMed   11254381 
_citation.pdbx_database_id_DOI      10.1006/jmbi.2001.4494 
# 
loop_
_citation_author.citation_id 
_citation_author.name 
_citation_author.ordinal 
_citation_author.identifier_ORCID 
primary 'Chapados, B.R.' 1 ? 
primary 'Chai, Q.'       2 ? 
primary 'Hosfield, D.J.' 3 ? 
primary 'Qiu, J.'        4 ? 
primary 'Shen, B.'       5 ? 
primary 'Tainer, J.A.'   6 ? 
# 
loop_
_entity.id 
_entity.type 
_entity.src_method 
_entity.pdbx_description 
_entity.formula_weight 
_entity.pdbx_number_of_molecules 
_entity.pdbx_ec 
_entity.pdbx_mutation 
_entity.pdbx_fragment 
_entity.details 
1 polymer     man 'RIBONUCLEASE HII'      25393.240 1   3.1.26.4 ? ? ? 
2 non-polymer syn 'COBALT HEXAMMINE(III)' 161.116   1   ?        ? ? ? 
3 water       nat water                   18.015    119 ?        ? ? ? 
# 
_entity_name_com.entity_id   1 
_entity_name_com.name        'RNASE H11' 
# 
_entity_poly.entity_id                      1 
_entity_poly.type                           'polypeptide(L)' 
_entity_poly.nstd_linkage                   no 
_entity_poly.nstd_monomer                   no 
_entity_poly.pdbx_seq_one_letter_code       
;MGSSHHHHHHSSGLVPRGSHMKAGIDEAGKGCVIGPLVVAGVACSDEDRLRKLGVKDSKKLSQGRREELAEEIRKICRTE
VLKVSPENLDERMAAKTINEILKECYAEIILRLKPEIAYVDSPDVIPERLSRELEEITGLRVVAEHKADEKYPLVAAASI
IAKVEREREIERLKEKFGDFGSGYASDPRTREVLKEWIASGRIPSCVRMRWKTVSNLRQKTLDDF
;
_entity_poly.pdbx_seq_one_letter_code_can   
;MGSSHHHHHHSSGLVPRGSHMKAGIDEAGKGCVIGPLVVAGVACSDEDRLRKLGVKDSKKLSQGRREELAEEIRKICRTE
VLKVSPENLDERMAAKTINEILKECYAEIILRLKPEIAYVDSPDVIPERLSRELEEITGLRVVAEHKADEKYPLVAAASI
IAKVEREREIERLKEKFGDFGSGYASDPRTREVLKEWIASGRIPSCVRMRWKTVSNLRQKTLDDF
;
_entity_poly.pdbx_strand_id                 A 
_entity_poly.pdbx_target_identifier         ? 
# 
loop_
_pdbx_entity_nonpoly.entity_id 
_pdbx_entity_nonpoly.name 
_pdbx_entity_nonpoly.comp_id 
2 'COBALT HEXAMMINE(III)' NCO 
3 water                   HOH 
# 
loop_
_entity_poly_seq.entity_id 
_entity_poly_seq.num 
_entity_poly_seq.mon_id 
_entity_poly_seq.hetero 
1 1   MET n 
1 2   GLY n 
1 3   SER n 
1 4   SER n 
1 5   HIS n 
1 6   HIS n 
1 7   HIS n 
1 8   HIS n 
1 9   HIS n 
1 10  HIS n 
1 11  SER n 
1 12  SER n 
1 13  GLY n 
1 14  LEU n 
1 15  VAL n 
1 16  PRO n 
1 17  ARG n 
1 18  GLY n 
1 19  SER n 
1 20  HIS n 
1 21  MET n 
1 22  LYS n 
1 23  ALA n 
1 24  GLY n 
1 25  ILE n 
1 26  ASP n 
1 27  GLU n 
1 28  ALA n 
1 29  GLY n 
1 30  LYS n 
1 31  GLY n 
1 32  CYS n 
1 33  VAL n 
1 34  ILE n 
1 35  GLY n 
1 36  PRO n 
1 37  LEU n 
1 38  VAL n 
1 39  VAL n 
1 40  ALA n 
1 41  GLY n 
1 42  VAL n 
1 43  ALA n 
1 44  CYS n 
1 45  SER n 
1 46  ASP n 
1 47  GLU n 
1 48  ASP n 
1 49  ARG n 
1 50  LEU n 
1 51  ARG n 
1 52  LYS n 
1 53  LEU n 
1 54  GLY n 
1 55  VAL n 
1 56  LYS n 
1 57  ASP n 
1 58  SER n 
1 59  LYS n 
1 60  LYS n 
1 61  LEU n 
1 62  SER n 
1 63  GLN n 
1 64  GLY n 
1 65  ARG n 
1 66  ARG n 
1 67  GLU n 
1 68  GLU n 
1 69  LEU n 
1 70  ALA n 
1 71  GLU n 
1 72  GLU n 
1 73  ILE n 
1 74  ARG n 
1 75  LYS n 
1 76  ILE n 
1 77  CYS n 
1 78  ARG n 
1 79  THR n 
1 80  GLU n 
1 81  VAL n 
1 82  LEU n 
1 83  LYS n 
1 84  VAL n 
1 85  SER n 
1 86  PRO n 
1 87  GLU n 
1 88  ASN n 
1 89  LEU n 
1 90  ASP n 
1 91  GLU n 
1 92  ARG n 
1 93  MET n 
1 94  ALA n 
1 95  ALA n 
1 96  LYS n 
1 97  THR n 
1 98  ILE n 
1 99  ASN n 
1 100 GLU n 
1 101 ILE n 
1 102 LEU n 
1 103 LYS n 
1 104 GLU n 
1 105 CYS n 
1 106 TYR n 
1 107 ALA n 
1 108 GLU n 
1 109 ILE n 
1 110 ILE n 
1 111 LEU n 
1 112 ARG n 
1 113 LEU n 
1 114 LYS n 
1 115 PRO n 
1 116 GLU n 
1 117 ILE n 
1 118 ALA n 
1 119 TYR n 
1 120 VAL n 
1 121 ASP n 
1 122 SER n 
1 123 PRO n 
1 124 ASP n 
1 125 VAL n 
1 126 ILE n 
1 127 PRO n 
1 128 GLU n 
1 129 ARG n 
1 130 LEU n 
1 131 SER n 
1 132 ARG n 
1 133 GLU n 
1 134 LEU n 
1 135 GLU n 
1 136 GLU n 
1 137 ILE n 
1 138 THR n 
1 139 GLY n 
1 140 LEU n 
1 141 ARG n 
1 142 VAL n 
1 143 VAL n 
1 144 ALA n 
1 145 GLU n 
1 146 HIS n 
1 147 LYS n 
1 148 ALA n 
1 149 ASP n 
1 150 GLU n 
1 151 LYS n 
1 152 TYR n 
1 153 PRO n 
1 154 LEU n 
1 155 VAL n 
1 156 ALA n 
1 157 ALA n 
1 158 ALA n 
1 159 SER n 
1 160 ILE n 
1 161 ILE n 
1 162 ALA n 
1 163 LYS n 
1 164 VAL n 
1 165 GLU n 
1 166 ARG n 
1 167 GLU n 
1 168 ARG n 
1 169 GLU n 
1 170 ILE n 
1 171 GLU n 
1 172 ARG n 
1 173 LEU n 
1 174 LYS n 
1 175 GLU n 
1 176 LYS n 
1 177 PHE n 
1 178 GLY n 
1 179 ASP n 
1 180 PHE n 
1 181 GLY n 
1 182 SER n 
1 183 GLY n 
1 184 TYR n 
1 185 ALA n 
1 186 SER n 
1 187 ASP n 
1 188 PRO n 
1 189 ARG n 
1 190 THR n 
1 191 ARG n 
1 192 GLU n 
1 193 VAL n 
1 194 LEU n 
1 195 LYS n 
1 196 GLU n 
1 197 TRP n 
1 198 ILE n 
1 199 ALA n 
1 200 SER n 
1 201 GLY n 
1 202 ARG n 
1 203 ILE n 
1 204 PRO n 
1 205 SER n 
1 206 CYS n 
1 207 VAL n 
1 208 ARG n 
1 209 MET n 
1 210 ARG n 
1 211 TRP n 
1 212 LYS n 
1 213 THR n 
1 214 VAL n 
1 215 SER n 
1 216 ASN n 
1 217 LEU n 
1 218 ARG n 
1 219 GLN n 
1 220 LYS n 
1 221 THR n 
1 222 LEU n 
1 223 ASP n 
1 224 ASP n 
1 225 PHE n 
# 
_entity_src_gen.entity_id                          1 
_entity_src_gen.pdbx_src_id                        1 
_entity_src_gen.pdbx_alt_source_flag               sample 
_entity_src_gen.pdbx_seq_type                      ? 
_entity_src_gen.pdbx_beg_seq_num                   ? 
_entity_src_gen.pdbx_end_seq_num                   ? 
_entity_src_gen.gene_src_common_name               ? 
_entity_src_gen.gene_src_genus                     Archaeoglobus 
_entity_src_gen.pdbx_gene_src_gene                 RNHB 
_entity_src_gen.gene_src_species                   ? 
_entity_src_gen.gene_src_strain                    ? 
_entity_src_gen.gene_src_tissue                    ? 
_entity_src_gen.gene_src_tissue_fraction           ? 
_entity_src_gen.gene_src_details                   ? 
_entity_src_gen.pdbx_gene_src_fragment             ? 
_entity_src_gen.pdbx_gene_src_scientific_name      'Archaeoglobus fulgidus' 
_entity_src_gen.pdbx_gene_src_ncbi_taxonomy_id     2234 
_entity_src_gen.pdbx_gene_src_variant              ? 
_entity_src_gen.pdbx_gene_src_cell_line            ? 
_entity_src_gen.pdbx_gene_src_atcc                 ? 
_entity_src_gen.pdbx_gene_src_organ                ? 
_entity_src_gen.pdbx_gene_src_organelle            ? 
_entity_src_gen.pdbx_gene_src_cell                 ? 
_entity_src_gen.pdbx_gene_src_cellular_location    ? 
_entity_src_gen.host_org_common_name               ? 
_entity_src_gen.pdbx_host_org_scientific_name      'Escherichia coli BL21(DE3)' 
_entity_src_gen.pdbx_host_org_ncbi_taxonomy_id     469008 
_entity_src_gen.host_org_genus                     Escherichia 
_entity_src_gen.pdbx_host_org_gene                 ? 
_entity_src_gen.pdbx_host_org_organ                ? 
_entity_src_gen.host_org_species                   'Escherichia coli' 
_entity_src_gen.pdbx_host_org_tissue               ? 
_entity_src_gen.pdbx_host_org_tissue_fraction      ? 
_entity_src_gen.pdbx_host_org_strain               'BL21(DE3)' 
_entity_src_gen.pdbx_host_org_variant              ? 
_entity_src_gen.pdbx_host_org_cell_line            ? 
_entity_src_gen.pdbx_host_org_atcc                 ? 
_entity_src_gen.pdbx_host_org_culture_collection   ? 
_entity_src_gen.pdbx_host_org_cell                 ? 
_entity_src_gen.pdbx_host_org_organelle            ? 
_entity_src_gen.pdbx_host_org_cellular_location    ? 
_entity_src_gen.pdbx_host_org_vector_type          PLASMID 
_entity_src_gen.pdbx_host_org_vector               ? 
_entity_src_gen.host_org_details                   ? 
_entity_src_gen.expression_system_id               ? 
_entity_src_gen.plasmid_name                       PET28B 
_entity_src_gen.plasmid_details                    ? 
_entity_src_gen.pdbx_description                   ? 
# 
loop_
_chem_comp.id 
_chem_comp.type 
_chem_comp.mon_nstd_flag 
_chem_comp.name 
_chem_comp.pdbx_synonyms 
_chem_comp.formula 
_chem_comp.formula_weight 
ALA 'L-peptide linking' y ALANINE                 ? 'C3 H7 N O2'     89.093  
ARG 'L-peptide linking' y ARGININE                ? 'C6 H15 N4 O2 1' 175.209 
ASN 'L-peptide linking' y ASPARAGINE              ? 'C4 H8 N2 O3'    132.118 
ASP 'L-peptide linking' y 'ASPARTIC ACID'         ? 'C4 H7 N O4'     133.103 
CYS 'L-peptide linking' y CYSTEINE                ? 'C3 H7 N O2 S'   121.158 
GLN 'L-peptide linking' y GLUTAMINE               ? 'C5 H10 N2 O3'   146.144 
GLU 'L-peptide linking' y 'GLUTAMIC ACID'         ? 'C5 H9 N O4'     147.129 
GLY 'peptide linking'   y GLYCINE                 ? 'C2 H5 N O2'     75.067  
HIS 'L-peptide linking' y HISTIDINE               ? 'C6 H10 N3 O2 1' 156.162 
HOH non-polymer         . WATER                   ? 'H2 O'           18.015  
ILE 'L-peptide linking' y ISOLEUCINE              ? 'C6 H13 N O2'    131.173 
LEU 'L-peptide linking' y LEUCINE                 ? 'C6 H13 N O2'    131.173 
LYS 'L-peptide linking' y LYSINE                  ? 'C6 H15 N2 O2 1' 147.195 
MET 'L-peptide linking' y METHIONINE              ? 'C5 H11 N O2 S'  149.211 
NCO non-polymer         . 'COBALT HEXAMMINE(III)' ? 'Co H18 N6 3'    161.116 
PHE 'L-peptide linking' y PHENYLALANINE           ? 'C9 H11 N O2'    165.189 
PRO 'L-peptide linking' y PROLINE                 ? 'C5 H9 N O2'     115.130 
SER 'L-peptide linking' y SERINE                  ? 'C3 H7 N O3'     105.093 
THR 'L-peptide linking' y THREONINE               ? 'C4 H9 N O3'     119.119 
TRP 'L-peptide linking' y TRYPTOPHAN              ? 'C11 H12 N2 O2'  204.225 
TYR 'L-peptide linking' y TYROSINE                ? 'C9 H11 N O3'    181.189 
VAL 'L-peptide linking' y VALINE                  ? 'C5 H11 N O2'    117.146 
# 
loop_
_pdbx_poly_seq_scheme.asym_id 
_pdbx_poly_seq_scheme.entity_id 
_pdbx_poly_seq_scheme.seq_id 
_pdbx_poly_seq_scheme.mon_id 
_pdbx_poly_seq_scheme.ndb_seq_num 
_pdbx_poly_seq_scheme.pdb_seq_num 
_pdbx_poly_seq_scheme.auth_seq_num 
_pdbx_poly_seq_scheme.pdb_mon_id 
_pdbx_poly_seq_scheme.auth_mon_id 
_pdbx_poly_seq_scheme.pdb_strand_id 
_pdbx_poly_seq_scheme.pdb_ins_code 
_pdbx_poly_seq_scheme.hetero 
A 1 1   MET 1   -19 ?   ?   ?   A . n 
A 1 2   GLY 2   -18 ?   ?   ?   A . n 
A 1 3   SER 3   -17 ?   ?   ?   A . n 
A 1 4   SER 4   -16 ?   ?   ?   A . n 
A 1 5   HIS 5   -15 ?   ?   ?   A . n 
A 1 6   HIS 6   -14 ?   ?   ?   A . n 
A 1 7   HIS 7   -13 ?   ?   ?   A . n 
A 1 8   HIS 8   -12 ?   ?   ?   A . n 
A 1 9   HIS 9   -11 ?   ?   ?   A . n 
A 1 10  HIS 10  -10 ?   ?   ?   A . n 
A 1 11  SER 11  -9  ?   ?   ?   A . n 
A 1 12  SER 12  -8  ?   ?   ?   A . n 
A 1 13  GLY 13  -7  ?   ?   ?   A . n 
A 1 14  LEU 14  -6  ?   ?   ?   A . n 
A 1 15  VAL 15  -5  ?   ?   ?   A . n 
A 1 16  PRO 16  -4  ?   ?   ?   A . n 
A 1 17  ARG 17  -3  ?   ?   ?   A . n 
A 1 18  GLY 18  -2  ?   ?   ?   A . n 
A 1 19  SER 19  -1  ?   ?   ?   A . n 
A 1 20  HIS 20  0   ?   ?   ?   A . n 
A 1 21  MET 21  1   1   MET MET A . n 
A 1 22  LYS 22  2   2   LYS LYS A . n 
A 1 23  ALA 23  3   3   ALA ALA A . n 
A 1 24  GLY 24  4   4   GLY GLY A . n 
A 1 25  ILE 25  5   5   ILE ILE A . n 
A 1 26  ASP 26  6   6   ASP ASP A . n 
A 1 27  GLU 27  7   7   GLU GLU A . n 
A 1 28  ALA 28  8   8   ALA ALA A . n 
A 1 29  GLY 29  9   9   GLY GLY A . n 
A 1 30  LYS 30  10  10  LYS LYS A . n 
A 1 31  GLY 31  11  11  GLY GLY A . n 
A 1 32  CYS 32  12  12  CYS CYS A . n 
A 1 33  VAL 33  13  13  VAL VAL A . n 
A 1 34  ILE 34  14  14  ILE ILE A . n 
A 1 35  GLY 35  15  15  GLY GLY A . n 
A 1 36  PRO 36  16  16  PRO PRO A . n 
A 1 37  LEU 37  17  17  LEU LEU A . n 
A 1 38  VAL 38  18  18  VAL VAL A . n 
A 1 39  VAL 39  19  19  VAL VAL A . n 
A 1 40  ALA 40  20  20  ALA ALA A . n 
A 1 41  GLY 41  21  21  GLY GLY A . n 
A 1 42  VAL 42  22  22  VAL VAL A . n 
A 1 43  ALA 43  23  23  ALA ALA A . n 
A 1 44  CYS 44  24  24  CYS CYS A . n 
A 1 45  SER 45  25  25  SER SER A . n 
A 1 46  ASP 46  26  26  ASP ASP A . n 
A 1 47  GLU 47  27  27  GLU GLU A . n 
A 1 48  ASP 48  28  28  ASP ASP A . n 
A 1 49  ARG 49  29  29  ARG ARG A . n 
A 1 50  LEU 50  30  30  LEU LEU A . n 
A 1 51  ARG 51  31  31  ARG ARG A . n 
A 1 52  LYS 52  32  32  LYS LYS A . n 
A 1 53  LEU 53  33  33  LEU LEU A . n 
A 1 54  GLY 54  34  34  GLY GLY A . n 
A 1 55  VAL 55  35  35  VAL VAL A . n 
A 1 56  LYS 56  36  36  LYS LYS A . n 
A 1 57  ASP 57  37  37  ASP ASP A . n 
A 1 58  SER 58  38  38  SER SER A . n 
A 1 59  LYS 59  39  39  LYS LYS A . n 
A 1 60  LYS 60  40  40  LYS LYS A . n 
A 1 61  LEU 61  41  41  LEU LEU A . n 
A 1 62  SER 62  42  42  SER SER A . n 
A 1 63  GLN 63  43  43  GLN GLN A . n 
A 1 64  GLY 64  44  44  GLY GLY A . n 
A 1 65  ARG 65  45  45  ARG ARG A . n 
A 1 66  ARG 66  46  46  ARG ARG A . n 
A 1 67  GLU 67  47  47  GLU GLU A . n 
A 1 68  GLU 68  48  48  GLU GLU A . n 
A 1 69  LEU 69  49  49  LEU LEU A . n 
A 1 70  ALA 70  50  50  ALA ALA A . n 
A 1 71  GLU 71  51  51  GLU GLU A . n 
A 1 72  GLU 72  52  52  GLU GLU A . n 
A 1 73  ILE 73  53  53  ILE ILE A . n 
A 1 74  ARG 74  54  54  ARG ARG A . n 
A 1 75  LYS 75  55  55  LYS LYS A . n 
A 1 76  ILE 76  56  56  ILE ILE A . n 
A 1 77  CYS 77  57  57  CYS CYS A . n 
A 1 78  ARG 78  58  58  ARG ARG A . n 
A 1 79  THR 79  59  59  THR THR A . n 
A 1 80  GLU 80  60  60  GLU GLU A . n 
A 1 81  VAL 81  61  61  VAL VAL A . n 
A 1 82  LEU 82  62  62  LEU LEU A . n 
A 1 83  LYS 83  63  63  LYS LYS A . n 
A 1 84  VAL 84  64  64  VAL VAL A . n 
A 1 85  SER 85  65  65  SER SER A . n 
A 1 86  PRO 86  66  66  PRO PRO A . n 
A 1 87  GLU 87  67  67  GLU GLU A . n 
A 1 88  ASN 88  68  68  ASN ASN A . n 
A 1 89  LEU 89  69  69  LEU LEU A . n 
A 1 90  ASP 90  70  70  ASP ASP A . n 
A 1 91  GLU 91  71  71  GLU GLU A . n 
A 1 92  ARG 92  72  72  ARG ARG A . n 
A 1 93  MET 93  73  73  MET MET A . n 
A 1 94  ALA 94  74  74  ALA ALA A . n 
A 1 95  ALA 95  75  75  ALA ALA A . n 
A 1 96  LYS 96  76  76  LYS LYS A . n 
A 1 97  THR 97  77  77  THR THR A . n 
A 1 98  ILE 98  78  78  ILE ILE A . n 
A 1 99  ASN 99  79  79  ASN ASN A . n 
A 1 100 GLU 100 80  80  GLU GLU A . n 
A 1 101 ILE 101 81  81  ILE ILE A . n 
A 1 102 LEU 102 82  82  LEU LEU A . n 
A 1 103 LYS 103 83  83  LYS LYS A . n 
A 1 104 GLU 104 84  84  GLU GLU A . n 
A 1 105 CYS 105 85  85  CYS CYS A . n 
A 1 106 TYR 106 86  86  TYR TYR A . n 
A 1 107 ALA 107 87  87  ALA ALA A . n 
A 1 108 GLU 108 88  88  GLU GLU A . n 
A 1 109 ILE 109 89  89  ILE ILE A . n 
A 1 110 ILE 110 90  90  ILE ILE A . n 
A 1 111 LEU 111 91  91  LEU LEU A . n 
A 1 112 ARG 112 92  92  ARG ARG A . n 
A 1 113 LEU 113 93  93  LEU LEU A . n 
A 1 114 LYS 114 94  94  LYS LYS A . n 
A 1 115 PRO 115 95  95  PRO PRO A . n 
A 1 116 GLU 116 96  96  GLU GLU A . n 
A 1 117 ILE 117 97  97  ILE ILE A . n 
A 1 118 ALA 118 98  98  ALA ALA A . n 
A 1 119 TYR 119 99  99  TYR TYR A . n 
A 1 120 VAL 120 100 100 VAL VAL A . n 
A 1 121 ASP 121 101 101 ASP ASP A . n 
A 1 122 SER 122 102 102 SER SER A . n 
A 1 123 PRO 123 103 103 PRO PRO A . n 
A 1 124 ASP 124 104 104 ASP ASP A . n 
A 1 125 VAL 125 105 105 VAL VAL A . n 
A 1 126 ILE 126 106 106 ILE ILE A . n 
A 1 127 PRO 127 107 107 PRO PRO A . n 
A 1 128 GLU 128 108 108 GLU GLU A . n 
A 1 129 ARG 129 109 109 ARG ARG A . n 
A 1 130 LEU 130 110 110 LEU LEU A . n 
A 1 131 SER 131 111 111 SER SER A . n 
A 1 132 ARG 132 112 112 ARG ARG A . n 
A 1 133 GLU 133 113 113 GLU GLU A . n 
A 1 134 LEU 134 114 114 LEU LEU A . n 
A 1 135 GLU 135 115 115 GLU GLU A . n 
A 1 136 GLU 136 116 116 GLU GLU A . n 
A 1 137 ILE 137 117 117 ILE ILE A . n 
A 1 138 THR 138 118 118 THR THR A . n 
A 1 139 GLY 139 119 119 GLY GLY A . n 
A 1 140 LEU 140 120 120 LEU LEU A . n 
A 1 141 ARG 141 121 121 ARG ARG A . n 
A 1 142 VAL 142 122 122 VAL VAL A . n 
A 1 143 VAL 143 123 123 VAL VAL A . n 
A 1 144 ALA 144 124 124 ALA ALA A . n 
A 1 145 GLU 145 125 125 GLU GLU A . n 
A 1 146 HIS 146 126 126 HIS HIS A . n 
A 1 147 LYS 147 127 127 LYS LYS A . n 
A 1 148 ALA 148 128 128 ALA ALA A . n 
A 1 149 ASP 149 129 129 ASP ASP A . n 
A 1 150 GLU 150 130 130 GLU GLU A . n 
A 1 151 LYS 151 131 131 LYS LYS A . n 
A 1 152 TYR 152 132 132 TYR TYR A . n 
A 1 153 PRO 153 133 133 PRO PRO A . n 
A 1 154 LEU 154 134 134 LEU LEU A . n 
A 1 155 VAL 155 135 135 VAL VAL A . n 
A 1 156 ALA 156 136 136 ALA ALA A . n 
A 1 157 ALA 157 137 137 ALA ALA A . n 
A 1 158 ALA 158 138 138 ALA ALA A . n 
A 1 159 SER 159 139 139 SER SER A . n 
A 1 160 ILE 160 140 140 ILE ILE A . n 
A 1 161 ILE 161 141 141 ILE ILE A . n 
A 1 162 ALA 162 142 142 ALA ALA A . n 
A 1 163 LYS 163 143 143 LYS LYS A . n 
A 1 164 VAL 164 144 144 VAL VAL A . n 
A 1 165 GLU 165 145 145 GLU GLU A . n 
A 1 166 ARG 166 146 146 ARG ARG A . n 
A 1 167 GLU 167 147 147 GLU GLU A . n 
A 1 168 ARG 168 148 148 ARG ARG A . n 
A 1 169 GLU 169 149 149 GLU GLU A . n 
A 1 170 ILE 170 150 150 ILE ILE A . n 
A 1 171 GLU 171 151 151 GLU GLU A . n 
A 1 172 ARG 172 152 152 ARG ARG A . n 
A 1 173 LEU 173 153 153 LEU LEU A . n 
A 1 174 LYS 174 154 154 LYS LYS A . n 
A 1 175 GLU 175 155 155 GLU GLU A . n 
A 1 176 LYS 176 156 156 LYS LYS A . n 
A 1 177 PHE 177 157 157 PHE PHE A . n 
A 1 178 GLY 178 158 158 GLY GLY A . n 
A 1 179 ASP 179 159 159 ASP ASP A . n 
A 1 180 PHE 180 160 160 PHE PHE A . n 
A 1 181 GLY 181 161 161 GLY GLY A . n 
A 1 182 SER 182 162 162 SER SER A . n 
A 1 183 GLY 183 163 163 GLY GLY A . n 
A 1 184 TYR 184 164 164 TYR TYR A . n 
A 1 185 ALA 185 165 165 ALA ALA A . n 
A 1 186 SER 186 166 166 SER SER A . n 
A 1 187 ASP 187 167 167 ASP ASP A . n 
A 1 188 PRO 188 168 168 PRO PRO A . n 
A 1 189 ARG 189 169 169 ARG ARG A . n 
A 1 190 THR 190 170 170 THR THR A . n 
A 1 191 ARG 191 171 171 ARG ARG A . n 
A 1 192 GLU 192 172 172 GLU GLU A . n 
A 1 193 VAL 193 173 173 VAL VAL A . n 
A 1 194 LEU 194 174 174 LEU LEU A . n 
A 1 195 LYS 195 175 175 LYS LYS A . n 
A 1 196 GLU 196 176 176 GLU GLU A . n 
A 1 197 TRP 197 177 177 TRP TRP A . n 
A 1 198 ILE 198 178 178 ILE ILE A . n 
A 1 199 ALA 199 179 179 ALA ALA A . n 
A 1 200 SER 200 180 180 SER SER A . n 
A 1 201 GLY 201 181 181 GLY GLY A . n 
A 1 202 ARG 202 182 182 ARG ARG A . n 
A 1 203 ILE 203 183 183 ILE ILE A . n 
A 1 204 PRO 204 184 184 PRO PRO A . n 
A 1 205 SER 205 185 185 SER SER A . n 
A 1 206 CYS 206 186 186 CYS CYS A . n 
A 1 207 VAL 207 187 187 VAL VAL A . n 
A 1 208 ARG 208 188 188 ARG ARG A . n 
A 1 209 MET 209 189 189 MET MET A . n 
A 1 210 ARG 210 190 190 ARG ARG A . n 
A 1 211 TRP 211 191 191 TRP TRP A . n 
A 1 212 LYS 212 192 192 LYS LYS A . n 
A 1 213 THR 213 193 193 THR THR A . n 
A 1 214 VAL 214 194 194 VAL VAL A . n 
A 1 215 SER 215 195 195 SER SER A . n 
A 1 216 ASN 216 196 196 ASN ASN A . n 
A 1 217 LEU 217 197 197 LEU LEU A . n 
A 1 218 ARG 218 198 198 ARG ARG A . n 
A 1 219 GLN 219 199 199 GLN GLN A . n 
A 1 220 LYS 220 200 200 LYS LYS A . n 
A 1 221 THR 221 201 ?   ?   ?   A . n 
A 1 222 LEU 222 202 ?   ?   ?   A . n 
A 1 223 ASP 223 203 ?   ?   ?   A . n 
A 1 224 ASP 224 204 ?   ?   ?   A . n 
A 1 225 PHE 225 205 ?   ?   ?   A . n 
# 
loop_
_pdbx_nonpoly_scheme.asym_id 
_pdbx_nonpoly_scheme.entity_id 
_pdbx_nonpoly_scheme.mon_id 
_pdbx_nonpoly_scheme.ndb_seq_num 
_pdbx_nonpoly_scheme.pdb_seq_num 
_pdbx_nonpoly_scheme.auth_seq_num 
_pdbx_nonpoly_scheme.pdb_mon_id 
_pdbx_nonpoly_scheme.auth_mon_id 
_pdbx_nonpoly_scheme.pdb_strand_id 
_pdbx_nonpoly_scheme.pdb_ins_code 
B 2 NCO 1   300 300 NCO NCO A . 
C 3 HOH 1   301 1   HOH HOH A . 
C 3 HOH 2   302 2   HOH HOH A . 
C 3 HOH 3   303 3   HOH HOH A . 
C 3 HOH 4   304 4   HOH HOH A . 
C 3 HOH 5   305 5   HOH HOH A . 
C 3 HOH 6   306 6   HOH HOH A . 
C 3 HOH 7   307 7   HOH HOH A . 
C 3 HOH 8   308 8   HOH HOH A . 
C 3 HOH 9   309 9   HOH HOH A . 
C 3 HOH 10  310 10  HOH HOH A . 
C 3 HOH 11  311 11  HOH HOH A . 
C 3 HOH 12  312 12  HOH HOH A . 
C 3 HOH 13  313 13  HOH HOH A . 
C 3 HOH 14  314 14  HOH HOH A . 
C 3 HOH 15  315 15  HOH HOH A . 
C 3 HOH 16  316 16  HOH HOH A . 
C 3 HOH 17  317 17  HOH HOH A . 
C 3 HOH 18  318 18  HOH HOH A . 
C 3 HOH 19  319 19  HOH HOH A . 
C 3 HOH 20  320 20  HOH HOH A . 
C 3 HOH 21  321 21  HOH HOH A . 
C 3 HOH 22  322 22  HOH HOH A . 
C 3 HOH 23  323 23  HOH HOH A . 
C 3 HOH 24  324 24  HOH HOH A . 
C 3 HOH 25  325 25  HOH HOH A . 
C 3 HOH 26  326 26  HOH HOH A . 
C 3 HOH 27  327 27  HOH HOH A . 
C 3 HOH 28  328 28  HOH HOH A . 
C 3 HOH 29  329 29  HOH HOH A . 
C 3 HOH 30  330 30  HOH HOH A . 
C 3 HOH 31  331 31  HOH HOH A . 
C 3 HOH 32  332 32  HOH HOH A . 
C 3 HOH 33  333 33  HOH HOH A . 
C 3 HOH 34  334 34  HOH HOH A . 
C 3 HOH 35  335 35  HOH HOH A . 
C 3 HOH 36  336 36  HOH HOH A . 
C 3 HOH 37  337 37  HOH HOH A . 
C 3 HOH 38  338 38  HOH HOH A . 
C 3 HOH 39  339 39  HOH HOH A . 
C 3 HOH 40  340 40  HOH HOH A . 
C 3 HOH 41  341 41  HOH HOH A . 
C 3 HOH 42  342 42  HOH HOH A . 
C 3 HOH 43  343 43  HOH HOH A . 
C 3 HOH 44  344 44  HOH HOH A . 
C 3 HOH 45  345 45  HOH HOH A . 
C 3 HOH 46  346 46  HOH HOH A . 
C 3 HOH 47  347 47  HOH HOH A . 
C 3 HOH 48  348 48  HOH HOH A . 
C 3 HOH 49  349 49  HOH HOH A . 
C 3 HOH 50  350 50  HOH HOH A . 
C 3 HOH 51  351 51  HOH HOH A . 
C 3 HOH 52  352 52  HOH HOH A . 
C 3 HOH 53  353 53  HOH HOH A . 
C 3 HOH 54  354 54  HOH HOH A . 
C 3 HOH 55  355 55  HOH HOH A . 
C 3 HOH 56  356 56  HOH HOH A . 
C 3 HOH 57  357 57  HOH HOH A . 
C 3 HOH 58  358 58  HOH HOH A . 
C 3 HOH 59  359 59  HOH HOH A . 
C 3 HOH 60  360 60  HOH HOH A . 
C 3 HOH 61  361 61  HOH HOH A . 
C 3 HOH 62  362 62  HOH HOH A . 
C 3 HOH 63  363 63  HOH HOH A . 
C 3 HOH 64  364 64  HOH HOH A . 
C 3 HOH 65  365 65  HOH HOH A . 
C 3 HOH 66  366 66  HOH HOH A . 
C 3 HOH 67  367 67  HOH HOH A . 
C 3 HOH 68  368 68  HOH HOH A . 
C 3 HOH 69  369 69  HOH HOH A . 
C 3 HOH 70  370 70  HOH HOH A . 
C 3 HOH 71  371 71  HOH HOH A . 
C 3 HOH 72  372 72  HOH HOH A . 
C 3 HOH 73  373 73  HOH HOH A . 
C 3 HOH 74  374 74  HOH HOH A . 
C 3 HOH 75  375 75  HOH HOH A . 
C 3 HOH 76  376 76  HOH HOH A . 
C 3 HOH 77  377 77  HOH HOH A . 
C 3 HOH 78  378 78  HOH HOH A . 
C 3 HOH 79  379 79  HOH HOH A . 
C 3 HOH 80  380 80  HOH HOH A . 
C 3 HOH 81  381 81  HOH HOH A . 
C 3 HOH 82  382 82  HOH HOH A . 
C 3 HOH 83  383 83  HOH HOH A . 
C 3 HOH 84  384 84  HOH HOH A . 
C 3 HOH 85  385 85  HOH HOH A . 
C 3 HOH 86  386 86  HOH HOH A . 
C 3 HOH 87  387 87  HOH HOH A . 
C 3 HOH 88  388 88  HOH HOH A . 
C 3 HOH 89  389 89  HOH HOH A . 
C 3 HOH 90  390 90  HOH HOH A . 
C 3 HOH 91  391 91  HOH HOH A . 
C 3 HOH 92  392 92  HOH HOH A . 
C 3 HOH 93  393 93  HOH HOH A . 
C 3 HOH 94  394 94  HOH HOH A . 
C 3 HOH 95  395 95  HOH HOH A . 
C 3 HOH 96  396 96  HOH HOH A . 
C 3 HOH 97  397 97  HOH HOH A . 
C 3 HOH 98  398 98  HOH HOH A . 
C 3 HOH 99  399 99  HOH HOH A . 
C 3 HOH 100 400 100 HOH HOH A . 
C 3 HOH 101 401 101 HOH HOH A . 
C 3 HOH 102 402 102 HOH HOH A . 
C 3 HOH 103 403 103 HOH HOH A . 
C 3 HOH 104 404 104 HOH HOH A . 
C 3 HOH 105 405 105 HOH HOH A . 
C 3 HOH 106 406 106 HOH HOH A . 
C 3 HOH 107 407 107 HOH HOH A . 
C 3 HOH 108 408 108 HOH HOH A . 
C 3 HOH 109 409 109 HOH HOH A . 
C 3 HOH 110 410 110 HOH HOH A . 
C 3 HOH 111 411 111 HOH HOH A . 
C 3 HOH 112 412 112 HOH HOH A . 
C 3 HOH 113 413 113 HOH HOH A . 
C 3 HOH 114 414 114 HOH HOH A . 
C 3 HOH 115 415 115 HOH HOH A . 
C 3 HOH 116 416 116 HOH HOH A . 
C 3 HOH 117 417 117 HOH HOH A . 
C 3 HOH 118 418 118 HOH HOH A . 
C 3 HOH 119 419 119 HOH HOH A . 
# 
loop_
_software.name 
_software.classification 
_software.version 
_software.citation_id 
_software.pdbx_ordinal 
DENZO     'data reduction' .   ? 1 
SCALEPACK 'data scaling'   .   ? 2 
AMoRE     phasing          .   ? 3 
CNS       refinement       0.9 ? 4 
# 
_cell.entry_id           1I3A 
_cell.length_a           74.555 
_cell.length_b           74.555 
_cell.length_c           139.684 
_cell.angle_alpha        90.00 
_cell.angle_beta         90.00 
_cell.angle_gamma        120.00 
_cell.Z_PDB              12 
_cell.pdbx_unique_axis   ? 
# 
_symmetry.entry_id                         1I3A 
_symmetry.space_group_name_H-M             'P 65 2 2' 
_symmetry.pdbx_full_space_group_name_H-M   ? 
_symmetry.cell_setting                     ? 
_symmetry.Int_Tables_number                179 
# 
_exptl.entry_id          1I3A 
_exptl.method            'X-RAY DIFFRACTION' 
_exptl.crystals_number   1 
# 
_exptl_crystal.id                    1 
_exptl_crystal.density_meas          ? 
_exptl_crystal.density_Matthews      2.21 
_exptl_crystal.density_percent_sol   44.24 
_exptl_crystal.description           ? 
# 
_exptl_crystal_grow.crystal_id      1 
_exptl_crystal_grow.method          'VAPOR DIFFUSION, HANGING DROP' 
_exptl_crystal_grow.temp            295 
_exptl_crystal_grow.temp_details    ? 
_exptl_crystal_grow.pH              8.5 
_exptl_crystal_grow.pdbx_details    
;10% MPEG 5000, 10% butanol, 20 mM sodium citrate, 100 mM Tris pH 8.5, (soak: 10mM Co(III)(NH2)6), VAPOR DIFFUSION, HANGING DROP, temperature 295K
;
_exptl_crystal_grow.pdbx_pH_range   ? 
# 
_diffrn.id                     1 
_diffrn.ambient_temp           94 
_diffrn.ambient_temp_details   ? 
_diffrn.crystal_id             1 
# 
_diffrn_detector.diffrn_id              1 
_diffrn_detector.detector               CCD 
_diffrn_detector.type                   'ADSC QUANTUM 4' 
_diffrn_detector.pdbx_collection_date   2000-04-17 
_diffrn_detector.details                ? 
# 
_diffrn_radiation.diffrn_id                        1 
_diffrn_radiation.wavelength_id                    1 
_diffrn_radiation.pdbx_monochromatic_or_laue_m_l   M 
_diffrn_radiation.monochromator                    NULL 
_diffrn_radiation.pdbx_diffrn_protocol             'SINGLE WAVELENGTH' 
_diffrn_radiation.pdbx_scattering_type             x-ray 
# 
_diffrn_radiation_wavelength.id           1 
_diffrn_radiation_wavelength.wavelength   0.863 
_diffrn_radiation_wavelength.wt           1.0 
# 
_diffrn_source.diffrn_id                   1 
_diffrn_source.source                      SYNCHROTRON 
_diffrn_source.type                        'SSRL BEAMLINE BL9-2' 
_diffrn_source.pdbx_synchrotron_site       SSRL 
_diffrn_source.pdbx_synchrotron_beamline   BL9-2 
_diffrn_source.pdbx_wavelength             ? 
_diffrn_source.pdbx_wavelength_list        0.863 
# 
_reflns.entry_id                     1I3A 
_reflns.observed_criterion_sigma_I   0.00 
_reflns.observed_criterion_sigma_F   0.00 
_reflns.d_resolution_low             35.0 
_reflns.d_resolution_high            2.15 
_reflns.number_obs                   13210 
_reflns.number_all                   13210 
_reflns.percent_possible_obs         98.2 
_reflns.pdbx_Rmerge_I_obs            0.079 
_reflns.pdbx_Rsym_value              ? 
_reflns.pdbx_netI_over_sigmaI        14.3 
_reflns.B_iso_Wilson_estimate        14.6 
_reflns.pdbx_redundancy              6.3 
_reflns.R_free_details               ? 
_reflns.limit_h_max                  ? 
_reflns.limit_h_min                  ? 
_reflns.limit_k_max                  ? 
_reflns.limit_k_min                  ? 
_reflns.limit_l_max                  ? 
_reflns.limit_l_min                  ? 
_reflns.observed_criterion_F_max     ? 
_reflns.observed_criterion_F_min     ? 
_reflns.pdbx_diffrn_id               1 
_reflns.pdbx_ordinal                 1 
# 
_reflns_shell.d_res_high             2.15 
_reflns_shell.d_res_low              2.23 
_reflns_shell.percent_possible_all   93.3 
_reflns_shell.Rmerge_I_obs           0.414 
_reflns_shell.pdbx_Rsym_value        ? 
_reflns_shell.meanI_over_sigI_obs    ? 
_reflns_shell.pdbx_redundancy        2.8 
_reflns_shell.percent_possible_obs   ? 
_reflns_shell.number_unique_all      ? 
_reflns_shell.pdbx_diffrn_id         ? 
_reflns_shell.pdbx_ordinal           1 
# 
_refine.entry_id                                 1I3A 
_refine.ls_number_reflns_obs                     12057 
_refine.ls_number_reflns_all                     13141 
_refine.pdbx_ls_sigma_I                          0.0 
_refine.pdbx_ls_sigma_F                          0.0 
_refine.pdbx_data_cutoff_high_absF               ? 
_refine.pdbx_data_cutoff_low_absF                ? 
_refine.ls_d_res_low                             19.75 
_refine.ls_d_res_high                            2.15 
_refine.ls_percent_reflns_obs                    ? 
_refine.ls_R_factor_obs                          0.223 
_refine.ls_R_factor_all                          0.223 
_refine.ls_R_factor_R_work                       0.223 
_refine.ls_R_factor_R_free                       0.272 
_refine.ls_R_factor_R_free_error                 ? 
_refine.ls_R_factor_R_free_error_details         ? 
_refine.ls_percent_reflns_R_free                 5 
_refine.ls_number_reflns_R_free                  630 
_refine.ls_number_parameters                     ? 
_refine.ls_number_restraints                     ? 
_refine.occupancy_min                            ? 
_refine.occupancy_max                            ? 
_refine.B_iso_mean                               ? 
_refine.aniso_B[1][1]                            ? 
_refine.aniso_B[2][2]                            ? 
_refine.aniso_B[3][3]                            ? 
_refine.aniso_B[1][2]                            ? 
_refine.aniso_B[1][3]                            ? 
_refine.aniso_B[2][3]                            ? 
_refine.solvent_model_details                    ? 
_refine.solvent_model_param_ksol                 ? 
_refine.solvent_model_param_bsol                 ? 
_refine.pdbx_ls_cross_valid_method               THROUGHOUT 
_refine.details                                  ? 
_refine.pdbx_starting_model                      'ARNASE HII refined model (rcsb012848)' 
_refine.pdbx_method_to_determine_struct          'MOLECULAR REPLACEMENT' 
_refine.pdbx_isotropic_thermal_model             ? 
_refine.pdbx_stereochemistry_target_values       NULL 
_refine.pdbx_stereochem_target_val_spec_case     ? 
_refine.pdbx_R_Free_selection_details            RANDOM 
_refine.pdbx_overall_ESU_R_Free                  ? 
_refine.overall_SU_B                             ? 
_refine.ls_redundancy_reflns_obs                 ? 
_refine.B_iso_min                                ? 
_refine.B_iso_max                                ? 
_refine.correlation_coeff_Fo_to_Fc               ? 
_refine.correlation_coeff_Fo_to_Fc_free          ? 
_refine.overall_SU_R_Cruickshank_DPI             ? 
_refine.overall_SU_R_free                        ? 
_refine.overall_SU_ML                            ? 
_refine.pdbx_overall_ESU_R                       ? 
_refine.pdbx_data_cutoff_high_rms_absF           ? 
_refine.pdbx_refine_id                           'X-RAY DIFFRACTION' 
_refine.pdbx_diffrn_id                           1 
_refine.pdbx_TLS_residual_ADP_flag               ? 
_refine.pdbx_solvent_vdw_probe_radii             ? 
_refine.pdbx_solvent_ion_probe_radii             ? 
_refine.pdbx_solvent_shrinkage_radii             ? 
_refine.pdbx_overall_phase_error                 ? 
_refine.pdbx_overall_SU_R_free_Cruickshank_DPI   ? 
_refine.pdbx_overall_SU_R_Blow_DPI               ? 
_refine.pdbx_overall_SU_R_free_Blow_DPI          ? 
# 
_refine_hist.pdbx_refine_id                   'X-RAY DIFFRACTION' 
_refine_hist.cycle_id                         LAST 
_refine_hist.pdbx_number_atoms_protein        1581 
_refine_hist.pdbx_number_atoms_nucleic_acid   0 
_refine_hist.pdbx_number_atoms_ligand         7 
_refine_hist.number_atoms_solvent             119 
_refine_hist.number_atoms_total               1707 
_refine_hist.d_res_high                       2.15 
_refine_hist.d_res_low                        19.75 
# 
_struct.entry_id                  1I3A 
_struct.title                     'RNASE HII FROM ARCHAEOGLOBUS FULGIDUS WITH COBALT HEXAMMINE CHLORIDE' 
_struct.pdbx_model_details        ? 
_struct.pdbx_CASP_flag            ? 
_struct.pdbx_model_type_details   ? 
# 
_struct_keywords.entry_id        1I3A 
_struct_keywords.pdbx_keywords   HYDROLASE 
_struct_keywords.text            'mixed beta sheet, helix-loop-helix, HYDROLASE' 
# 
loop_
_struct_asym.id 
_struct_asym.pdbx_blank_PDB_chainid_flag 
_struct_asym.pdbx_modified 
_struct_asym.entity_id 
_struct_asym.details 
A N N 1 ? 
B N N 2 ? 
C N N 3 ? 
# 
_struct_ref.id                         1 
_struct_ref.db_name                    UNP 
_struct_ref.db_code                    RNH2_ARCFU 
_struct_ref.entity_id                  1 
_struct_ref.pdbx_seq_one_letter_code   
;MKAGIDEAGKGCVIGPLVVAGVACSDEDRLRKLGVKDSKKLSQGRREELAEEIRKICRTEVLKVSPENLDERMAAKTINE
ILKECYAEIILRLKPEIAYVDSPDVIPERLSRELEEITGLRVVAEHKADEKYPLVAAASIIAKVEREREIERLKEKFGDF
GSGYASDPRTREVLKEWIASGRIPSCVRMRWKTVSNLRQKTLDDF
;
_struct_ref.pdbx_align_begin           1 
_struct_ref.pdbx_db_accession          O29634 
_struct_ref.pdbx_db_isoform            ? 
# 
_struct_ref_seq.align_id                      1 
_struct_ref_seq.ref_id                        1 
_struct_ref_seq.pdbx_PDB_id_code              1I3A 
_struct_ref_seq.pdbx_strand_id                A 
_struct_ref_seq.seq_align_beg                 21 
_struct_ref_seq.pdbx_seq_align_beg_ins_code   ? 
_struct_ref_seq.seq_align_end                 225 
_struct_ref_seq.pdbx_seq_align_end_ins_code   ? 
_struct_ref_seq.pdbx_db_accession             O29634 
_struct_ref_seq.db_align_beg                  1 
_struct_ref_seq.pdbx_db_align_beg_ins_code    ? 
_struct_ref_seq.db_align_end                  205 
_struct_ref_seq.pdbx_db_align_end_ins_code    ? 
_struct_ref_seq.pdbx_auth_seq_align_beg       1 
_struct_ref_seq.pdbx_auth_seq_align_end       205 
# 
loop_
_struct_ref_seq_dif.align_id 
_struct_ref_seq_dif.pdbx_pdb_id_code 
_struct_ref_seq_dif.mon_id 
_struct_ref_seq_dif.pdbx_pdb_strand_id 
_struct_ref_seq_dif.seq_num 
_struct_ref_seq_dif.pdbx_pdb_ins_code 
_struct_ref_seq_dif.pdbx_seq_db_name 
_struct_ref_seq_dif.pdbx_seq_db_accession_code 
_struct_ref_seq_dif.db_mon_id 
_struct_ref_seq_dif.pdbx_seq_db_seq_num 
_struct_ref_seq_dif.details 
_struct_ref_seq_dif.pdbx_auth_seq_num 
_struct_ref_seq_dif.pdbx_ordinal 
1 1I3A MET A 1  ? UNP O29634 ? ? 'cloning artifact' -19 1  
1 1I3A GLY A 2  ? UNP O29634 ? ? 'cloning artifact' -18 2  
1 1I3A SER A 3  ? UNP O29634 ? ? 'cloning artifact' -17 3  
1 1I3A SER A 4  ? UNP O29634 ? ? 'cloning artifact' -16 4  
1 1I3A HIS A 5  ? UNP O29634 ? ? 'cloning artifact' -15 5  
1 1I3A HIS A 6  ? UNP O29634 ? ? 'cloning artifact' -14 6  
1 1I3A HIS A 7  ? UNP O29634 ? ? 'cloning artifact' -13 7  
1 1I3A HIS A 8  ? UNP O29634 ? ? 'cloning artifact' -12 8  
1 1I3A HIS A 9  ? UNP O29634 ? ? 'cloning artifact' -11 9  
1 1I3A HIS A 10 ? UNP O29634 ? ? 'cloning artifact' -10 10 
1 1I3A SER A 11 ? UNP O29634 ? ? 'cloning artifact' -9  11 
1 1I3A SER A 12 ? UNP O29634 ? ? 'cloning artifact' -8  12 
1 1I3A GLY A 13 ? UNP O29634 ? ? 'cloning artifact' -7  13 
1 1I3A LEU A 14 ? UNP O29634 ? ? 'cloning artifact' -6  14 
1 1I3A VAL A 15 ? UNP O29634 ? ? 'cloning artifact' -5  15 
1 1I3A PRO A 16 ? UNP O29634 ? ? 'cloning artifact' -4  16 
1 1I3A ARG A 17 ? UNP O29634 ? ? 'cloning artifact' -3  17 
1 1I3A GLY A 18 ? UNP O29634 ? ? 'cloning artifact' -2  18 
1 1I3A SER A 19 ? UNP O29634 ? ? 'cloning artifact' -1  19 
1 1I3A HIS A 20 ? UNP O29634 ? ? 'cloning artifact' 0   20 
# 
_pdbx_struct_assembly.id                   1 
_pdbx_struct_assembly.details              author_defined_assembly 
_pdbx_struct_assembly.method_details       ? 
_pdbx_struct_assembly.oligomeric_details   monomeric 
_pdbx_struct_assembly.oligomeric_count     1 
# 
_pdbx_struct_assembly_gen.assembly_id       1 
_pdbx_struct_assembly_gen.oper_expression   1 
_pdbx_struct_assembly_gen.asym_id_list      A,B,C 
# 
_pdbx_struct_oper_list.id                   1 
_pdbx_struct_oper_list.type                 'identity operation' 
_pdbx_struct_oper_list.name                 1_555 
_pdbx_struct_oper_list.symmetry_operation   x,y,z 
_pdbx_struct_oper_list.matrix[1][1]         1.0000000000 
_pdbx_struct_oper_list.matrix[1][2]         0.0000000000 
_pdbx_struct_oper_list.matrix[1][3]         0.0000000000 
_pdbx_struct_oper_list.vector[1]            0.0000000000 
_pdbx_struct_oper_list.matrix[2][1]         0.0000000000 
_pdbx_struct_oper_list.matrix[2][2]         1.0000000000 
_pdbx_struct_oper_list.matrix[2][3]         0.0000000000 
_pdbx_struct_oper_list.vector[2]            0.0000000000 
_pdbx_struct_oper_list.matrix[3][1]         0.0000000000 
_pdbx_struct_oper_list.matrix[3][2]         0.0000000000 
_pdbx_struct_oper_list.matrix[3][3]         1.0000000000 
_pdbx_struct_oper_list.vector[3]            0.0000000000 
# 
_struct_biol.id                    1 
_struct_biol.details               'The biologically relevent molecule is a monomer in the asymmetric unit' 
_struct_biol.pdbx_parent_biol_id   ? 
# 
loop_
_struct_conf.conf_type_id 
_struct_conf.id 
_struct_conf.pdbx_PDB_helix_id 
_struct_conf.beg_label_comp_id 
_struct_conf.beg_label_asym_id 
_struct_conf.beg_label_seq_id 
_struct_conf.pdbx_beg_PDB_ins_code 
_struct_conf.end_label_comp_id 
_struct_conf.end_label_asym_id 
_struct_conf.end_label_seq_id 
_struct_conf.pdbx_end_PDB_ins_code 
_struct_conf.beg_auth_comp_id 
_struct_conf.beg_auth_asym_id 
_struct_conf.beg_auth_seq_id 
_struct_conf.end_auth_comp_id 
_struct_conf.end_auth_asym_id 
_struct_conf.end_auth_seq_id 
_struct_conf.pdbx_PDB_helix_class 
_struct_conf.details 
_struct_conf.pdbx_PDB_helix_length 
HELX_P HELX_P1  1  ASP A 46  ? LEU A 53  ? ASP A 26  LEU A 33  1 ? 8  
HELX_P HELX_P2  2  GLY A 54  ? LEU A 61  ? GLY A 34  LEU A 41  5 ? 8  
HELX_P HELX_P3  3  SER A 62  ? CYS A 77  ? SER A 42  CYS A 57  1 ? 16 
HELX_P HELX_P4  4  SER A 85  ? MET A 93  ? SER A 65  MET A 73  1 ? 9  
HELX_P HELX_P5  5  THR A 97  ? LYS A 114 ? THR A 77  LYS A 94  1 ? 18 
HELX_P HELX_P6  6  PRO A 127 ? GLY A 139 ? PRO A 107 GLY A 119 1 ? 13 
HELX_P HELX_P7  7  LYS A 147 ? LYS A 151 ? LYS A 127 LYS A 131 5 ? 5  
HELX_P HELX_P8  8  TYR A 152 ? GLY A 178 ? TYR A 132 GLY A 158 1 ? 27 
HELX_P HELX_P9  9  ASP A 187 ? SER A 200 ? ASP A 167 SER A 180 1 ? 14 
HELX_P HELX_P10 10 TRP A 211 ? LYS A 220 ? TRP A 191 LYS A 200 1 ? 10 
# 
_struct_conf_type.id          HELX_P 
_struct_conf_type.criteria    ? 
_struct_conf_type.reference   ? 
# 
_struct_conn.id                            disulf1 
_struct_conn.conn_type_id                  disulf 
_struct_conn.pdbx_leaving_atom_flag        ? 
_struct_conn.pdbx_PDB_id                   ? 
_struct_conn.ptnr1_label_asym_id           A 
_struct_conn.ptnr1_label_comp_id           CYS 
_struct_conn.ptnr1_label_seq_id            44 
_struct_conn.ptnr1_label_atom_id           SG 
_struct_conn.pdbx_ptnr1_label_alt_id       ? 
_struct_conn.pdbx_ptnr1_PDB_ins_code       ? 
_struct_conn.pdbx_ptnr1_standard_comp_id   ? 
_struct_conn.ptnr1_symmetry                1_555 
_struct_conn.ptnr2_label_asym_id           A 
_struct_conn.ptnr2_label_comp_id           CYS 
_struct_conn.ptnr2_label_seq_id            77 
_struct_conn.ptnr2_label_atom_id           SG 
_struct_conn.pdbx_ptnr2_label_alt_id       ? 
_struct_conn.pdbx_ptnr2_PDB_ins_code       ? 
_struct_conn.ptnr1_auth_asym_id            A 
_struct_conn.ptnr1_auth_comp_id            CYS 
_struct_conn.ptnr1_auth_seq_id             24 
_struct_conn.ptnr2_auth_asym_id            A 
_struct_conn.ptnr2_auth_comp_id            CYS 
_struct_conn.ptnr2_auth_seq_id             57 
_struct_conn.ptnr2_symmetry                1_555 
_struct_conn.pdbx_ptnr3_label_atom_id      ? 
_struct_conn.pdbx_ptnr3_label_seq_id       ? 
_struct_conn.pdbx_ptnr3_label_comp_id      ? 
_struct_conn.pdbx_ptnr3_label_asym_id      ? 
_struct_conn.pdbx_ptnr3_label_alt_id       ? 
_struct_conn.pdbx_ptnr3_PDB_ins_code       ? 
_struct_conn.details                       ? 
_struct_conn.pdbx_dist_value               2.032 
_struct_conn.pdbx_value_order              ? 
_struct_conn.pdbx_role                     ? 
# 
_struct_conn_type.id          disulf 
_struct_conn_type.criteria    ? 
_struct_conn_type.reference   ? 
# 
_pdbx_modification_feature.ordinal                            1 
_pdbx_modification_feature.label_comp_id                      CYS 
_pdbx_modification_feature.label_asym_id                      A 
_pdbx_modification_feature.label_seq_id                       44 
_pdbx_modification_feature.label_alt_id                       ? 
_pdbx_modification_feature.modified_residue_label_comp_id     CYS 
_pdbx_modification_feature.modified_residue_label_asym_id     A 
_pdbx_modification_feature.modified_residue_label_seq_id      77 
_pdbx_modification_feature.modified_residue_label_alt_id      ? 
_pdbx_modification_feature.auth_comp_id                       CYS 
_pdbx_modification_feature.auth_asym_id                       A 
_pdbx_modification_feature.auth_seq_id                        24 
_pdbx_modification_feature.PDB_ins_code                       ? 
_pdbx_modification_feature.symmetry                           1_555 
_pdbx_modification_feature.modified_residue_auth_comp_id      CYS 
_pdbx_modification_feature.modified_residue_auth_asym_id      A 
_pdbx_modification_feature.modified_residue_auth_seq_id       57 
_pdbx_modification_feature.modified_residue_PDB_ins_code      ? 
_pdbx_modification_feature.modified_residue_symmetry          1_555 
_pdbx_modification_feature.comp_id_linking_atom               SG 
_pdbx_modification_feature.modified_residue_id_linking_atom   SG 
_pdbx_modification_feature.modified_residue_id                . 
_pdbx_modification_feature.ref_pcm_id                         . 
_pdbx_modification_feature.ref_comp_id                        . 
_pdbx_modification_feature.type                               None 
_pdbx_modification_feature.category                           'Disulfide bridge' 
# 
_struct_sheet.id               A 
_struct_sheet.type             ? 
_struct_sheet.number_strands   5 
_struct_sheet.details          ? 
# 
loop_
_struct_sheet_order.sheet_id 
_struct_sheet_order.range_id_1 
_struct_sheet_order.range_id_2 
_struct_sheet_order.offset 
_struct_sheet_order.sense 
A 1 2 ? anti-parallel 
A 2 3 ? anti-parallel 
A 3 4 ? parallel      
A 4 5 ? parallel      
# 
loop_
_struct_sheet_range.sheet_id 
_struct_sheet_range.id 
_struct_sheet_range.beg_label_comp_id 
_struct_sheet_range.beg_label_asym_id 
_struct_sheet_range.beg_label_seq_id 
_struct_sheet_range.pdbx_beg_PDB_ins_code 
_struct_sheet_range.end_label_comp_id 
_struct_sheet_range.end_label_asym_id 
_struct_sheet_range.end_label_seq_id 
_struct_sheet_range.pdbx_end_PDB_ins_code 
_struct_sheet_range.beg_auth_comp_id 
_struct_sheet_range.beg_auth_asym_id 
_struct_sheet_range.beg_auth_seq_id 
_struct_sheet_range.end_auth_comp_id 
_struct_sheet_range.end_auth_asym_id 
_struct_sheet_range.end_auth_seq_id 
A 1 ARG A 78  ? VAL A 84  ? ARG A 58  VAL A 64  
A 2 LEU A 37  ? CYS A 44  ? LEU A 17  CYS A 24  
A 3 LYS A 22  ? ALA A 28  ? LYS A 2   ALA A 8   
A 4 ILE A 117 ? ASP A 121 ? ILE A 97  ASP A 101 
A 5 ARG A 141 ? GLU A 145 ? ARG A 121 GLU A 125 
# 
loop_
_pdbx_struct_sheet_hbond.sheet_id 
_pdbx_struct_sheet_hbond.range_id_1 
_pdbx_struct_sheet_hbond.range_id_2 
_pdbx_struct_sheet_hbond.range_1_label_atom_id 
_pdbx_struct_sheet_hbond.range_1_label_comp_id 
_pdbx_struct_sheet_hbond.range_1_label_asym_id 
_pdbx_struct_sheet_hbond.range_1_label_seq_id 
_pdbx_struct_sheet_hbond.range_1_PDB_ins_code 
_pdbx_struct_sheet_hbond.range_1_auth_atom_id 
_pdbx_struct_sheet_hbond.range_1_auth_comp_id 
_pdbx_struct_sheet_hbond.range_1_auth_asym_id 
_pdbx_struct_sheet_hbond.range_1_auth_seq_id 
_pdbx_struct_sheet_hbond.range_2_label_atom_id 
_pdbx_struct_sheet_hbond.range_2_label_comp_id 
_pdbx_struct_sheet_hbond.range_2_label_asym_id 
_pdbx_struct_sheet_hbond.range_2_label_seq_id 
_pdbx_struct_sheet_hbond.range_2_PDB_ins_code 
_pdbx_struct_sheet_hbond.range_2_auth_atom_id 
_pdbx_struct_sheet_hbond.range_2_auth_comp_id 
_pdbx_struct_sheet_hbond.range_2_auth_asym_id 
_pdbx_struct_sheet_hbond.range_2_auth_seq_id 
A 1 2 N VAL A 84  ? N VAL A 64 O LEU A 37  ? O LEU A 17  
A 2 3 N CYS A 44  ? N CYS A 24 O LYS A 22  ? O LYS A 2   
A 3 4 N ALA A 23  ? N ALA A 3  O ILE A 117 ? O ILE A 97  
A 4 5 N ALA A 118 ? N ALA A 98 O ARG A 141 ? O ARG A 121 
# 
_struct_site.id                   AC1 
_struct_site.pdbx_evidence_code   Software 
_struct_site.pdbx_auth_asym_id    A 
_struct_site.pdbx_auth_comp_id    NCO 
_struct_site.pdbx_auth_seq_id     300 
_struct_site.pdbx_auth_ins_code   ? 
_struct_site.pdbx_num_residues    7 
_struct_site.details              'BINDING SITE FOR RESIDUE NCO A 300' 
# 
loop_
_struct_site_gen.id 
_struct_site_gen.site_id 
_struct_site_gen.pdbx_num_res 
_struct_site_gen.label_comp_id 
_struct_site_gen.label_asym_id 
_struct_site_gen.label_seq_id 
_struct_site_gen.pdbx_auth_ins_code 
_struct_site_gen.auth_comp_id 
_struct_site_gen.auth_asym_id 
_struct_site_gen.auth_seq_id 
_struct_site_gen.label_atom_id 
_struct_site_gen.label_alt_id 
_struct_site_gen.symmetry 
_struct_site_gen.details 
1 AC1 7 ASP A 26  ? ASP A 6   . ? 1_555 ? 
2 AC1 7 GLU A 27  ? GLU A 7   . ? 1_555 ? 
3 AC1 7 ASP A 121 ? ASP A 101 . ? 1_555 ? 
4 AC1 7 ASP A 149 ? ASP A 129 . ? 1_555 ? 
5 AC1 7 SER A 159 ? SER A 139 . ? 1_555 ? 
6 AC1 7 HOH C .   ? HOH A 400 . ? 1_555 ? 
7 AC1 7 HOH C .   ? HOH A 418 . ? 1_555 ? 
# 
_pdbx_entry_details.entry_id                   1I3A 
_pdbx_entry_details.compound_details           ? 
_pdbx_entry_details.source_details             ? 
_pdbx_entry_details.nonpolymer_details         ? 
_pdbx_entry_details.sequence_details           ? 
_pdbx_entry_details.has_ligand_of_interest     ? 
_pdbx_entry_details.has_protein_modification   Y 
# 
loop_
_pdbx_validate_symm_contact.id 
_pdbx_validate_symm_contact.PDB_model_num 
_pdbx_validate_symm_contact.auth_atom_id_1 
_pdbx_validate_symm_contact.auth_asym_id_1 
_pdbx_validate_symm_contact.auth_comp_id_1 
_pdbx_validate_symm_contact.auth_seq_id_1 
_pdbx_validate_symm_contact.PDB_ins_code_1 
_pdbx_validate_symm_contact.label_alt_id_1 
_pdbx_validate_symm_contact.site_symmetry_1 
_pdbx_validate_symm_contact.auth_atom_id_2 
_pdbx_validate_symm_contact.auth_asym_id_2 
_pdbx_validate_symm_contact.auth_comp_id_2 
_pdbx_validate_symm_contact.auth_seq_id_2 
_pdbx_validate_symm_contact.PDB_ins_code_2 
_pdbx_validate_symm_contact.label_alt_id_2 
_pdbx_validate_symm_contact.site_symmetry_2 
_pdbx_validate_symm_contact.dist 
1 1 O A HOH 386 ? ? 1_555 O A HOH 386 ? ? 10_665 2.12 
2 1 O A HOH 348 ? ? 1_555 O A HOH 348 ? ? 11_555 2.17 
# 
_pdbx_validate_rmsd_angle.id                         1 
_pdbx_validate_rmsd_angle.PDB_model_num              1 
_pdbx_validate_rmsd_angle.auth_atom_id_1             C 
_pdbx_validate_rmsd_angle.auth_asym_id_1             A 
_pdbx_validate_rmsd_angle.auth_comp_id_1             ILE 
_pdbx_validate_rmsd_angle.auth_seq_id_1              106 
_pdbx_validate_rmsd_angle.PDB_ins_code_1             ? 
_pdbx_validate_rmsd_angle.label_alt_id_1             ? 
_pdbx_validate_rmsd_angle.auth_atom_id_2             N 
_pdbx_validate_rmsd_angle.auth_asym_id_2             A 
_pdbx_validate_rmsd_angle.auth_comp_id_2             PRO 
_pdbx_validate_rmsd_angle.auth_seq_id_2              107 
_pdbx_validate_rmsd_angle.PDB_ins_code_2             ? 
_pdbx_validate_rmsd_angle.label_alt_id_2             ? 
_pdbx_validate_rmsd_angle.auth_atom_id_3             CA 
_pdbx_validate_rmsd_angle.auth_asym_id_3             A 
_pdbx_validate_rmsd_angle.auth_comp_id_3             PRO 
_pdbx_validate_rmsd_angle.auth_seq_id_3              107 
_pdbx_validate_rmsd_angle.PDB_ins_code_3             ? 
_pdbx_validate_rmsd_angle.label_alt_id_3             ? 
_pdbx_validate_rmsd_angle.angle_value                128.71 
_pdbx_validate_rmsd_angle.angle_target_value         119.30 
_pdbx_validate_rmsd_angle.angle_deviation            9.41 
_pdbx_validate_rmsd_angle.angle_standard_deviation   1.50 
_pdbx_validate_rmsd_angle.linker_flag                Y 
# 
_pdbx_validate_torsion.id              1 
_pdbx_validate_torsion.PDB_model_num   1 
_pdbx_validate_torsion.auth_comp_id    ASP 
_pdbx_validate_torsion.auth_asym_id    A 
_pdbx_validate_torsion.auth_seq_id     167 
_pdbx_validate_torsion.PDB_ins_code    ? 
_pdbx_validate_torsion.label_alt_id    ? 
_pdbx_validate_torsion.phi             -37.60 
_pdbx_validate_torsion.psi             113.42 
# 
_pdbx_struct_special_symmetry.id              1 
_pdbx_struct_special_symmetry.PDB_model_num   1 
_pdbx_struct_special_symmetry.auth_asym_id    A 
_pdbx_struct_special_symmetry.auth_comp_id    HOH 
_pdbx_struct_special_symmetry.auth_seq_id     351 
_pdbx_struct_special_symmetry.PDB_ins_code    ? 
_pdbx_struct_special_symmetry.label_asym_id   C 
_pdbx_struct_special_symmetry.label_comp_id   HOH 
_pdbx_struct_special_symmetry.label_seq_id    . 
# 
loop_
_pdbx_unobs_or_zero_occ_residues.id 
_pdbx_unobs_or_zero_occ_residues.PDB_model_num 
_pdbx_unobs_or_zero_occ_residues.polymer_flag 
_pdbx_unobs_or_zero_occ_residues.occupancy_flag 
_pdbx_unobs_or_zero_occ_residues.auth_asym_id 
_pdbx_unobs_or_zero_occ_residues.auth_comp_id 
_pdbx_unobs_or_zero_occ_residues.auth_seq_id 
_pdbx_unobs_or_zero_occ_residues.PDB_ins_code 
_pdbx_unobs_or_zero_occ_residues.label_asym_id 
_pdbx_unobs_or_zero_occ_residues.label_comp_id 
_pdbx_unobs_or_zero_occ_residues.label_seq_id 
1  1 Y 1 A MET -19 ? A MET 1   
2  1 Y 1 A GLY -18 ? A GLY 2   
3  1 Y 1 A SER -17 ? A SER 3   
4  1 Y 1 A SER -16 ? A SER 4   
5  1 Y 1 A HIS -15 ? A HIS 5   
6  1 Y 1 A HIS -14 ? A HIS 6   
7  1 Y 1 A HIS -13 ? A HIS 7   
8  1 Y 1 A HIS -12 ? A HIS 8   
9  1 Y 1 A HIS -11 ? A HIS 9   
10 1 Y 1 A HIS -10 ? A HIS 10  
11 1 Y 1 A SER -9  ? A SER 11  
12 1 Y 1 A SER -8  ? A SER 12  
13 1 Y 1 A GLY -7  ? A GLY 13  
14 1 Y 1 A LEU -6  ? A LEU 14  
15 1 Y 1 A VAL -5  ? A VAL 15  
16 1 Y 1 A PRO -4  ? A PRO 16  
17 1 Y 1 A ARG -3  ? A ARG 17  
18 1 Y 1 A GLY -2  ? A GLY 18  
19 1 Y 1 A SER -1  ? A SER 19  
20 1 Y 1 A HIS 0   ? A HIS 20  
21 1 Y 1 A THR 201 ? A THR 221 
22 1 Y 1 A LEU 202 ? A LEU 222 
23 1 Y 1 A ASP 203 ? A ASP 223 
24 1 Y 1 A ASP 204 ? A ASP 224 
25 1 Y 1 A PHE 205 ? A PHE 225 
# 
loop_
_chem_comp_atom.comp_id 
_chem_comp_atom.atom_id 
_chem_comp_atom.type_symbol 
_chem_comp_atom.pdbx_aromatic_flag 
_chem_comp_atom.pdbx_stereo_config 
_chem_comp_atom.pdbx_ordinal 
ALA N    N  N N 1   
ALA CA   C  N S 2   
ALA C    C  N N 3   
ALA O    O  N N 4   
ALA CB   C  N N 5   
ALA OXT  O  N N 6   
ALA H    H  N N 7   
ALA H2   H  N N 8   
ALA HA   H  N N 9   
ALA HB1  H  N N 10  
ALA HB2  H  N N 11  
ALA HB3  H  N N 12  
ALA HXT  H  N N 13  
ARG N    N  N N 14  
ARG CA   C  N S 15  
ARG C    C  N N 16  
ARG O    O  N N 17  
ARG CB   C  N N 18  
ARG CG   C  N N 19  
ARG CD   C  N N 20  
ARG NE   N  N N 21  
ARG CZ   C  N N 22  
ARG NH1  N  N N 23  
ARG NH2  N  N N 24  
ARG OXT  O  N N 25  
ARG H    H  N N 26  
ARG H2   H  N N 27  
ARG HA   H  N N 28  
ARG HB2  H  N N 29  
ARG HB3  H  N N 30  
ARG HG2  H  N N 31  
ARG HG3  H  N N 32  
ARG HD2  H  N N 33  
ARG HD3  H  N N 34  
ARG HE   H  N N 35  
ARG HH11 H  N N 36  
ARG HH12 H  N N 37  
ARG HH21 H  N N 38  
ARG HH22 H  N N 39  
ARG HXT  H  N N 40  
ASN N    N  N N 41  
ASN CA   C  N S 42  
ASN C    C  N N 43  
ASN O    O  N N 44  
ASN CB   C  N N 45  
ASN CG   C  N N 46  
ASN OD1  O  N N 47  
ASN ND2  N  N N 48  
ASN OXT  O  N N 49  
ASN H    H  N N 50  
ASN H2   H  N N 51  
ASN HA   H  N N 52  
ASN HB2  H  N N 53  
ASN HB3  H  N N 54  
ASN HD21 H  N N 55  
ASN HD22 H  N N 56  
ASN HXT  H  N N 57  
ASP N    N  N N 58  
ASP CA   C  N S 59  
ASP C    C  N N 60  
ASP O    O  N N 61  
ASP CB   C  N N 62  
ASP CG   C  N N 63  
ASP OD1  O  N N 64  
ASP OD2  O  N N 65  
ASP OXT  O  N N 66  
ASP H    H  N N 67  
ASP H2   H  N N 68  
ASP HA   H  N N 69  
ASP HB2  H  N N 70  
ASP HB3  H  N N 71  
ASP HD2  H  N N 72  
ASP HXT  H  N N 73  
CYS N    N  N N 74  
CYS CA   C  N R 75  
CYS C    C  N N 76  
CYS O    O  N N 77  
CYS CB   C  N N 78  
CYS SG   S  N N 79  
CYS OXT  O  N N 80  
CYS H    H  N N 81  
CYS H2   H  N N 82  
CYS HA   H  N N 83  
CYS HB2  H  N N 84  
CYS HB3  H  N N 85  
CYS HG   H  N N 86  
CYS HXT  H  N N 87  
GLN N    N  N N 88  
GLN CA   C  N S 89  
GLN C    C  N N 90  
GLN O    O  N N 91  
GLN CB   C  N N 92  
GLN CG   C  N N 93  
GLN CD   C  N N 94  
GLN OE1  O  N N 95  
GLN NE2  N  N N 96  
GLN OXT  O  N N 97  
GLN H    H  N N 98  
GLN H2   H  N N 99  
GLN HA   H  N N 100 
GLN HB2  H  N N 101 
GLN HB3  H  N N 102 
GLN HG2  H  N N 103 
GLN HG3  H  N N 104 
GLN HE21 H  N N 105 
GLN HE22 H  N N 106 
GLN HXT  H  N N 107 
GLU N    N  N N 108 
GLU CA   C  N S 109 
GLU C    C  N N 110 
GLU O    O  N N 111 
GLU CB   C  N N 112 
GLU CG   C  N N 113 
GLU CD   C  N N 114 
GLU OE1  O  N N 115 
GLU OE2  O  N N 116 
GLU OXT  O  N N 117 
GLU H    H  N N 118 
GLU H2   H  N N 119 
GLU HA   H  N N 120 
GLU HB2  H  N N 121 
GLU HB3  H  N N 122 
GLU HG2  H  N N 123 
GLU HG3  H  N N 124 
GLU HE2  H  N N 125 
GLU HXT  H  N N 126 
GLY N    N  N N 127 
GLY CA   C  N N 128 
GLY C    C  N N 129 
GLY O    O  N N 130 
GLY OXT  O  N N 131 
GLY H    H  N N 132 
GLY H2   H  N N 133 
GLY HA2  H  N N 134 
GLY HA3  H  N N 135 
GLY HXT  H  N N 136 
HIS N    N  N N 137 
HIS CA   C  N S 138 
HIS C    C  N N 139 
HIS O    O  N N 140 
HIS CB   C  N N 141 
HIS CG   C  Y N 142 
HIS ND1  N  Y N 143 
HIS CD2  C  Y N 144 
HIS CE1  C  Y N 145 
HIS NE2  N  Y N 146 
HIS OXT  O  N N 147 
HIS H    H  N N 148 
HIS H2   H  N N 149 
HIS HA   H  N N 150 
HIS HB2  H  N N 151 
HIS HB3  H  N N 152 
HIS HD1  H  N N 153 
HIS HD2  H  N N 154 
HIS HE1  H  N N 155 
HIS HE2  H  N N 156 
HIS HXT  H  N N 157 
HOH O    O  N N 158 
HOH H1   H  N N 159 
HOH H2   H  N N 160 
ILE N    N  N N 161 
ILE CA   C  N S 162 
ILE C    C  N N 163 
ILE O    O  N N 164 
ILE CB   C  N S 165 
ILE CG1  C  N N 166 
ILE CG2  C  N N 167 
ILE CD1  C  N N 168 
ILE OXT  O  N N 169 
ILE H    H  N N 170 
ILE H2   H  N N 171 
ILE HA   H  N N 172 
ILE HB   H  N N 173 
ILE HG12 H  N N 174 
ILE HG13 H  N N 175 
ILE HG21 H  N N 176 
ILE HG22 H  N N 177 
ILE HG23 H  N N 178 
ILE HD11 H  N N 179 
ILE HD12 H  N N 180 
ILE HD13 H  N N 181 
ILE HXT  H  N N 182 
LEU N    N  N N 183 
LEU CA   C  N S 184 
LEU C    C  N N 185 
LEU O    O  N N 186 
LEU CB   C  N N 187 
LEU CG   C  N N 188 
LEU CD1  C  N N 189 
LEU CD2  C  N N 190 
LEU OXT  O  N N 191 
LEU H    H  N N 192 
LEU H2   H  N N 193 
LEU HA   H  N N 194 
LEU HB2  H  N N 195 
LEU HB3  H  N N 196 
LEU HG   H  N N 197 
LEU HD11 H  N N 198 
LEU HD12 H  N N 199 
LEU HD13 H  N N 200 
LEU HD21 H  N N 201 
LEU HD22 H  N N 202 
LEU HD23 H  N N 203 
LEU HXT  H  N N 204 
LYS N    N  N N 205 
LYS CA   C  N S 206 
LYS C    C  N N 207 
LYS O    O  N N 208 
LYS CB   C  N N 209 
LYS CG   C  N N 210 
LYS CD   C  N N 211 
LYS CE   C  N N 212 
LYS NZ   N  N N 213 
LYS OXT  O  N N 214 
LYS H    H  N N 215 
LYS H2   H  N N 216 
LYS HA   H  N N 217 
LYS HB2  H  N N 218 
LYS HB3  H  N N 219 
LYS HG2  H  N N 220 
LYS HG3  H  N N 221 
LYS HD2  H  N N 222 
LYS HD3  H  N N 223 
LYS HE2  H  N N 224 
LYS HE3  H  N N 225 
LYS HZ1  H  N N 226 
LYS HZ2  H  N N 227 
LYS HZ3  H  N N 228 
LYS HXT  H  N N 229 
MET N    N  N N 230 
MET CA   C  N S 231 
MET C    C  N N 232 
MET O    O  N N 233 
MET CB   C  N N 234 
MET CG   C  N N 235 
MET SD   S  N N 236 
MET CE   C  N N 237 
MET OXT  O  N N 238 
MET H    H  N N 239 
MET H2   H  N N 240 
MET HA   H  N N 241 
MET HB2  H  N N 242 
MET HB3  H  N N 243 
MET HG2  H  N N 244 
MET HG3  H  N N 245 
MET HE1  H  N N 246 
MET HE2  H  N N 247 
MET HE3  H  N N 248 
MET HXT  H  N N 249 
NCO CO   CO N N 250 
NCO N1   N  N N 251 
NCO N2   N  N N 252 
NCO N3   N  N N 253 
NCO N4   N  N N 254 
NCO N5   N  N N 255 
NCO N6   N  N N 256 
NCO HN11 H  N N 257 
NCO HN12 H  N N 258 
NCO HN13 H  N N 259 
NCO HN21 H  N N 260 
NCO HN22 H  N N 261 
NCO HN23 H  N N 262 
NCO HN31 H  N N 263 
NCO HN32 H  N N 264 
NCO HN33 H  N N 265 
NCO HN41 H  N N 266 
NCO HN42 H  N N 267 
NCO HN43 H  N N 268 
NCO HN51 H  N N 269 
NCO HN52 H  N N 270 
NCO HN53 H  N N 271 
NCO HN61 H  N N 272 
NCO HN62 H  N N 273 
NCO HN63 H  N N 274 
PHE N    N  N N 275 
PHE CA   C  N S 276 
PHE C    C  N N 277 
PHE O    O  N N 278 
PHE CB   C  N N 279 
PHE CG   C  Y N 280 
PHE CD1  C  Y N 281 
PHE CD2  C  Y N 282 
PHE CE1  C  Y N 283 
PHE CE2  C  Y N 284 
PHE CZ   C  Y N 285 
PHE OXT  O  N N 286 
PHE H    H  N N 287 
PHE H2   H  N N 288 
PHE HA   H  N N 289 
PHE HB2  H  N N 290 
PHE HB3  H  N N 291 
PHE HD1  H  N N 292 
PHE HD2  H  N N 293 
PHE HE1  H  N N 294 
PHE HE2  H  N N 295 
PHE HZ   H  N N 296 
PHE HXT  H  N N 297 
PRO N    N  N N 298 
PRO CA   C  N S 299 
PRO C    C  N N 300 
PRO O    O  N N 301 
PRO CB   C  N N 302 
PRO CG   C  N N 303 
PRO CD   C  N N 304 
PRO OXT  O  N N 305 
PRO H    H  N N 306 
PRO HA   H  N N 307 
PRO HB2  H  N N 308 
PRO HB3  H  N N 309 
PRO HG2  H  N N 310 
PRO HG3  H  N N 311 
PRO HD2  H  N N 312 
PRO HD3  H  N N 313 
PRO HXT  H  N N 314 
SER N    N  N N 315 
SER CA   C  N S 316 
SER C    C  N N 317 
SER O    O  N N 318 
SER CB   C  N N 319 
SER OG   O  N N 320 
SER OXT  O  N N 321 
SER H    H  N N 322 
SER H2   H  N N 323 
SER HA   H  N N 324 
SER HB2  H  N N 325 
SER HB3  H  N N 326 
SER HG   H  N N 327 
SER HXT  H  N N 328 
THR N    N  N N 329 
THR CA   C  N S 330 
THR C    C  N N 331 
THR O    O  N N 332 
THR CB   C  N R 333 
THR OG1  O  N N 334 
THR CG2  C  N N 335 
THR OXT  O  N N 336 
THR H    H  N N 337 
THR H2   H  N N 338 
THR HA   H  N N 339 
THR HB   H  N N 340 
THR HG1  H  N N 341 
THR HG21 H  N N 342 
THR HG22 H  N N 343 
THR HG23 H  N N 344 
THR HXT  H  N N 345 
TRP N    N  N N 346 
TRP CA   C  N S 347 
TRP C    C  N N 348 
TRP O    O  N N 349 
TRP CB   C  N N 350 
TRP CG   C  Y N 351 
TRP CD1  C  Y N 352 
TRP CD2  C  Y N 353 
TRP NE1  N  Y N 354 
TRP CE2  C  Y N 355 
TRP CE3  C  Y N 356 
TRP CZ2  C  Y N 357 
TRP CZ3  C  Y N 358 
TRP CH2  C  Y N 359 
TRP OXT  O  N N 360 
TRP H    H  N N 361 
TRP H2   H  N N 362 
TRP HA   H  N N 363 
TRP HB2  H  N N 364 
TRP HB3  H  N N 365 
TRP HD1  H  N N 366 
TRP HE1  H  N N 367 
TRP HE3  H  N N 368 
TRP HZ2  H  N N 369 
TRP HZ3  H  N N 370 
TRP HH2  H  N N 371 
TRP HXT  H  N N 372 
TYR N    N  N N 373 
TYR CA   C  N S 374 
TYR C    C  N N 375 
TYR O    O  N N 376 
TYR CB   C  N N 377 
TYR CG   C  Y N 378 
TYR CD1  C  Y N 379 
TYR CD2  C  Y N 380 
TYR CE1  C  Y N 381 
TYR CE2  C  Y N 382 
TYR CZ   C  Y N 383 
TYR OH   O  N N 384 
TYR OXT  O  N N 385 
TYR H    H  N N 386 
TYR H2   H  N N 387 
TYR HA   H  N N 388 
TYR HB2  H  N N 389 
TYR HB3  H  N N 390 
TYR HD1  H  N N 391 
TYR HD2  H  N N 392 
TYR HE1  H  N N 393 
TYR HE2  H  N N 394 
TYR HH   H  N N 395 
TYR HXT  H  N N 396 
VAL N    N  N N 397 
VAL CA   C  N S 398 
VAL C    C  N N 399 
VAL O    O  N N 400 
VAL CB   C  N N 401 
VAL CG1  C  N N 402 
VAL CG2  C  N N 403 
VAL OXT  O  N N 404 
VAL H    H  N N 405 
VAL H2   H  N N 406 
VAL HA   H  N N 407 
VAL HB   H  N N 408 
VAL HG11 H  N N 409 
VAL HG12 H  N N 410 
VAL HG13 H  N N 411 
VAL HG21 H  N N 412 
VAL HG22 H  N N 413 
VAL HG23 H  N N 414 
VAL HXT  H  N N 415 
# 
loop_
_chem_comp_bond.comp_id 
_chem_comp_bond.atom_id_1 
_chem_comp_bond.atom_id_2 
_chem_comp_bond.value_order 
_chem_comp_bond.pdbx_aromatic_flag 
_chem_comp_bond.pdbx_stereo_config 
_chem_comp_bond.pdbx_ordinal 
ALA N   CA   sing N N 1   
ALA N   H    sing N N 2   
ALA N   H2   sing N N 3   
ALA CA  C    sing N N 4   
ALA CA  CB   sing N N 5   
ALA CA  HA   sing N N 6   
ALA C   O    doub N N 7   
ALA C   OXT  sing N N 8   
ALA CB  HB1  sing N N 9   
ALA CB  HB2  sing N N 10  
ALA CB  HB3  sing N N 11  
ALA OXT HXT  sing N N 12  
ARG N   CA   sing N N 13  
ARG N   H    sing N N 14  
ARG N   H2   sing N N 15  
ARG CA  C    sing N N 16  
ARG CA  CB   sing N N 17  
ARG CA  HA   sing N N 18  
ARG C   O    doub N N 19  
ARG C   OXT  sing N N 20  
ARG CB  CG   sing N N 21  
ARG CB  HB2  sing N N 22  
ARG CB  HB3  sing N N 23  
ARG CG  CD   sing N N 24  
ARG CG  HG2  sing N N 25  
ARG CG  HG3  sing N N 26  
ARG CD  NE   sing N N 27  
ARG CD  HD2  sing N N 28  
ARG CD  HD3  sing N N 29  
ARG NE  CZ   sing N N 30  
ARG NE  HE   sing N N 31  
ARG CZ  NH1  sing N N 32  
ARG CZ  NH2  doub N N 33  
ARG NH1 HH11 sing N N 34  
ARG NH1 HH12 sing N N 35  
ARG NH2 HH21 sing N N 36  
ARG NH2 HH22 sing N N 37  
ARG OXT HXT  sing N N 38  
ASN N   CA   sing N N 39  
ASN N   H    sing N N 40  
ASN N   H2   sing N N 41  
ASN CA  C    sing N N 42  
ASN CA  CB   sing N N 43  
ASN CA  HA   sing N N 44  
ASN C   O    doub N N 45  
ASN C   OXT  sing N N 46  
ASN CB  CG   sing N N 47  
ASN CB  HB2  sing N N 48  
ASN CB  HB3  sing N N 49  
ASN CG  OD1  doub N N 50  
ASN CG  ND2  sing N N 51  
ASN ND2 HD21 sing N N 52  
ASN ND2 HD22 sing N N 53  
ASN OXT HXT  sing N N 54  
ASP N   CA   sing N N 55  
ASP N   H    sing N N 56  
ASP N   H2   sing N N 57  
ASP CA  C    sing N N 58  
ASP CA  CB   sing N N 59  
ASP CA  HA   sing N N 60  
ASP C   O    doub N N 61  
ASP C   OXT  sing N N 62  
ASP CB  CG   sing N N 63  
ASP CB  HB2  sing N N 64  
ASP CB  HB3  sing N N 65  
ASP CG  OD1  doub N N 66  
ASP CG  OD2  sing N N 67  
ASP OD2 HD2  sing N N 68  
ASP OXT HXT  sing N N 69  
CYS N   CA   sing N N 70  
CYS N   H    sing N N 71  
CYS N   H2   sing N N 72  
CYS CA  C    sing N N 73  
CYS CA  CB   sing N N 74  
CYS CA  HA   sing N N 75  
CYS C   O    doub N N 76  
CYS C   OXT  sing N N 77  
CYS CB  SG   sing N N 78  
CYS CB  HB2  sing N N 79  
CYS CB  HB3  sing N N 80  
CYS SG  HG   sing N N 81  
CYS OXT HXT  sing N N 82  
GLN N   CA   sing N N 83  
GLN N   H    sing N N 84  
GLN N   H2   sing N N 85  
GLN CA  C    sing N N 86  
GLN CA  CB   sing N N 87  
GLN CA  HA   sing N N 88  
GLN C   O    doub N N 89  
GLN C   OXT  sing N N 90  
GLN CB  CG   sing N N 91  
GLN CB  HB2  sing N N 92  
GLN CB  HB3  sing N N 93  
GLN CG  CD   sing N N 94  
GLN CG  HG2  sing N N 95  
GLN CG  HG3  sing N N 96  
GLN CD  OE1  doub N N 97  
GLN CD  NE2  sing N N 98  
GLN NE2 HE21 sing N N 99  
GLN NE2 HE22 sing N N 100 
GLN OXT HXT  sing N N 101 
GLU N   CA   sing N N 102 
GLU N   H    sing N N 103 
GLU N   H2   sing N N 104 
GLU CA  C    sing N N 105 
GLU CA  CB   sing N N 106 
GLU CA  HA   sing N N 107 
GLU C   O    doub N N 108 
GLU C   OXT  sing N N 109 
GLU CB  CG   sing N N 110 
GLU CB  HB2  sing N N 111 
GLU CB  HB3  sing N N 112 
GLU CG  CD   sing N N 113 
GLU CG  HG2  sing N N 114 
GLU CG  HG3  sing N N 115 
GLU CD  OE1  doub N N 116 
GLU CD  OE2  sing N N 117 
GLU OE2 HE2  sing N N 118 
GLU OXT HXT  sing N N 119 
GLY N   CA   sing N N 120 
GLY N   H    sing N N 121 
GLY N   H2   sing N N 122 
GLY CA  C    sing N N 123 
GLY CA  HA2  sing N N 124 
GLY CA  HA3  sing N N 125 
GLY C   O    doub N N 126 
GLY C   OXT  sing N N 127 
GLY OXT HXT  sing N N 128 
HIS N   CA   sing N N 129 
HIS N   H    sing N N 130 
HIS N   H2   sing N N 131 
HIS CA  C    sing N N 132 
HIS CA  CB   sing N N 133 
HIS CA  HA   sing N N 134 
HIS C   O    doub N N 135 
HIS C   OXT  sing N N 136 
HIS CB  CG   sing N N 137 
HIS CB  HB2  sing N N 138 
HIS CB  HB3  sing N N 139 
HIS CG  ND1  sing Y N 140 
HIS CG  CD2  doub Y N 141 
HIS ND1 CE1  doub Y N 142 
HIS ND1 HD1  sing N N 143 
HIS CD2 NE2  sing Y N 144 
HIS CD2 HD2  sing N N 145 
HIS CE1 NE2  sing Y N 146 
HIS CE1 HE1  sing N N 147 
HIS NE2 HE2  sing N N 148 
HIS OXT HXT  sing N N 149 
HOH O   H1   sing N N 150 
HOH O   H2   sing N N 151 
ILE N   CA   sing N N 152 
ILE N   H    sing N N 153 
ILE N   H2   sing N N 154 
ILE CA  C    sing N N 155 
ILE CA  CB   sing N N 156 
ILE CA  HA   sing N N 157 
ILE C   O    doub N N 158 
ILE C   OXT  sing N N 159 
ILE CB  CG1  sing N N 160 
ILE CB  CG2  sing N N 161 
ILE CB  HB   sing N N 162 
ILE CG1 CD1  sing N N 163 
ILE CG1 HG12 sing N N 164 
ILE CG1 HG13 sing N N 165 
ILE CG2 HG21 sing N N 166 
ILE CG2 HG22 sing N N 167 
ILE CG2 HG23 sing N N 168 
ILE CD1 HD11 sing N N 169 
ILE CD1 HD12 sing N N 170 
ILE CD1 HD13 sing N N 171 
ILE OXT HXT  sing N N 172 
LEU N   CA   sing N N 173 
LEU N   H    sing N N 174 
LEU N   H2   sing N N 175 
LEU CA  C    sing N N 176 
LEU CA  CB   sing N N 177 
LEU CA  HA   sing N N 178 
LEU C   O    doub N N 179 
LEU C   OXT  sing N N 180 
LEU CB  CG   sing N N 181 
LEU CB  HB2  sing N N 182 
LEU CB  HB3  sing N N 183 
LEU CG  CD1  sing N N 184 
LEU CG  CD2  sing N N 185 
LEU CG  HG   sing N N 186 
LEU CD1 HD11 sing N N 187 
LEU CD1 HD12 sing N N 188 
LEU CD1 HD13 sing N N 189 
LEU CD2 HD21 sing N N 190 
LEU CD2 HD22 sing N N 191 
LEU CD2 HD23 sing N N 192 
LEU OXT HXT  sing N N 193 
LYS N   CA   sing N N 194 
LYS N   H    sing N N 195 
LYS N   H2   sing N N 196 
LYS CA  C    sing N N 197 
LYS CA  CB   sing N N 198 
LYS CA  HA   sing N N 199 
LYS C   O    doub N N 200 
LYS C   OXT  sing N N 201 
LYS CB  CG   sing N N 202 
LYS CB  HB2  sing N N 203 
LYS CB  HB3  sing N N 204 
LYS CG  CD   sing N N 205 
LYS CG  HG2  sing N N 206 
LYS CG  HG3  sing N N 207 
LYS CD  CE   sing N N 208 
LYS CD  HD2  sing N N 209 
LYS CD  HD3  sing N N 210 
LYS CE  NZ   sing N N 211 
LYS CE  HE2  sing N N 212 
LYS CE  HE3  sing N N 213 
LYS NZ  HZ1  sing N N 214 
LYS NZ  HZ2  sing N N 215 
LYS NZ  HZ3  sing N N 216 
LYS OXT HXT  sing N N 217 
MET N   CA   sing N N 218 
MET N   H    sing N N 219 
MET N   H2   sing N N 220 
MET CA  C    sing N N 221 
MET CA  CB   sing N N 222 
MET CA  HA   sing N N 223 
MET C   O    doub N N 224 
MET C   OXT  sing N N 225 
MET CB  CG   sing N N 226 
MET CB  HB2  sing N N 227 
MET CB  HB3  sing N N 228 
MET CG  SD   sing N N 229 
MET CG  HG2  sing N N 230 
MET CG  HG3  sing N N 231 
MET SD  CE   sing N N 232 
MET CE  HE1  sing N N 233 
MET CE  HE2  sing N N 234 
MET CE  HE3  sing N N 235 
MET OXT HXT  sing N N 236 
NCO CO  N1   sing N N 237 
NCO CO  N2   sing N N 238 
NCO CO  N3   sing N N 239 
NCO CO  N4   sing N N 240 
NCO CO  N5   sing N N 241 
NCO CO  N6   sing N N 242 
NCO N1  HN11 sing N N 243 
NCO N1  HN12 sing N N 244 
NCO N1  HN13 sing N N 245 
NCO N2  HN21 sing N N 246 
NCO N2  HN22 sing N N 247 
NCO N2  HN23 sing N N 248 
NCO N3  HN31 sing N N 249 
NCO N3  HN32 sing N N 250 
NCO N3  HN33 sing N N 251 
NCO N4  HN41 sing N N 252 
NCO N4  HN42 sing N N 253 
NCO N4  HN43 sing N N 254 
NCO N5  HN51 sing N N 255 
NCO N5  HN52 sing N N 256 
NCO N5  HN53 sing N N 257 
NCO N6  HN61 sing N N 258 
NCO N6  HN62 sing N N 259 
NCO N6  HN63 sing N N 260 
PHE N   CA   sing N N 261 
PHE N   H    sing N N 262 
PHE N   H2   sing N N 263 
PHE CA  C    sing N N 264 
PHE CA  CB   sing N N 265 
PHE CA  HA   sing N N 266 
PHE C   O    doub N N 267 
PHE C   OXT  sing N N 268 
PHE CB  CG   sing N N 269 
PHE CB  HB2  sing N N 270 
PHE CB  HB3  sing N N 271 
PHE CG  CD1  doub Y N 272 
PHE CG  CD2  sing Y N 273 
PHE CD1 CE1  sing Y N 274 
PHE CD1 HD1  sing N N 275 
PHE CD2 CE2  doub Y N 276 
PHE CD2 HD2  sing N N 277 
PHE CE1 CZ   doub Y N 278 
PHE CE1 HE1  sing N N 279 
PHE CE2 CZ   sing Y N 280 
PHE CE2 HE2  sing N N 281 
PHE CZ  HZ   sing N N 282 
PHE OXT HXT  sing N N 283 
PRO N   CA   sing N N 284 
PRO N   CD   sing N N 285 
PRO N   H    sing N N 286 
PRO CA  C    sing N N 287 
PRO CA  CB   sing N N 288 
PRO CA  HA   sing N N 289 
PRO C   O    doub N N 290 
PRO C   OXT  sing N N 291 
PRO CB  CG   sing N N 292 
PRO CB  HB2  sing N N 293 
PRO CB  HB3  sing N N 294 
PRO CG  CD   sing N N 295 
PRO CG  HG2  sing N N 296 
PRO CG  HG3  sing N N 297 
PRO CD  HD2  sing N N 298 
PRO CD  HD3  sing N N 299 
PRO OXT HXT  sing N N 300 
SER N   CA   sing N N 301 
SER N   H    sing N N 302 
SER N   H2   sing N N 303 
SER CA  C    sing N N 304 
SER CA  CB   sing N N 305 
SER CA  HA   sing N N 306 
SER C   O    doub N N 307 
SER C   OXT  sing N N 308 
SER CB  OG   sing N N 309 
SER CB  HB2  sing N N 310 
SER CB  HB3  sing N N 311 
SER OG  HG   sing N N 312 
SER OXT HXT  sing N N 313 
THR N   CA   sing N N 314 
THR N   H    sing N N 315 
THR N   H2   sing N N 316 
THR CA  C    sing N N 317 
THR CA  CB   sing N N 318 
THR CA  HA   sing N N 319 
THR C   O    doub N N 320 
THR C   OXT  sing N N 321 
THR CB  OG1  sing N N 322 
THR CB  CG2  sing N N 323 
THR CB  HB   sing N N 324 
THR OG1 HG1  sing N N 325 
THR CG2 HG21 sing N N 326 
THR CG2 HG22 sing N N 327 
THR CG2 HG23 sing N N 328 
THR OXT HXT  sing N N 329 
TRP N   CA   sing N N 330 
TRP N   H    sing N N 331 
TRP N   H2   sing N N 332 
TRP CA  C    sing N N 333 
TRP CA  CB   sing N N 334 
TRP CA  HA   sing N N 335 
TRP C   O    doub N N 336 
TRP C   OXT  sing N N 337 
TRP CB  CG   sing N N 338 
TRP CB  HB2  sing N N 339 
TRP CB  HB3  sing N N 340 
TRP CG  CD1  doub Y N 341 
TRP CG  CD2  sing Y N 342 
TRP CD1 NE1  sing Y N 343 
TRP CD1 HD1  sing N N 344 
TRP CD2 CE2  doub Y N 345 
TRP CD2 CE3  sing Y N 346 
TRP NE1 CE2  sing Y N 347 
TRP NE1 HE1  sing N N 348 
TRP CE2 CZ2  sing Y N 349 
TRP CE3 CZ3  doub Y N 350 
TRP CE3 HE3  sing N N 351 
TRP CZ2 CH2  doub Y N 352 
TRP CZ2 HZ2  sing N N 353 
TRP CZ3 CH2  sing Y N 354 
TRP CZ3 HZ3  sing N N 355 
TRP CH2 HH2  sing N N 356 
TRP OXT HXT  sing N N 357 
TYR N   CA   sing N N 358 
TYR N   H    sing N N 359 
TYR N   H2   sing N N 360 
TYR CA  C    sing N N 361 
TYR CA  CB   sing N N 362 
TYR CA  HA   sing N N 363 
TYR C   O    doub N N 364 
TYR C   OXT  sing N N 365 
TYR CB  CG   sing N N 366 
TYR CB  HB2  sing N N 367 
TYR CB  HB3  sing N N 368 
TYR CG  CD1  doub Y N 369 
TYR CG  CD2  sing Y N 370 
TYR CD1 CE1  sing Y N 371 
TYR CD1 HD1  sing N N 372 
TYR CD2 CE2  doub Y N 373 
TYR CD2 HD2  sing N N 374 
TYR CE1 CZ   doub Y N 375 
TYR CE1 HE1  sing N N 376 
TYR CE2 CZ   sing Y N 377 
TYR CE2 HE2  sing N N 378 
TYR CZ  OH   sing N N 379 
TYR OH  HH   sing N N 380 
TYR OXT HXT  sing N N 381 
VAL N   CA   sing N N 382 
VAL N   H    sing N N 383 
VAL N   H2   sing N N 384 
VAL CA  C    sing N N 385 
VAL CA  CB   sing N N 386 
VAL CA  HA   sing N N 387 
VAL C   O    doub N N 388 
VAL C   OXT  sing N N 389 
VAL CB  CG1  sing N N 390 
VAL CB  CG2  sing N N 391 
VAL CB  HB   sing N N 392 
VAL CG1 HG11 sing N N 393 
VAL CG1 HG12 sing N N 394 
VAL CG1 HG13 sing N N 395 
VAL CG2 HG21 sing N N 396 
VAL CG2 HG22 sing N N 397 
VAL CG2 HG23 sing N N 398 
VAL OXT HXT  sing N N 399 
# 
_pdbx_initial_refinement_model.accession_code   ? 
_pdbx_initial_refinement_model.id               1 
_pdbx_initial_refinement_model.entity_id_list   ? 
_pdbx_initial_refinement_model.type             'experimental model' 
_pdbx_initial_refinement_model.source_name      Other 
_pdbx_initial_refinement_model.details          'ARNASE HII refined model (rcsb012848)' 
# 
_atom_sites.entry_id                    1I3A 
_atom_sites.fract_transf_matrix[1][1]   0.00906376 
_atom_sites.fract_transf_matrix[1][2]   0.01027641 
_atom_sites.fract_transf_matrix[1][3]   0.00721954 
_atom_sites.fract_transf_matrix[2][1]   -0.00606359 
_atom_sites.fract_transf_matrix[2][2]   0.01313617 
_atom_sites.fract_transf_matrix[2][3]   0.00552740 
_atom_sites.fract_transf_matrix[3][1]   -0.00131074 
_atom_sites.fract_transf_matrix[3][2]   -0.00323506 
_atom_sites.fract_transf_matrix[3][3]   0.00625041 
_atom_sites.fract_transf_vector[1]      0.530694 
_atom_sites.fract_transf_vector[2]      0.540365 
_atom_sites.fract_transf_vector[3]      0.181142 
# 
loop_
_atom_type.symbol 
C  
CO 
N  
O  
S  
# 
loop_
_atom_site.group_PDB 
_atom_site.id 
_atom_site.type_symbol 
_atom_site.label_atom_id 
_atom_site.label_alt_id 
_atom_site.label_comp_id 
_atom_site.label_asym_id 
_atom_site.label_entity_id 
_atom_site.label_seq_id 
_atom_site.pdbx_PDB_ins_code 
_atom_site.Cartn_x 
_atom_site.Cartn_y 
_atom_site.Cartn_z 
_atom_site.occupancy 
_atom_site.B_iso_or_equiv 
_atom_site.pdbx_formal_charge 
_atom_site.auth_seq_id 
_atom_site.auth_comp_id 
_atom_site.auth_asym_id 
_atom_site.auth_atom_id 
_atom_site.pdbx_PDB_model_num 
ATOM   1    N  N   . MET A 1 21  ? 9.817   14.771  14.626  1.00 46.84 ? 1   MET A N   1 
ATOM   2    C  CA  . MET A 1 21  ? 10.451  14.421  13.319  1.00 46.52 ? 1   MET A CA  1 
ATOM   3    C  C   . MET A 1 21  ? 9.462   14.627  12.176  1.00 45.11 ? 1   MET A C   1 
ATOM   4    O  O   . MET A 1 21  ? 8.364   15.157  12.359  1.00 45.98 ? 1   MET A O   1 
ATOM   5    C  CB  . MET A 1 21  ? 10.881  12.949  13.296  1.00 47.75 ? 1   MET A CB  1 
ATOM   6    C  CG  . MET A 1 21  ? 11.704  12.474  14.484  1.00 49.44 ? 1   MET A CG  1 
ATOM   7    S  SD  . MET A 1 21  ? 12.101  10.701  14.350  1.00 51.31 ? 1   MET A SD  1 
ATOM   8    C  CE  . MET A 1 21  ? 10.527  9.949   14.811  1.00 48.81 ? 1   MET A CE  1 
ATOM   9    N  N   . LYS A 1 22  ? 9.876   14.190  10.993  1.00 42.43 ? 2   LYS A N   1 
ATOM   10   C  CA  . LYS A 1 22  ? 9.050   14.263  9.798   1.00 39.14 ? 2   LYS A CA  1 
ATOM   11   C  C   . LYS A 1 22  ? 8.727   12.816  9.423   1.00 35.94 ? 2   LYS A C   1 
ATOM   12   O  O   . LYS A 1 22  ? 9.469   11.890  9.779   1.00 34.12 ? 2   LYS A O   1 
ATOM   13   C  CB  . LYS A 1 22  ? 9.815   14.947  8.670   1.00 40.89 ? 2   LYS A CB  1 
ATOM   14   C  CG  . LYS A 1 22  ? 10.108  16.417  8.937   1.00 44.48 ? 2   LYS A CG  1 
ATOM   15   C  CD  . LYS A 1 22  ? 11.214  16.939  8.026   1.00 45.80 ? 2   LYS A CD  1 
ATOM   16   C  CE  . LYS A 1 22  ? 10.868  16.747  6.562   1.00 47.22 ? 2   LYS A CE  1 
ATOM   17   N  NZ  . LYS A 1 22  ? 12.053  16.979  5.691   1.00 48.53 ? 2   LYS A NZ  1 
ATOM   18   N  N   . ALA A 1 23  ? 7.624   12.614  8.717   1.00 32.19 ? 3   ALA A N   1 
ATOM   19   C  CA  . ALA A 1 23  ? 7.235   11.265  8.341   1.00 30.02 ? 3   ALA A CA  1 
ATOM   20   C  C   . ALA A 1 23  ? 6.786   11.156  6.892   1.00 28.14 ? 3   ALA A C   1 
ATOM   21   O  O   . ALA A 1 23  ? 6.335   12.132  6.292   1.00 27.55 ? 3   ALA A O   1 
ATOM   22   C  CB  . ALA A 1 23  ? 6.125   10.770  9.274   1.00 30.46 ? 3   ALA A CB  1 
ATOM   23   N  N   . GLY A 1 24  ? 6.938   9.954   6.342   1.00 26.64 ? 4   GLY A N   1 
ATOM   24   C  CA  . GLY A 1 24  ? 6.525   9.679   4.982   1.00 24.82 ? 4   GLY A CA  1 
ATOM   25   C  C   . GLY A 1 24  ? 5.533   8.537   5.062   1.00 24.16 ? 4   GLY A C   1 
ATOM   26   O  O   . GLY A 1 24  ? 5.745   7.592   5.823   1.00 26.41 ? 4   GLY A O   1 
ATOM   27   N  N   . ILE A 1 25  ? 4.436   8.625   4.317   1.00 23.30 ? 5   ILE A N   1 
ATOM   28   C  CA  . ILE A 1 25  ? 3.429   7.571   4.321   1.00 21.84 ? 5   ILE A CA  1 
ATOM   29   C  C   . ILE A 1 25  ? 3.054   7.228   2.884   1.00 21.29 ? 5   ILE A C   1 
ATOM   30   O  O   . ILE A 1 25  ? 2.962   8.109   2.034   1.00 21.38 ? 5   ILE A O   1 
ATOM   31   C  CB  . ILE A 1 25  ? 2.128   7.987   5.066   1.00 22.50 ? 5   ILE A CB  1 
ATOM   32   C  CG1 . ILE A 1 25  ? 2.437   8.536   6.464   1.00 21.21 ? 5   ILE A CG1 1 
ATOM   33   C  CG2 . ILE A 1 25  ? 1.231   6.777   5.222   1.00 22.45 ? 5   ILE A CG2 1 
ATOM   34   C  CD1 . ILE A 1 25  ? 2.845   9.970   6.481   1.00 23.20 ? 5   ILE A CD1 1 
ATOM   35   N  N   . ASP A 1 26  ? 2.835   5.944   2.618   1.00 20.33 ? 6   ASP A N   1 
ATOM   36   C  CA  . ASP A 1 26  ? 2.476   5.499   1.279   1.00 18.45 ? 6   ASP A CA  1 
ATOM   37   C  C   . ASP A 1 26  ? 1.747   4.157   1.387   1.00 18.20 ? 6   ASP A C   1 
ATOM   38   O  O   . ASP A 1 26  ? 1.433   3.703   2.485   1.00 17.37 ? 6   ASP A O   1 
ATOM   39   C  CB  . ASP A 1 26  ? 3.736   5.340   0.423   1.00 17.53 ? 6   ASP A CB  1 
ATOM   40   C  CG  . ASP A 1 26  ? 3.450   5.436   -1.069  1.00 18.26 ? 6   ASP A CG  1 
ATOM   41   O  OD1 . ASP A 1 26  ? 2.338   5.075   -1.497  1.00 20.25 ? 6   ASP A OD1 1 
ATOM   42   O  OD2 . ASP A 1 26  ? 4.347   5.858   -1.821  1.00 17.11 ? 6   ASP A OD2 1 
ATOM   43   N  N   . GLU A 1 27  ? 1.490   3.518   0.251   1.00 17.30 ? 7   GLU A N   1 
ATOM   44   C  CA  . GLU A 1 27  ? 0.791   2.242   0.260   1.00 18.75 ? 7   GLU A CA  1 
ATOM   45   C  C   . GLU A 1 27  ? 1.220   1.339   -0.885  1.00 18.84 ? 7   GLU A C   1 
ATOM   46   O  O   . GLU A 1 27  ? 1.915   1.764   -1.812  1.00 19.42 ? 7   GLU A O   1 
ATOM   47   C  CB  . GLU A 1 27  ? -0.728  2.469   0.169   1.00 18.55 ? 7   GLU A CB  1 
ATOM   48   C  CG  . GLU A 1 27  ? -1.191  3.115   -1.151  1.00 17.50 ? 7   GLU A CG  1 
ATOM   49   C  CD  . GLU A 1 27  ? -1.286  2.135   -2.318  1.00 20.04 ? 7   GLU A CD  1 
ATOM   50   O  OE1 . GLU A 1 27  ? -1.369  2.593   -3.477  1.00 21.89 ? 7   GLU A OE1 1 
ATOM   51   O  OE2 . GLU A 1 27  ? -1.292  0.911   -2.087  1.00 19.38 ? 7   GLU A OE2 1 
ATOM   52   N  N   . ALA A 1 28  ? 0.782   0.089   -0.806  1.00 18.70 ? 8   ALA A N   1 
ATOM   53   C  CA  . ALA A 1 28  ? 1.060   -0.904  -1.825  1.00 17.81 ? 8   ALA A CA  1 
ATOM   54   C  C   . ALA A 1 28  ? -0.186  -1.782  -1.953  1.00 17.20 ? 8   ALA A C   1 
ATOM   55   O  O   . ALA A 1 28  ? -0.811  -2.122  -0.950  1.00 16.54 ? 8   ALA A O   1 
ATOM   56   C  CB  . ALA A 1 28  ? 2.261   -1.747  -1.423  1.00 16.46 ? 8   ALA A CB  1 
ATOM   57   N  N   . GLY A 1 29  ? -0.555  -2.111  -3.189  1.00 18.69 ? 9   GLY A N   1 
ATOM   58   C  CA  . GLY A 1 29  ? -1.704  -2.964  -3.435  1.00 20.12 ? 9   GLY A CA  1 
ATOM   59   C  C   . GLY A 1 29  ? -3.078  -2.320  -3.510  1.00 21.30 ? 9   GLY A C   1 
ATOM   60   O  O   . GLY A 1 29  ? -4.081  -3.019  -3.465  1.00 21.71 ? 9   GLY A O   1 
ATOM   61   N  N   . LYS A 1 30  ? -3.147  -1.000  -3.629  1.00 22.35 ? 10  LYS A N   1 
ATOM   62   C  CA  . LYS A 1 30  ? -4.447  -0.340  -3.701  1.00 23.05 ? 10  LYS A CA  1 
ATOM   63   C  C   . LYS A 1 30  ? -5.232  -0.880  -4.897  1.00 23.62 ? 10  LYS A C   1 
ATOM   64   O  O   . LYS A 1 30  ? -6.419  -1.165  -4.787  1.00 22.43 ? 10  LYS A O   1 
ATOM   65   C  CB  . LYS A 1 30  ? -4.281  1.175   -3.846  1.00 25.30 ? 10  LYS A CB  1 
ATOM   66   C  CG  . LYS A 1 30  ? -5.465  1.974   -3.301  1.00 28.45 ? 10  LYS A CG  1 
ATOM   67   C  CD  . LYS A 1 30  ? -5.610  3.339   -3.971  1.00 31.12 ? 10  LYS A CD  1 
ATOM   68   C  CE  . LYS A 1 30  ? -6.028  3.189   -5.428  1.00 32.08 ? 10  LYS A CE  1 
ATOM   69   N  NZ  . LYS A 1 30  ? -6.331  4.500   -6.072  1.00 33.82 ? 10  LYS A NZ  1 
ATOM   70   N  N   . GLY A 1 31  ? -4.554  -1.046  -6.028  1.00 23.97 ? 11  GLY A N   1 
ATOM   71   C  CA  . GLY A 1 31  ? -5.214  -1.527  -7.227  1.00 24.53 ? 11  GLY A CA  1 
ATOM   72   C  C   . GLY A 1 31  ? -5.288  -3.027  -7.486  1.00 25.55 ? 11  GLY A C   1 
ATOM   73   O  O   . GLY A 1 31  ? -5.782  -3.428  -8.540  1.00 26.88 ? 11  GLY A O   1 
ATOM   74   N  N   . CYS A 1 32  ? -4.818  -3.859  -6.558  1.00 24.50 ? 12  CYS A N   1 
ATOM   75   C  CA  . CYS A 1 32  ? -4.862  -5.308  -6.749  1.00 26.91 ? 12  CYS A CA  1 
ATOM   76   C  C   . CYS A 1 32  ? -6.266  -5.884  -6.602  1.00 26.47 ? 12  CYS A C   1 
ATOM   77   O  O   . CYS A 1 32  ? -7.113  -5.315  -5.924  1.00 27.98 ? 12  CYS A O   1 
ATOM   78   C  CB  . CYS A 1 32  ? -3.973  -6.021  -5.733  1.00 27.91 ? 12  CYS A CB  1 
ATOM   79   S  SG  . CYS A 1 32  ? -2.258  -5.544  -5.749  1.00 36.62 ? 12  CYS A SG  1 
ATOM   80   N  N   . VAL A 1 33  ? -6.497  -7.028  -7.237  1.00 26.49 ? 13  VAL A N   1 
ATOM   81   C  CA  . VAL A 1 33  ? -7.779  -7.715  -7.147  1.00 25.86 ? 13  VAL A CA  1 
ATOM   82   C  C   . VAL A 1 33  ? -7.619  -8.779  -6.070  1.00 25.41 ? 13  VAL A C   1 
ATOM   83   O  O   . VAL A 1 33  ? -8.596  -9.256  -5.484  1.00 25.98 ? 13  VAL A O   1 
ATOM   84   C  CB  . VAL A 1 33  ? -8.145  -8.402  -8.475  1.00 26.50 ? 13  VAL A CB  1 
ATOM   85   C  CG1 . VAL A 1 33  ? -8.476  -7.364  -9.523  1.00 27.64 ? 13  VAL A CG1 1 
ATOM   86   C  CG2 . VAL A 1 33  ? -6.987  -9.248  -8.948  1.00 27.81 ? 13  VAL A CG2 1 
ATOM   87   N  N   . ILE A 1 34  ? -6.361  -9.128  -5.812  1.00 24.61 ? 14  ILE A N   1 
ATOM   88   C  CA  . ILE A 1 34  ? -6.014  -10.134 -4.824  1.00 21.70 ? 14  ILE A CA  1 
ATOM   89   C  C   . ILE A 1 34  ? -5.051  -9.576  -3.781  1.00 22.33 ? 14  ILE A C   1 
ATOM   90   O  O   . ILE A 1 34  ? -4.182  -8.757  -4.086  1.00 21.84 ? 14  ILE A O   1 
ATOM   91   C  CB  . ILE A 1 34  ? -5.337  -11.352 -5.500  1.00 22.00 ? 14  ILE A CB  1 
ATOM   92   C  CG1 . ILE A 1 34  ? -6.334  -12.043 -6.432  1.00 22.02 ? 14  ILE A CG1 1 
ATOM   93   C  CG2 . ILE A 1 34  ? -4.806  -12.324 -4.440  1.00 16.84 ? 14  ILE A CG2 1 
ATOM   94   C  CD1 . ILE A 1 34  ? -5.692  -13.045 -7.386  1.00 22.41 ? 14  ILE A CD1 1 
ATOM   95   N  N   . GLY A 1 35  ? -5.212  -10.029 -2.544  1.00 21.55 ? 15  GLY A N   1 
ATOM   96   C  CA  . GLY A 1 35  ? -4.318  -9.592  -1.498  1.00 19.18 ? 15  GLY A CA  1 
ATOM   97   C  C   . GLY A 1 35  ? -4.756  -8.377  -0.713  1.00 20.00 ? 15  GLY A C   1 
ATOM   98   O  O   . GLY A 1 35  ? -5.731  -7.698  -1.053  1.00 19.09 ? 15  GLY A O   1 
ATOM   99   N  N   . PRO A 1 36  ? -3.999  -8.056  0.341   1.00 18.86 ? 16  PRO A N   1 
ATOM   100  C  CA  . PRO A 1 36  ? -4.290  -6.921  1.208   1.00 18.59 ? 16  PRO A CA  1 
ATOM   101  C  C   . PRO A 1 36  ? -3.822  -5.559  0.719   1.00 18.80 ? 16  PRO A C   1 
ATOM   102  O  O   . PRO A 1 36  ? -3.041  -5.435  -0.226  1.00 18.98 ? 16  PRO A O   1 
ATOM   103  C  CB  . PRO A 1 36  ? -3.583  -7.309  2.496   1.00 19.12 ? 16  PRO A CB  1 
ATOM   104  C  CG  . PRO A 1 36  ? -2.291  -7.910  1.955   1.00 19.10 ? 16  PRO A CG  1 
ATOM   105  C  CD  . PRO A 1 36  ? -2.781  -8.766  0.791   1.00 18.56 ? 16  PRO A CD  1 
ATOM   106  N  N   . LEU A 1 37  ? -4.334  -4.539  1.387   1.00 17.80 ? 17  LEU A N   1 
ATOM   107  C  CA  . LEU A 1 37  ? -3.941  -3.179  1.131   1.00 17.01 ? 17  LEU A CA  1 
ATOM   108  C  C   . LEU A 1 37  ? -2.951  -2.979  2.261   1.00 16.57 ? 17  LEU A C   1 
ATOM   109  O  O   . LEU A 1 37  ? -3.264  -3.281  3.409   1.00 17.73 ? 17  LEU A O   1 
ATOM   110  C  CB  . LEU A 1 37  ? -5.107  -2.215  1.330   1.00 16.43 ? 17  LEU A CB  1 
ATOM   111  C  CG  . LEU A 1 37  ? -4.646  -0.756  1.317   1.00 16.14 ? 17  LEU A CG  1 
ATOM   112  C  CD1 . LEU A 1 37  ? -4.199  -0.374  -0.091  1.00 17.16 ? 17  LEU A CD1 1 
ATOM   113  C  CD2 . LEU A 1 37  ? -5.758  0.138   1.775   1.00 15.86 ? 17  LEU A CD2 1 
ATOM   114  N  N   . VAL A 1 38  ? -1.756  -2.494  1.946   1.00 16.72 ? 18  VAL A N   1 
ATOM   115  C  CA  . VAL A 1 38  ? -0.757  -2.263  2.979   1.00 16.07 ? 18  VAL A CA  1 
ATOM   116  C  C   . VAL A 1 38  ? -0.407  -0.783  2.990   1.00 16.90 ? 18  VAL A C   1 
ATOM   117  O  O   . VAL A 1 38  ? -0.132  -0.191  1.951   1.00 17.71 ? 18  VAL A O   1 
ATOM   118  C  CB  . VAL A 1 38  ? 0.531   -3.112  2.729   1.00 15.70 ? 18  VAL A CB  1 
ATOM   119  C  CG1 . VAL A 1 38  ? 1.535   -2.886  3.844   1.00 12.80 ? 18  VAL A CG1 1 
ATOM   120  C  CG2 . VAL A 1 38  ? 0.171   -4.595  2.645   1.00 16.04 ? 18  VAL A CG2 1 
ATOM   121  N  N   . VAL A 1 39  ? -0.455  -0.184  4.174   1.00 17.19 ? 19  VAL A N   1 
ATOM   122  C  CA  . VAL A 1 39  ? -0.136  1.222   4.341   1.00 16.92 ? 19  VAL A CA  1 
ATOM   123  C  C   . VAL A 1 39  ? 0.949   1.320   5.399   1.00 17.81 ? 19  VAL A C   1 
ATOM   124  O  O   . VAL A 1 39  ? 0.824   0.745   6.483   1.00 18.56 ? 19  VAL A O   1 
ATOM   125  C  CB  . VAL A 1 39  ? -1.368  2.022   4.790   1.00 13.70 ? 19  VAL A CB  1 
ATOM   126  C  CG1 . VAL A 1 39  ? -1.027  3.500   4.864   1.00 15.23 ? 19  VAL A CG1 1 
ATOM   127  C  CG2 . VAL A 1 39  ? -2.516  1.786   3.810   1.00 13.73 ? 19  VAL A CG2 1 
ATOM   128  N  N   . ALA A 1 40  ? 2.018   2.044   5.078   1.00 18.15 ? 20  ALA A N   1 
ATOM   129  C  CA  . ALA A 1 40  ? 3.136   2.187   5.998   1.00 18.00 ? 20  ALA A CA  1 
ATOM   130  C  C   . ALA A 1 40  ? 3.629   3.616   6.154   1.00 17.56 ? 20  ALA A C   1 
ATOM   131  O  O   . ALA A 1 40  ? 3.574   4.423   5.225   1.00 17.35 ? 20  ALA A O   1 
ATOM   132  C  CB  . ALA A 1 40  ? 4.299   1.296   5.540   1.00 17.24 ? 20  ALA A CB  1 
ATOM   133  N  N   . GLY A 1 41  ? 4.121   3.908   7.348   1.00 18.77 ? 21  GLY A N   1 
ATOM   134  C  CA  . GLY A 1 41  ? 4.672   5.215   7.628   1.00 19.92 ? 21  GLY A CA  1 
ATOM   135  C  C   . GLY A 1 41  ? 6.099   5.048   8.123   1.00 19.91 ? 21  GLY A C   1 
ATOM   136  O  O   . GLY A 1 41  ? 6.432   4.065   8.789   1.00 19.86 ? 21  GLY A O   1 
ATOM   137  N  N   . VAL A 1 42  ? 6.957   5.997   7.785   1.00 18.63 ? 22  VAL A N   1 
ATOM   138  C  CA  . VAL A 1 42  ? 8.336   5.942   8.231   1.00 19.19 ? 22  VAL A CA  1 
ATOM   139  C  C   . VAL A 1 42  ? 8.745   7.295   8.801   1.00 20.26 ? 22  VAL A C   1 
ATOM   140  O  O   . VAL A 1 42  ? 8.490   8.331   8.192   1.00 20.03 ? 22  VAL A O   1 
ATOM   141  C  CB  . VAL A 1 42  ? 9.275   5.577   7.073   1.00 18.41 ? 22  VAL A CB  1 
ATOM   142  C  CG1 . VAL A 1 42  ? 10.710  5.699   7.521   1.00 18.97 ? 22  VAL A CG1 1 
ATOM   143  C  CG2 . VAL A 1 42  ? 8.977   4.158   6.589   1.00 17.30 ? 22  VAL A CG2 1 
ATOM   144  N  N   . ALA A 1 43  ? 9.361   7.278   9.977   1.00 21.05 ? 23  ALA A N   1 
ATOM   145  C  CA  . ALA A 1 43  ? 9.825   8.501   10.630  1.00 23.19 ? 23  ALA A CA  1 
ATOM   146  C  C   . ALA A 1 43  ? 11.275  8.296   11.080  1.00 23.15 ? 23  ALA A C   1 
ATOM   147  O  O   . ALA A 1 43  ? 11.571  7.378   11.846  1.00 22.95 ? 23  ALA A O   1 
ATOM   148  C  CB  . ALA A 1 43  ? 8.934   8.830   11.831  1.00 22.15 ? 23  ALA A CB  1 
ATOM   149  N  N   . CYS A 1 44  ? 12.173  9.151   10.598  1.00 25.76 ? 24  CYS A N   1 
ATOM   150  C  CA  . CYS A 1 44  ? 13.589  9.038   10.938  1.00 27.20 ? 24  CYS A CA  1 
ATOM   151  C  C   . CYS A 1 44  ? 14.163  10.287  11.606  1.00 29.25 ? 24  CYS A C   1 
ATOM   152  O  O   . CYS A 1 44  ? 13.817  11.414  11.243  1.00 29.51 ? 24  CYS A O   1 
ATOM   153  C  CB  . CYS A 1 44  ? 14.412  8.766   9.683   1.00 25.86 ? 24  CYS A CB  1 
ATOM   154  S  SG  . CYS A 1 44  ? 13.720  7.581   8.485   1.00 26.73 ? 24  CYS A SG  1 
ATOM   155  N  N   . SER A 1 45  ? 15.059  10.079  12.568  1.00 30.91 ? 25  SER A N   1 
ATOM   156  C  CA  . SER A 1 45  ? 15.704  11.189  13.257  1.00 32.53 ? 25  SER A CA  1 
ATOM   157  C  C   . SER A 1 45  ? 16.894  11.664  12.424  1.00 33.68 ? 25  SER A C   1 
ATOM   158  O  O   . SER A 1 45  ? 17.316  12.812  12.533  1.00 35.29 ? 25  SER A O   1 
ATOM   159  C  CB  . SER A 1 45  ? 16.175  10.763  14.654  1.00 33.14 ? 25  SER A CB  1 
ATOM   160  O  OG  . SER A 1 45  ? 17.203  9.788   14.597  1.00 32.62 ? 25  SER A OG  1 
ATOM   161  N  N   . ASP A 1 46  ? 17.429  10.781  11.585  1.00 35.07 ? 26  ASP A N   1 
ATOM   162  C  CA  . ASP A 1 46  ? 18.562  11.127  10.728  1.00 36.43 ? 26  ASP A CA  1 
ATOM   163  C  C   . ASP A 1 46  ? 18.193  10.842  9.273   1.00 37.29 ? 26  ASP A C   1 
ATOM   164  O  O   . ASP A 1 46  ? 18.437  9.746   8.759   1.00 36.86 ? 26  ASP A O   1 
ATOM   165  C  CB  . ASP A 1 46  ? 19.799  10.307  11.107  1.00 37.42 ? 26  ASP A CB  1 
ATOM   166  C  CG  . ASP A 1 46  ? 21.053  10.775  10.384  1.00 38.75 ? 26  ASP A CG  1 
ATOM   167  O  OD1 . ASP A 1 46  ? 20.940  11.258  9.237   1.00 40.51 ? 26  ASP A OD1 1 
ATOM   168  O  OD2 . ASP A 1 46  ? 22.156  10.649  10.954  1.00 39.18 ? 26  ASP A OD2 1 
ATOM   169  N  N   . GLU A 1 47  ? 17.613  11.840  8.612   1.00 38.32 ? 27  GLU A N   1 
ATOM   170  C  CA  . GLU A 1 47  ? 17.191  11.692  7.227   1.00 40.80 ? 27  GLU A CA  1 
ATOM   171  C  C   . GLU A 1 47  ? 18.351  11.479  6.260   1.00 40.78 ? 27  GLU A C   1 
ATOM   172  O  O   . GLU A 1 47  ? 18.180  10.885  5.196   1.00 40.79 ? 27  GLU A O   1 
ATOM   173  C  CB  . GLU A 1 47  ? 16.373  12.912  6.794   1.00 42.32 ? 27  GLU A CB  1 
ATOM   174  C  CG  . GLU A 1 47  ? 15.447  12.628  5.619   1.00 45.92 ? 27  GLU A CG  1 
ATOM   175  C  CD  . GLU A 1 47  ? 14.455  13.751  5.357   1.00 48.07 ? 27  GLU A CD  1 
ATOM   176  O  OE1 . GLU A 1 47  ? 13.813  14.219  6.328   1.00 47.95 ? 27  GLU A OE1 1 
ATOM   177  O  OE2 . GLU A 1 47  ? 14.311  14.154  4.179   1.00 48.83 ? 27  GLU A OE2 1 
ATOM   178  N  N   . ASP A 1 48  ? 19.534  11.963  6.619   1.00 41.01 ? 28  ASP A N   1 
ATOM   179  C  CA  . ASP A 1 48  ? 20.684  11.781  5.745   1.00 41.03 ? 28  ASP A CA  1 
ATOM   180  C  C   . ASP A 1 48  ? 21.096  10.319  5.774   1.00 38.95 ? 28  ASP A C   1 
ATOM   181  O  O   . ASP A 1 48  ? 21.439  9.738   4.747   1.00 39.19 ? 28  ASP A O   1 
ATOM   182  C  CB  . ASP A 1 48  ? 21.857  12.653  6.189   1.00 43.92 ? 28  ASP A CB  1 
ATOM   183  C  CG  . ASP A 1 48  ? 23.077  12.472  5.303   1.00 47.72 ? 28  ASP A CG  1 
ATOM   184  O  OD1 . ASP A 1 48  ? 22.979  12.740  4.083   1.00 48.13 ? 28  ASP A OD1 1 
ATOM   185  O  OD2 . ASP A 1 48  ? 24.136  12.054  5.824   1.00 50.36 ? 28  ASP A OD2 1 
ATOM   186  N  N   . ARG A 1 49  ? 21.055  9.727   6.961   1.00 37.41 ? 29  ARG A N   1 
ATOM   187  C  CA  . ARG A 1 49  ? 21.414  8.328   7.123   1.00 36.77 ? 29  ARG A CA  1 
ATOM   188  C  C   . ARG A 1 49  ? 20.462  7.490   6.264   1.00 36.09 ? 29  ARG A C   1 
ATOM   189  O  O   . ARG A 1 49  ? 20.845  6.463   5.702   1.00 36.08 ? 29  ARG A O   1 
ATOM   190  C  CB  . ARG A 1 49  ? 21.305  7.936   8.598   1.00 37.07 ? 29  ARG A CB  1 
ATOM   191  C  CG  . ARG A 1 49  ? 22.093  6.693   8.960   1.00 38.63 ? 29  ARG A CG  1 
ATOM   192  C  CD  . ARG A 1 49  ? 21.944  6.349   10.430  1.00 39.99 ? 29  ARG A CD  1 
ATOM   193  N  NE  . ARG A 1 49  ? 22.632  5.100   10.760  1.00 43.65 ? 29  ARG A NE  1 
ATOM   194  C  CZ  . ARG A 1 49  ? 22.584  4.504   11.950  1.00 46.04 ? 29  ARG A CZ  1 
ATOM   195  N  NH1 . ARG A 1 49  ? 21.875  5.035   12.941  1.00 48.29 ? 29  ARG A NH1 1 
ATOM   196  N  NH2 . ARG A 1 49  ? 23.234  3.365   12.152  1.00 46.14 ? 29  ARG A NH2 1 
ATOM   197  N  N   . LEU A 1 50  ? 19.220  7.955   6.151   1.00 35.11 ? 30  LEU A N   1 
ATOM   198  C  CA  . LEU A 1 50  ? 18.207  7.272   5.356   1.00 33.53 ? 30  LEU A CA  1 
ATOM   199  C  C   . LEU A 1 50  ? 18.568  7.330   3.876   1.00 33.64 ? 30  LEU A C   1 
ATOM   200  O  O   . LEU A 1 50  ? 18.428  6.345   3.151   1.00 33.41 ? 30  LEU A O   1 
ATOM   201  C  CB  . LEU A 1 50  ? 16.836  7.920   5.569   1.00 31.49 ? 30  LEU A CB  1 
ATOM   202  C  CG  . LEU A 1 50  ? 15.675  7.299   4.784   1.00 30.00 ? 30  LEU A CG  1 
ATOM   203  C  CD1 . LEU A 1 50  ? 15.482  5.843   5.208   1.00 28.46 ? 30  LEU A CD1 1 
ATOM   204  C  CD2 . LEU A 1 50  ? 14.405  8.096   5.019   1.00 28.74 ? 30  LEU A CD2 1 
ATOM   205  N  N   . ARG A 1 51  ? 19.032  8.495   3.434   1.00 33.57 ? 31  ARG A N   1 
ATOM   206  C  CA  . ARG A 1 51  ? 19.414  8.685   2.045   1.00 34.98 ? 31  ARG A CA  1 
ATOM   207  C  C   . ARG A 1 51  ? 20.621  7.837   1.652   1.00 34.24 ? 31  ARG A C   1 
ATOM   208  O  O   . ARG A 1 51  ? 20.716  7.371   0.519   1.00 33.95 ? 31  ARG A O   1 
ATOM   209  C  CB  . ARG A 1 51  ? 19.707  10.167  1.785   1.00 39.30 ? 31  ARG A CB  1 
ATOM   210  C  CG  . ARG A 1 51  ? 18.498  11.073  2.032   1.00 45.30 ? 31  ARG A CG  1 
ATOM   211  C  CD  . ARG A 1 51  ? 18.788  12.545  1.779   1.00 49.84 ? 31  ARG A CD  1 
ATOM   212  N  NE  . ARG A 1 51  ? 17.574  13.337  1.953   1.00 55.68 ? 31  ARG A NE  1 
ATOM   213  C  CZ  . ARG A 1 51  ? 17.493  14.650  1.761   1.00 58.54 ? 31  ARG A CZ  1 
ATOM   214  N  NH1 . ARG A 1 51  ? 18.562  15.347  1.385   1.00 59.51 ? 31  ARG A NH1 1 
ATOM   215  N  NH2 . ARG A 1 51  ? 16.332  15.272  1.930   1.00 59.69 ? 31  ARG A NH2 1 
ATOM   216  N  N   . LYS A 1 52  ? 21.540  7.643   2.587   1.00 33.22 ? 32  LYS A N   1 
ATOM   217  C  CA  . LYS A 1 52  ? 22.733  6.853   2.318   1.00 33.40 ? 32  LYS A CA  1 
ATOM   218  C  C   . LYS A 1 52  ? 22.397  5.408   1.964   1.00 32.59 ? 32  LYS A C   1 
ATOM   219  O  O   . LYS A 1 52  ? 23.194  4.723   1.321   1.00 32.16 ? 32  LYS A O   1 
ATOM   220  C  CB  . LYS A 1 52  ? 23.663  6.872   3.526   1.00 35.85 ? 32  LYS A CB  1 
ATOM   221  C  CG  . LYS A 1 52  ? 24.196  8.246   3.875   1.00 40.92 ? 32  LYS A CG  1 
ATOM   222  C  CD  . LYS A 1 52  ? 25.024  8.197   5.153   1.00 45.29 ? 32  LYS A CD  1 
ATOM   223  C  CE  . LYS A 1 52  ? 25.669  9.547   5.447   1.00 48.16 ? 32  LYS A CE  1 
ATOM   224  N  NZ  . LYS A 1 52  ? 26.523  9.503   6.675   1.00 49.84 ? 32  LYS A NZ  1 
ATOM   225  N  N   . LEU A 1 53  ? 21.222  4.944   2.392   1.00 30.92 ? 33  LEU A N   1 
ATOM   226  C  CA  . LEU A 1 53  ? 20.786  3.581   2.110   1.00 28.22 ? 33  LEU A CA  1 
ATOM   227  C  C   . LEU A 1 53  ? 20.316  3.441   0.665   1.00 27.03 ? 33  LEU A C   1 
ATOM   228  O  O   . LEU A 1 53  ? 20.096  2.328   0.186   1.00 27.37 ? 33  LEU A O   1 
ATOM   229  C  CB  . LEU A 1 53  ? 19.659  3.172   3.063   1.00 27.05 ? 33  LEU A CB  1 
ATOM   230  C  CG  . LEU A 1 53  ? 20.020  2.879   4.519   1.00 25.75 ? 33  LEU A CG  1 
ATOM   231  C  CD1 . LEU A 1 53  ? 18.760  2.514   5.289   1.00 24.53 ? 33  LEU A CD1 1 
ATOM   232  C  CD2 . LEU A 1 53  ? 21.026  1.740   4.576   1.00 25.21 ? 33  LEU A CD2 1 
ATOM   233  N  N   . GLY A 1 54  ? 20.159  4.573   -0.018  1.00 25.88 ? 34  GLY A N   1 
ATOM   234  C  CA  . GLY A 1 54  ? 19.729  4.559   -1.403  1.00 24.03 ? 34  GLY A CA  1 
ATOM   235  C  C   . GLY A 1 54  ? 18.239  4.389   -1.634  1.00 26.14 ? 34  GLY A C   1 
ATOM   236  O  O   . GLY A 1 54  ? 17.824  3.814   -2.641  1.00 24.66 ? 34  GLY A O   1 
ATOM   237  N  N   . VAL A 1 55  ? 17.417  4.893   -0.719  1.00 26.38 ? 35  VAL A N   1 
ATOM   238  C  CA  . VAL A 1 55  ? 15.973  4.763   -0.870  1.00 28.11 ? 35  VAL A CA  1 
ATOM   239  C  C   . VAL A 1 55  ? 15.454  5.452   -2.132  1.00 29.83 ? 35  VAL A C   1 
ATOM   240  O  O   . VAL A 1 55  ? 14.465  5.014   -2.722  1.00 29.30 ? 35  VAL A O   1 
ATOM   241  C  CB  . VAL A 1 55  ? 15.232  5.338   0.353   1.00 27.68 ? 35  VAL A CB  1 
ATOM   242  C  CG1 . VAL A 1 55  ? 15.691  4.624   1.614   1.00 28.29 ? 35  VAL A CG1 1 
ATOM   243  C  CG2 . VAL A 1 55  ? 15.488  6.835   0.466   1.00 27.75 ? 35  VAL A CG2 1 
ATOM   244  N  N   . LYS A 1 56  ? 16.131  6.517   -2.551  1.00 32.88 ? 36  LYS A N   1 
ATOM   245  C  CA  . LYS A 1 56  ? 15.710  7.273   -3.729  1.00 35.79 ? 36  LYS A CA  1 
ATOM   246  C  C   . LYS A 1 56  ? 15.591  6.414   -4.982  1.00 36.06 ? 36  LYS A C   1 
ATOM   247  O  O   . LYS A 1 56  ? 14.666  6.585   -5.774  1.00 36.71 ? 36  LYS A O   1 
ATOM   248  C  CB  . LYS A 1 56  ? 16.673  8.435   -3.991  1.00 38.93 ? 36  LYS A CB  1 
ATOM   249  C  CG  . LYS A 1 56  ? 16.291  9.318   -5.181  1.00 43.19 ? 36  LYS A CG  1 
ATOM   250  C  CD  . LYS A 1 56  ? 17.359  10.382  -5.471  1.00 46.05 ? 36  LYS A CD  1 
ATOM   251  C  CE  . LYS A 1 56  ? 17.024  11.199  -6.721  1.00 48.27 ? 36  LYS A CE  1 
ATOM   252  N  NZ  . LYS A 1 56  ? 18.113  12.150  -7.112  1.00 47.76 ? 36  LYS A NZ  1 
ATOM   253  N  N   . ASP A 1 57  ? 16.518  5.489   -5.174  1.00 36.39 ? 37  ASP A N   1 
ATOM   254  C  CA  . ASP A 1 57  ? 16.464  4.634   -6.354  1.00 37.35 ? 37  ASP A CA  1 
ATOM   255  C  C   . ASP A 1 57  ? 16.198  3.168   -6.012  1.00 35.08 ? 37  ASP A C   1 
ATOM   256  O  O   . ASP A 1 57  ? 16.740  2.256   -6.642  1.00 35.81 ? 37  ASP A O   1 
ATOM   257  C  CB  . ASP A 1 57  ? 17.768  4.764   -7.134  1.00 40.33 ? 37  ASP A CB  1 
ATOM   258  C  CG  . ASP A 1 57  ? 18.972  4.665   -6.245  1.00 44.28 ? 37  ASP A CG  1 
ATOM   259  O  OD1 . ASP A 1 57  ? 19.134  3.604   -5.605  1.00 47.14 ? 37  ASP A OD1 1 
ATOM   260  O  OD2 . ASP A 1 57  ? 19.745  5.646   -6.175  1.00 46.36 ? 37  ASP A OD2 1 
ATOM   261  N  N   . SER A 1 58  ? 15.347  2.953   -5.016  1.00 32.12 ? 38  SER A N   1 
ATOM   262  C  CA  . SER A 1 58  ? 14.988  1.611   -4.584  1.00 28.26 ? 38  SER A CA  1 
ATOM   263  C  C   . SER A 1 58  ? 14.098  0.902   -5.608  1.00 26.60 ? 38  SER A C   1 
ATOM   264  O  O   . SER A 1 58  ? 13.917  -0.317  -5.545  1.00 25.91 ? 38  SER A O   1 
ATOM   265  C  CB  . SER A 1 58  ? 14.261  1.680   -3.236  1.00 29.75 ? 38  SER A CB  1 
ATOM   266  O  OG  . SER A 1 58  ? 13.072  2.458   -3.323  1.00 27.56 ? 38  SER A OG  1 
ATOM   267  N  N   . LYS A 1 59  ? 13.544  1.655   -6.552  1.00 24.99 ? 39  LYS A N   1 
ATOM   268  C  CA  . LYS A 1 59  ? 12.664  1.060   -7.554  1.00 25.44 ? 39  LYS A CA  1 
ATOM   269  C  C   . LYS A 1 59  ? 13.310  0.028   -8.473  1.00 24.76 ? 39  LYS A C   1 
ATOM   270  O  O   . LYS A 1 59  ? 12.628  -0.857  -8.979  1.00 24.73 ? 39  LYS A O   1 
ATOM   271  C  CB  . LYS A 1 59  ? 11.998  2.156   -8.393  1.00 27.86 ? 39  LYS A CB  1 
ATOM   272  C  CG  . LYS A 1 59  ? 10.860  2.855   -7.661  1.00 30.83 ? 39  LYS A CG  1 
ATOM   273  C  CD  . LYS A 1 59  ? 10.113  3.827   -8.559  1.00 33.38 ? 39  LYS A CD  1 
ATOM   274  C  CE  . LYS A 1 59  ? 9.008   4.542   -7.792  1.00 35.03 ? 39  LYS A CE  1 
ATOM   275  N  NZ  . LYS A 1 59  ? 8.054   3.575   -7.169  1.00 36.11 ? 39  LYS A NZ  1 
ATOM   276  N  N   . LYS A 1 60  ? 14.622  0.123   -8.673  1.00 22.65 ? 40  LYS A N   1 
ATOM   277  C  CA  . LYS A 1 60  ? 15.331  -0.816  -9.542  1.00 21.75 ? 40  LYS A CA  1 
ATOM   278  C  C   . LYS A 1 60  ? 15.646  -2.142  -8.861  1.00 20.43 ? 40  LYS A C   1 
ATOM   279  O  O   . LYS A 1 60  ? 16.026  -3.111  -9.517  1.00 19.71 ? 40  LYS A O   1 
ATOM   280  C  CB  . LYS A 1 60  ? 16.645  -0.195  -10.023 1.00 21.02 ? 40  LYS A CB  1 
ATOM   281  C  CG  . LYS A 1 60  ? 17.653  0.075   -8.906  1.00 21.74 ? 40  LYS A CG  1 
ATOM   282  C  CD  . LYS A 1 60  ? 18.985  0.498   -9.490  1.00 23.83 ? 40  LYS A CD  1 
ATOM   283  C  CE  . LYS A 1 60  ? 19.991  0.836   -8.416  1.00 23.97 ? 40  LYS A CE  1 
ATOM   284  N  NZ  . LYS A 1 60  ? 20.284  -0.328  -7.556  1.00 25.41 ? 40  LYS A NZ  1 
ATOM   285  N  N   . LEU A 1 61  ? 15.483  -2.173  -7.543  1.00 19.91 ? 41  LEU A N   1 
ATOM   286  C  CA  . LEU A 1 61  ? 15.783  -3.352  -6.743  1.00 18.50 ? 41  LEU A CA  1 
ATOM   287  C  C   . LEU A 1 61  ? 14.839  -4.539  -6.910  1.00 18.93 ? 41  LEU A C   1 
ATOM   288  O  O   . LEU A 1 61  ? 13.667  -4.393  -7.233  1.00 20.07 ? 41  LEU A O   1 
ATOM   289  C  CB  . LEU A 1 61  ? 15.831  -2.969  -5.260  1.00 16.92 ? 41  LEU A CB  1 
ATOM   290  C  CG  . LEU A 1 61  ? 16.815  -1.894  -4.798  1.00 17.43 ? 41  LEU A CG  1 
ATOM   291  C  CD1 . LEU A 1 61  ? 16.730  -1.777  -3.284  1.00 15.84 ? 41  LEU A CD1 1 
ATOM   292  C  CD2 . LEU A 1 61  ? 18.235  -2.251  -5.219  1.00 17.26 ? 41  LEU A CD2 1 
ATOM   293  N  N   . SER A 1 62  ? 15.370  -5.727  -6.669  1.00 19.95 ? 42  SER A N   1 
ATOM   294  C  CA  . SER A 1 62  ? 14.593  -6.945  -6.757  1.00 18.92 ? 42  SER A CA  1 
ATOM   295  C  C   . SER A 1 62  ? 13.805  -7.120  -5.457  1.00 19.99 ? 42  SER A C   1 
ATOM   296  O  O   . SER A 1 62  ? 13.983  -6.362  -4.497  1.00 18.08 ? 42  SER A O   1 
ATOM   297  C  CB  . SER A 1 62  ? 15.528  -8.137  -6.942  1.00 19.42 ? 42  SER A CB  1 
ATOM   298  O  OG  . SER A 1 62  ? 16.424  -8.225  -5.850  1.00 19.20 ? 42  SER A OG  1 
ATOM   299  N  N   . GLN A 1 63  ? 12.942  -8.128  -5.432  1.00 19.93 ? 43  GLN A N   1 
ATOM   300  C  CA  . GLN A 1 63  ? 12.147  -8.417  -4.252  1.00 21.06 ? 43  GLN A CA  1 
ATOM   301  C  C   . GLN A 1 63  ? 13.103  -8.721  -3.092  1.00 20.54 ? 43  GLN A C   1 
ATOM   302  O  O   . GLN A 1 63  ? 12.901  -8.260  -1.970  1.00 19.99 ? 43  GLN A O   1 
ATOM   303  C  CB  . GLN A 1 63  ? 11.219  -9.615  -4.536  1.00 22.38 ? 43  GLN A CB  1 
ATOM   304  C  CG  . GLN A 1 63  ? 10.268  -9.986  -3.409  1.00 27.23 ? 43  GLN A CG  1 
ATOM   305  C  CD  . GLN A 1 63  ? 9.102   -10.874 -3.869  1.00 33.22 ? 43  GLN A CD  1 
ATOM   306  O  OE1 . GLN A 1 63  ? 8.371   -11.435 -3.042  1.00 34.90 ? 43  GLN A OE1 1 
ATOM   307  N  NE2 . GLN A 1 63  ? 8.920   -10.995 -5.188  1.00 31.70 ? 43  GLN A NE2 1 
ATOM   308  N  N   . GLY A 1 64  ? 14.163  -9.473  -3.379  1.00 19.67 ? 44  GLY A N   1 
ATOM   309  C  CA  . GLY A 1 64  ? 15.127  -9.822  -2.347  1.00 17.42 ? 44  GLY A CA  1 
ATOM   310  C  C   . GLY A 1 64  ? 15.977  -8.665  -1.849  1.00 17.00 ? 44  GLY A C   1 
ATOM   311  O  O   . GLY A 1 64  ? 16.280  -8.559  -0.657  1.00 16.37 ? 44  GLY A O   1 
ATOM   312  N  N   . ARG A 1 65  ? 16.384  -7.792  -2.759  1.00 18.32 ? 45  ARG A N   1 
ATOM   313  C  CA  . ARG A 1 65  ? 17.192  -6.651  -2.363  1.00 18.18 ? 45  ARG A CA  1 
ATOM   314  C  C   . ARG A 1 65  ? 16.318  -5.646  -1.627  1.00 18.42 ? 45  ARG A C   1 
ATOM   315  O  O   . ARG A 1 65  ? 16.742  -5.035  -0.650  1.00 17.76 ? 45  ARG A O   1 
ATOM   316  C  CB  . ARG A 1 65  ? 17.828  -5.987  -3.585  1.00 17.43 ? 45  ARG A CB  1 
ATOM   317  C  CG  . ARG A 1 65  ? 19.080  -6.675  -4.097  1.00 17.72 ? 45  ARG A CG  1 
ATOM   318  C  CD  . ARG A 1 65  ? 20.180  -6.761  -3.033  1.00 17.15 ? 45  ARG A CD  1 
ATOM   319  N  NE  . ARG A 1 65  ? 21.374  -7.395  -3.593  1.00 21.25 ? 45  ARG A NE  1 
ATOM   320  C  CZ  . ARG A 1 65  ? 22.264  -8.098  -2.895  1.00 20.48 ? 45  ARG A CZ  1 
ATOM   321  N  NH1 . ARG A 1 65  ? 22.118  -8.274  -1.587  1.00 18.79 ? 45  ARG A NH1 1 
ATOM   322  N  NH2 . ARG A 1 65  ? 23.296  -8.643  -3.515  1.00 20.80 ? 45  ARG A NH2 1 
ATOM   323  N  N   . ARG A 1 66  ? 15.089  -5.486  -2.099  1.00 18.86 ? 46  ARG A N   1 
ATOM   324  C  CA  . ARG A 1 66  ? 14.174  -4.544  -1.484  1.00 20.49 ? 46  ARG A CA  1 
ATOM   325  C  C   . ARG A 1 66  ? 13.837  -5.004  -0.078  1.00 19.29 ? 46  ARG A C   1 
ATOM   326  O  O   . ARG A 1 66  ? 13.679  -4.184  0.824   1.00 19.99 ? 46  ARG A O   1 
ATOM   327  C  CB  . ARG A 1 66  ? 12.912  -4.395  -2.343  1.00 21.52 ? 46  ARG A CB  1 
ATOM   328  C  CG  . ARG A 1 66  ? 11.897  -3.385  -1.810  1.00 27.48 ? 46  ARG A CG  1 
ATOM   329  C  CD  . ARG A 1 66  ? 10.942  -2.905  -2.901  1.00 28.52 ? 46  ARG A CD  1 
ATOM   330  N  NE  . ARG A 1 66  ? 10.621  -3.963  -3.856  1.00 32.76 ? 46  ARG A NE  1 
ATOM   331  C  CZ  . ARG A 1 66  ? 11.027  -3.973  -5.122  1.00 32.02 ? 46  ARG A CZ  1 
ATOM   332  N  NH1 . ARG A 1 66  ? 11.771  -2.971  -5.595  1.00 31.53 ? 46  ARG A NH1 1 
ATOM   333  N  NH2 . ARG A 1 66  ? 10.700  -4.989  -5.909  1.00 31.24 ? 46  ARG A NH2 1 
ATOM   334  N  N   . GLU A 1 67  ? 13.744  -6.316  0.119   1.00 19.09 ? 47  GLU A N   1 
ATOM   335  C  CA  . GLU A 1 67  ? 13.443  -6.852  1.440   1.00 18.17 ? 47  GLU A CA  1 
ATOM   336  C  C   . GLU A 1 67  ? 14.573  -6.551  2.417   1.00 17.94 ? 47  GLU A C   1 
ATOM   337  O  O   . GLU A 1 67  ? 14.331  -6.250  3.581   1.00 18.27 ? 47  GLU A O   1 
ATOM   338  C  CB  . GLU A 1 67  ? 13.206  -8.357  1.381   1.00 19.90 ? 47  GLU A CB  1 
ATOM   339  C  CG  . GLU A 1 67  ? 12.849  -8.940  2.736   1.00 25.09 ? 47  GLU A CG  1 
ATOM   340  C  CD  . GLU A 1 67  ? 12.410  -10.384 2.656   1.00 30.54 ? 47  GLU A CD  1 
ATOM   341  O  OE1 . GLU A 1 67  ? 13.164  -11.210 2.098   1.00 32.28 ? 47  GLU A OE1 1 
ATOM   342  O  OE2 . GLU A 1 67  ? 11.309  -10.692 3.158   1.00 34.61 ? 47  GLU A OE2 1 
ATOM   343  N  N   . GLU A 1 68  ? 15.812  -6.639  1.945   1.00 17.57 ? 48  GLU A N   1 
ATOM   344  C  CA  . GLU A 1 68  ? 16.964  -6.335  2.791   1.00 18.11 ? 48  GLU A CA  1 
ATOM   345  C  C   . GLU A 1 68  ? 16.967  -4.841  3.108   1.00 16.88 ? 48  GLU A C   1 
ATOM   346  O  O   . GLU A 1 68  ? 17.284  -4.433  4.224   1.00 18.01 ? 48  GLU A O   1 
ATOM   347  C  CB  . GLU A 1 68  ? 18.271  -6.704  2.076   1.00 20.17 ? 48  GLU A CB  1 
ATOM   348  C  CG  . GLU A 1 68  ? 18.478  -8.203  1.921   1.00 26.22 ? 48  GLU A CG  1 
ATOM   349  C  CD  . GLU A 1 68  ? 19.614  -8.551  0.970   1.00 27.72 ? 48  GLU A CD  1 
ATOM   350  O  OE1 . GLU A 1 68  ? 19.896  -9.760  0.814   1.00 30.21 ? 48  GLU A OE1 1 
ATOM   351  O  OE2 . GLU A 1 68  ? 20.216  -7.625  0.381   1.00 27.39 ? 48  GLU A OE2 1 
ATOM   352  N  N   . LEU A 1 69  ? 16.623  -4.025  2.119   1.00 15.06 ? 49  LEU A N   1 
ATOM   353  C  CA  . LEU A 1 69  ? 16.590  -2.586  2.326   1.00 16.48 ? 49  LEU A CA  1 
ATOM   354  C  C   . LEU A 1 69  ? 15.517  -2.219  3.348   1.00 16.89 ? 49  LEU A C   1 
ATOM   355  O  O   . LEU A 1 69  ? 15.690  -1.297  4.143   1.00 18.69 ? 49  LEU A O   1 
ATOM   356  C  CB  . LEU A 1 69  ? 16.327  -1.854  1.006   1.00 15.18 ? 49  LEU A CB  1 
ATOM   357  C  CG  . LEU A 1 69  ? 16.199  -0.327  1.146   1.00 16.29 ? 49  LEU A CG  1 
ATOM   358  C  CD1 . LEU A 1 69  ? 17.444  0.254   1.841   1.00 17.43 ? 49  LEU A CD1 1 
ATOM   359  C  CD2 . LEU A 1 69  ? 15.998  0.290   -0.222  1.00 15.88 ? 49  LEU A CD2 1 
ATOM   360  N  N   . ALA A 1 70  ? 14.408  -2.944  3.333   1.00 18.06 ? 50  ALA A N   1 
ATOM   361  C  CA  . ALA A 1 70  ? 13.339  -2.673  4.279   1.00 18.18 ? 50  ALA A CA  1 
ATOM   362  C  C   . ALA A 1 70  ? 13.845  -2.903  5.706   1.00 18.84 ? 50  ALA A C   1 
ATOM   363  O  O   . ALA A 1 70  ? 13.534  -2.129  6.614   1.00 16.33 ? 50  ALA A O   1 
ATOM   364  C  CB  . ALA A 1 70  ? 12.143  -3.572  3.993   1.00 18.56 ? 50  ALA A CB  1 
ATOM   365  N  N   . GLU A 1 71  ? 14.620  -3.970  5.897   1.00 19.03 ? 51  GLU A N   1 
ATOM   366  C  CA  . GLU A 1 71  ? 15.160  -4.289  7.214   1.00 20.83 ? 51  GLU A CA  1 
ATOM   367  C  C   . GLU A 1 71  ? 16.107  -3.206  7.707   1.00 19.24 ? 51  GLU A C   1 
ATOM   368  O  O   . GLU A 1 71  ? 16.072  -2.825  8.870   1.00 18.80 ? 51  GLU A O   1 
ATOM   369  C  CB  . GLU A 1 71  ? 15.885  -5.634  7.187   1.00 24.45 ? 51  GLU A CB  1 
ATOM   370  C  CG  . GLU A 1 71  ? 14.964  -6.850  7.143   1.00 28.94 ? 51  GLU A CG  1 
ATOM   371  C  CD  . GLU A 1 71  ? 13.927  -6.841  8.260   1.00 32.69 ? 51  GLU A CD  1 
ATOM   372  O  OE1 . GLU A 1 71  ? 12.857  -6.214  8.080   1.00 34.23 ? 51  GLU A OE1 1 
ATOM   373  O  OE2 . GLU A 1 71  ? 14.184  -7.448  9.324   1.00 33.71 ? 51  GLU A OE2 1 
ATOM   374  N  N   . GLU A 1 72  ? 16.958  -2.708  6.818   1.00 20.62 ? 52  GLU A N   1 
ATOM   375  C  CA  . GLU A 1 72  ? 17.884  -1.646  7.185   1.00 19.61 ? 52  GLU A CA  1 
ATOM   376  C  C   . GLU A 1 72  ? 17.098  -0.409  7.619   1.00 20.12 ? 52  GLU A C   1 
ATOM   377  O  O   . GLU A 1 72  ? 17.471  0.270   8.580   1.00 20.50 ? 52  GLU A O   1 
ATOM   378  C  CB  . GLU A 1 72  ? 18.797  -1.305  6.003   1.00 19.45 ? 52  GLU A CB  1 
ATOM   379  C  CG  . GLU A 1 72  ? 19.765  -2.419  5.634   1.00 24.16 ? 52  GLU A CG  1 
ATOM   380  C  CD  . GLU A 1 72  ? 20.655  -2.825  6.801   1.00 26.66 ? 52  GLU A CD  1 
ATOM   381  O  OE1 . GLU A 1 72  ? 21.303  -1.936  7.384   1.00 30.72 ? 52  GLU A OE1 1 
ATOM   382  O  OE2 . GLU A 1 72  ? 20.712  -4.027  7.141   1.00 29.97 ? 52  GLU A OE2 1 
ATOM   383  N  N   . ILE A 1 73  ? 16.001  -0.119  6.918   1.00 19.13 ? 53  ILE A N   1 
ATOM   384  C  CA  . ILE A 1 73  ? 15.180  1.041   7.260   1.00 18.37 ? 53  ILE A CA  1 
ATOM   385  C  C   . ILE A 1 73  ? 14.592  0.898   8.660   1.00 19.59 ? 53  ILE A C   1 
ATOM   386  O  O   . ILE A 1 73  ? 14.666  1.829   9.469   1.00 19.06 ? 53  ILE A O   1 
ATOM   387  C  CB  . ILE A 1 73  ? 14.035  1.247   6.238   1.00 19.49 ? 53  ILE A CB  1 
ATOM   388  C  CG1 . ILE A 1 73  ? 14.632  1.596   4.867   1.00 19.99 ? 53  ILE A CG1 1 
ATOM   389  C  CG2 . ILE A 1 73  ? 13.093  2.345   6.724   1.00 18.98 ? 53  ILE A CG2 1 
ATOM   390  C  CD1 . ILE A 1 73  ? 13.625  1.715   3.751   1.00 20.25 ? 53  ILE A CD1 1 
ATOM   391  N  N   . ARG A 1 74  ? 14.024  -0.269  8.957   1.00 19.50 ? 54  ARG A N   1 
ATOM   392  C  CA  . ARG A 1 74  ? 13.436  -0.492  10.274  1.00 21.48 ? 54  ARG A CA  1 
ATOM   393  C  C   . ARG A 1 74  ? 14.458  -0.299  11.403  1.00 21.92 ? 54  ARG A C   1 
ATOM   394  O  O   . ARG A 1 74  ? 14.095  0.005   12.540  1.00 22.29 ? 54  ARG A O   1 
ATOM   395  C  CB  . ARG A 1 74  ? 12.835  -1.901  10.358  1.00 21.78 ? 54  ARG A CB  1 
ATOM   396  C  CG  . ARG A 1 74  ? 11.542  -2.101  9.581   1.00 22.66 ? 54  ARG A CG  1 
ATOM   397  C  CD  . ARG A 1 74  ? 10.958  -3.487  9.870   1.00 24.51 ? 54  ARG A CD  1 
ATOM   398  N  NE  . ARG A 1 74  ? 9.823   -3.839  9.010   1.00 29.11 ? 54  ARG A NE  1 
ATOM   399  C  CZ  . ARG A 1 74  ? 8.548   -3.547  9.263   1.00 28.65 ? 54  ARG A CZ  1 
ATOM   400  N  NH1 . ARG A 1 74  ? 8.212   -2.885  10.363  1.00 29.41 ? 54  ARG A NH1 1 
ATOM   401  N  NH2 . ARG A 1 74  ? 7.601   -3.939  8.417   1.00 27.23 ? 54  ARG A NH2 1 
ATOM   402  N  N   . LYS A 1 75  ? 15.735  -0.467  11.080  1.00 23.33 ? 55  LYS A N   1 
ATOM   403  C  CA  . LYS A 1 75  ? 16.811  -0.327  12.065  1.00 25.57 ? 55  LYS A CA  1 
ATOM   404  C  C   . LYS A 1 75  ? 17.100  1.111   12.474  1.00 23.98 ? 55  LYS A C   1 
ATOM   405  O  O   . LYS A 1 75  ? 17.524  1.364   13.603  1.00 23.89 ? 55  LYS A O   1 
ATOM   406  C  CB  . LYS A 1 75  ? 18.111  -0.923  11.520  1.00 27.06 ? 55  LYS A CB  1 
ATOM   407  C  CG  . LYS A 1 75  ? 18.074  -2.417  11.250  1.00 31.95 ? 55  LYS A CG  1 
ATOM   408  C  CD  . LYS A 1 75  ? 18.292  -3.229  12.511  1.00 34.09 ? 55  LYS A CD  1 
ATOM   409  C  CE  . LYS A 1 75  ? 18.606  -4.683  12.164  1.00 37.56 ? 55  LYS A CE  1 
ATOM   410  N  NZ  . LYS A 1 75  ? 19.808  -4.798  11.282  1.00 38.51 ? 55  LYS A NZ  1 
ATOM   411  N  N   . ILE A 1 76  ? 16.881  2.051   11.559  1.00 22.82 ? 56  ILE A N   1 
ATOM   412  C  CA  . ILE A 1 76  ? 17.174  3.449   11.847  1.00 22.03 ? 56  ILE A CA  1 
ATOM   413  C  C   . ILE A 1 76  ? 15.988  4.400   11.835  1.00 22.21 ? 56  ILE A C   1 
ATOM   414  O  O   . ILE A 1 76  ? 16.160  5.595   12.051  1.00 23.81 ? 56  ILE A O   1 
ATOM   415  C  CB  . ILE A 1 76  ? 18.228  4.004   10.869  1.00 20.92 ? 56  ILE A CB  1 
ATOM   416  C  CG1 . ILE A 1 76  ? 17.655  4.043   9.450   1.00 22.74 ? 56  ILE A CG1 1 
ATOM   417  C  CG2 . ILE A 1 76  ? 19.473  3.132   10.898  1.00 19.10 ? 56  ILE A CG2 1 
ATOM   418  C  CD1 . ILE A 1 76  ? 18.489  4.843   8.480   1.00 22.27 ? 56  ILE A CD1 1 
ATOM   419  N  N   . CYS A 1 77  ? 14.792  3.885   11.582  1.00 22.21 ? 57  CYS A N   1 
ATOM   420  C  CA  . CYS A 1 77  ? 13.610  4.738   11.554  1.00 21.85 ? 57  CYS A CA  1 
ATOM   421  C  C   . CYS A 1 77  ? 12.436  4.054   12.212  1.00 21.19 ? 57  CYS A C   1 
ATOM   422  O  O   . CYS A 1 77  ? 12.358  2.825   12.247  1.00 20.63 ? 57  CYS A O   1 
ATOM   423  C  CB  . CYS A 1 77  ? 13.212  5.062   10.115  1.00 22.15 ? 57  CYS A CB  1 
ATOM   424  S  SG  . CYS A 1 77  ? 14.493  5.791   9.057   1.00 24.17 ? 57  CYS A SG  1 
ATOM   425  N  N   . ARG A 1 78  ? 11.510  4.839   12.740  1.00 21.72 ? 58  ARG A N   1 
ATOM   426  C  CA  . ARG A 1 78  ? 10.340  4.225   13.331  1.00 22.36 ? 58  ARG A CA  1 
ATOM   427  C  C   . ARG A 1 78  ? 9.446   3.876   12.148  1.00 21.80 ? 58  ARG A C   1 
ATOM   428  O  O   . ARG A 1 78  ? 9.352   4.641   11.190  1.00 21.97 ? 58  ARG A O   1 
ATOM   429  C  CB  . ARG A 1 78  ? 9.602   5.182   14.269  1.00 23.57 ? 58  ARG A CB  1 
ATOM   430  C  CG  . ARG A 1 78  ? 8.460   4.482   14.983  1.00 25.02 ? 58  ARG A CG  1 
ATOM   431  C  CD  . ARG A 1 78  ? 7.610   5.389   15.833  1.00 25.83 ? 58  ARG A CD  1 
ATOM   432  N  NE  . ARG A 1 78  ? 6.418   4.668   16.264  1.00 28.43 ? 58  ARG A NE  1 
ATOM   433  C  CZ  . ARG A 1 78  ? 5.364   5.229   16.848  1.00 30.20 ? 58  ARG A CZ  1 
ATOM   434  N  NH1 . ARG A 1 78  ? 5.344   6.533   17.089  1.00 31.18 ? 58  ARG A NH1 1 
ATOM   435  N  NH2 . ARG A 1 78  ? 4.319   4.480   17.178  1.00 30.77 ? 58  ARG A NH2 1 
ATOM   436  N  N   . THR A 1 79  ? 8.808   2.716   12.202  1.00 22.50 ? 59  THR A N   1 
ATOM   437  C  CA  . THR A 1 79  ? 7.931   2.309   11.122  1.00 21.89 ? 59  THR A CA  1 
ATOM   438  C  C   . THR A 1 79  ? 6.611   1.812   11.689  1.00 21.97 ? 59  THR A C   1 
ATOM   439  O  O   . THR A 1 79  ? 6.578   1.204   12.752  1.00 22.06 ? 59  THR A O   1 
ATOM   440  C  CB  . THR A 1 79  ? 8.572   1.194   10.256  1.00 20.74 ? 59  THR A CB  1 
ATOM   441  O  OG1 . THR A 1 79  ? 8.808   0.030   11.055  1.00 19.19 ? 59  THR A OG1 1 
ATOM   442  C  CG2 . THR A 1 79  ? 9.887   1.675   9.647   1.00 19.47 ? 59  THR A CG2 1 
ATOM   443  N  N   . GLU A 1 80  ? 5.526   2.093   10.973  1.00 22.64 ? 60  GLU A N   1 
ATOM   444  C  CA  . GLU A 1 80  ? 4.188   1.678   11.375  1.00 22.71 ? 60  GLU A CA  1 
ATOM   445  C  C   . GLU A 1 80  ? 3.514   1.123   10.134  1.00 23.77 ? 60  GLU A C   1 
ATOM   446  O  O   . GLU A 1 80  ? 3.434   1.797   9.106   1.00 24.18 ? 60  GLU A O   1 
ATOM   447  C  CB  . GLU A 1 80  ? 3.387   2.868   11.912  1.00 22.85 ? 60  GLU A CB  1 
ATOM   448  C  CG  . GLU A 1 80  ? 3.813   3.323   13.300  1.00 25.21 ? 60  GLU A CG  1 
ATOM   449  C  CD  . GLU A 1 80  ? 3.525   2.276   14.358  1.00 27.89 ? 60  GLU A CD  1 
ATOM   450  O  OE1 . GLU A 1 80  ? 3.992   2.440   15.507  1.00 31.62 ? 60  GLU A OE1 1 
ATOM   451  O  OE2 . GLU A 1 80  ? 2.825   1.288   14.046  1.00 28.49 ? 60  GLU A OE2 1 
ATOM   452  N  N   . VAL A 1 81  ? 3.039   -0.111  10.231  1.00 22.98 ? 61  VAL A N   1 
ATOM   453  C  CA  . VAL A 1 81  ? 2.389   -0.755  9.108   1.00 21.44 ? 61  VAL A CA  1 
ATOM   454  C  C   . VAL A 1 81  ? 0.958   -1.110  9.471   1.00 21.65 ? 61  VAL A C   1 
ATOM   455  O  O   . VAL A 1 81  ? 0.674   -1.507  10.593  1.00 21.38 ? 61  VAL A O   1 
ATOM   456  C  CB  . VAL A 1 81  ? 3.143   -2.042  8.695   1.00 20.98 ? 61  VAL A CB  1 
ATOM   457  C  CG1 . VAL A 1 81  ? 2.483   -2.672  7.477   1.00 20.30 ? 61  VAL A CG1 1 
ATOM   458  C  CG2 . VAL A 1 81  ? 4.598   -1.709  8.392   1.00 20.38 ? 61  VAL A CG2 1 
ATOM   459  N  N   . LEU A 1 82  ? 0.073   -0.954  8.498   1.00 21.73 ? 62  LEU A N   1 
ATOM   460  C  CA  . LEU A 1 82  ? -1.340  -1.245  8.643   1.00 21.25 ? 62  LEU A CA  1 
ATOM   461  C  C   . LEU A 1 82  ? -1.734  -2.123  7.444   1.00 20.80 ? 62  LEU A C   1 
ATOM   462  O  O   . LEU A 1 82  ? -1.388  -1.823  6.306   1.00 21.70 ? 62  LEU A O   1 
ATOM   463  C  CB  . LEU A 1 82  ? -2.116  0.074   8.633   1.00 21.49 ? 62  LEU A CB  1 
ATOM   464  C  CG  . LEU A 1 82  ? -3.624  0.105   8.856   1.00 24.67 ? 62  LEU A CG  1 
ATOM   465  C  CD1 . LEU A 1 82  ? -4.041  1.526   9.204   1.00 23.37 ? 62  LEU A CD1 1 
ATOM   466  C  CD2 . LEU A 1 82  ? -4.360  -0.392  7.616   1.00 25.44 ? 62  LEU A CD2 1 
ATOM   467  N  N   . LYS A 1 83  ? -2.438  -3.216  7.699   1.00 20.76 ? 63  LYS A N   1 
ATOM   468  C  CA  . LYS A 1 83  ? -2.850  -4.095  6.618   1.00 21.50 ? 63  LYS A CA  1 
ATOM   469  C  C   . LYS A 1 83  ? -4.356  -4.284  6.623   1.00 20.61 ? 63  LYS A C   1 
ATOM   470  O  O   . LYS A 1 83  ? -4.955  -4.502  7.671   1.00 21.46 ? 63  LYS A O   1 
ATOM   471  C  CB  . LYS A 1 83  ? -2.143  -5.451  6.748   1.00 24.05 ? 63  LYS A CB  1 
ATOM   472  C  CG  . LYS A 1 83  ? -0.618  -5.355  6.631   1.00 27.13 ? 63  LYS A CG  1 
ATOM   473  C  CD  . LYS A 1 83  ? 0.088   -6.619  7.118   1.00 31.32 ? 63  LYS A CD  1 
ATOM   474  C  CE  . LYS A 1 83  ? -0.254  -7.827  6.270   1.00 34.04 ? 63  LYS A CE  1 
ATOM   475  N  NZ  . LYS A 1 83  ? 0.424   -9.055  6.776   1.00 35.78 ? 63  LYS A NZ  1 
ATOM   476  N  N   . VAL A 1 84  ? -4.972  -4.165  5.454   1.00 18.15 ? 64  VAL A N   1 
ATOM   477  C  CA  . VAL A 1 84  ? -6.406  -4.367  5.349   1.00 17.02 ? 64  VAL A CA  1 
ATOM   478  C  C   . VAL A 1 84  ? -6.615  -5.550  4.423   1.00 16.68 ? 64  VAL A C   1 
ATOM   479  O  O   . VAL A 1 84  ? -6.211  -5.520  3.257   1.00 15.47 ? 64  VAL A O   1 
ATOM   480  C  CB  . VAL A 1 84  ? -7.139  -3.133  4.783   1.00 17.22 ? 64  VAL A CB  1 
ATOM   481  C  CG1 . VAL A 1 84  ? -8.644  -3.352  4.864   1.00 15.05 ? 64  VAL A CG1 1 
ATOM   482  C  CG2 . VAL A 1 84  ? -6.756  -1.894  5.565   1.00 15.99 ? 64  VAL A CG2 1 
ATOM   483  N  N   . SER A 1 85  ? -7.230  -6.602  4.957   1.00 18.07 ? 65  SER A N   1 
ATOM   484  C  CA  . SER A 1 85  ? -7.474  -7.819  4.189   1.00 19.07 ? 65  SER A CA  1 
ATOM   485  C  C   . SER A 1 85  ? -8.543  -7.616  3.135   1.00 19.92 ? 65  SER A C   1 
ATOM   486  O  O   . SER A 1 85  ? -9.329  -6.665  3.197   1.00 19.93 ? 65  SER A O   1 
ATOM   487  C  CB  . SER A 1 85  ? -7.918  -8.948  5.111   1.00 16.76 ? 65  SER A CB  1 
ATOM   488  O  OG  . SER A 1 85  ? -9.237  -8.722  5.562   1.00 16.44 ? 65  SER A OG  1 
ATOM   489  N  N   . PRO A 1 86  ? -8.584  -8.513  2.143   1.00 20.71 ? 66  PRO A N   1 
ATOM   490  C  CA  . PRO A 1 86  ? -9.588  -8.399  1.088   1.00 19.87 ? 66  PRO A CA  1 
ATOM   491  C  C   . PRO A 1 86  ? -10.978 -8.386  1.708   1.00 20.60 ? 66  PRO A C   1 
ATOM   492  O  O   . PRO A 1 86  ? -11.822 -7.572  1.355   1.00 19.25 ? 66  PRO A O   1 
ATOM   493  C  CB  . PRO A 1 86  ? -9.343  -9.645  0.244   1.00 19.31 ? 66  PRO A CB  1 
ATOM   494  C  CG  . PRO A 1 86  ? -7.851  -9.802  0.336   1.00 21.26 ? 66  PRO A CG  1 
ATOM   495  C  CD  . PRO A 1 86  ? -7.588  -9.553  1.818   1.00 20.69 ? 66  PRO A CD  1 
ATOM   496  N  N   . GLU A 1 87  ? -11.199 -9.294  2.652   1.00 22.61 ? 67  GLU A N   1 
ATOM   497  C  CA  . GLU A 1 87  ? -12.490 -9.413  3.319   1.00 24.25 ? 67  GLU A CA  1 
ATOM   498  C  C   . GLU A 1 87  ? -12.930 -8.072  3.900   1.00 23.19 ? 67  GLU A C   1 
ATOM   499  O  O   . GLU A 1 87  ? -14.047 -7.621  3.660   1.00 21.44 ? 67  GLU A O   1 
ATOM   500  C  CB  . GLU A 1 87  ? -12.398 -10.464 4.429   1.00 26.73 ? 67  GLU A CB  1 
ATOM   501  C  CG  . GLU A 1 87  ? -13.722 -10.823 5.083   1.00 32.10 ? 67  GLU A CG  1 
ATOM   502  C  CD  . GLU A 1 87  ? -13.567 -11.921 6.125   1.00 34.85 ? 67  GLU A CD  1 
ATOM   503  O  OE1 . GLU A 1 87  ? -12.955 -12.961 5.804   1.00 36.65 ? 67  GLU A OE1 1 
ATOM   504  O  OE2 . GLU A 1 87  ? -14.054 -11.748 7.262   1.00 37.40 ? 67  GLU A OE2 1 
ATOM   505  N  N   . ASN A 1 88  ? -12.037 -7.446  4.664   1.00 24.22 ? 68  ASN A N   1 
ATOM   506  C  CA  . ASN A 1 88  ? -12.316 -6.161  5.287   1.00 22.23 ? 68  ASN A CA  1 
ATOM   507  C  C   . ASN A 1 88  ? -12.419 -5.040  4.264   1.00 20.91 ? 68  ASN A C   1 
ATOM   508  O  O   . ASN A 1 88  ? -13.157 -4.083  4.471   1.00 19.17 ? 68  ASN A O   1 
ATOM   509  C  CB  . ASN A 1 88  ? -11.248 -5.844  6.329   1.00 24.29 ? 68  ASN A CB  1 
ATOM   510  C  CG  . ASN A 1 88  ? -11.340 -6.751  7.549   1.00 29.19 ? 68  ASN A CG  1 
ATOM   511  O  OD1 . ASN A 1 88  ? -10.502 -6.692  8.448   1.00 30.31 ? 68  ASN A OD1 1 
ATOM   512  N  ND2 . ASN A 1 88  ? -12.366 -7.596  7.584   1.00 32.45 ? 68  ASN A ND2 1 
ATOM   513  N  N   . LEU A 1 89  ? -11.686 -5.156  3.161   1.00 20.98 ? 69  LEU A N   1 
ATOM   514  C  CA  . LEU A 1 89  ? -11.749 -4.144  2.105   1.00 20.34 ? 69  LEU A CA  1 
ATOM   515  C  C   . LEU A 1 89  ? -13.143 -4.193  1.462   1.00 20.31 ? 69  LEU A C   1 
ATOM   516  O  O   . LEU A 1 89  ? -13.756 -3.163  1.177   1.00 18.80 ? 69  LEU A O   1 
ATOM   517  C  CB  . LEU A 1 89  ? -10.673 -4.409  1.050   1.00 19.89 ? 69  LEU A CB  1 
ATOM   518  C  CG  . LEU A 1 89  ? -9.254  -3.931  1.381   1.00 21.95 ? 69  LEU A CG  1 
ATOM   519  C  CD1 . LEU A 1 89  ? -8.270  -4.498  0.368   1.00 21.10 ? 69  LEU A CD1 1 
ATOM   520  C  CD2 . LEU A 1 89  ? -9.213  -2.394  1.369   1.00 19.27 ? 69  LEU A CD2 1 
ATOM   521  N  N   . ASP A 1 90  ? -13.636 -5.404  1.248   1.00 20.00 ? 70  ASP A N   1 
ATOM   522  C  CA  . ASP A 1 90  ? -14.952 -5.606  0.666   1.00 21.16 ? 70  ASP A CA  1 
ATOM   523  C  C   . ASP A 1 90  ? -16.048 -5.061  1.593   1.00 21.75 ? 70  ASP A C   1 
ATOM   524  O  O   . ASP A 1 90  ? -17.023 -4.468  1.137   1.00 21.88 ? 70  ASP A O   1 
ATOM   525  C  CB  . ASP A 1 90  ? -15.168 -7.097  0.395   1.00 19.59 ? 70  ASP A CB  1 
ATOM   526  C  CG  . ASP A 1 90  ? -14.466 -7.575  -0.876  1.00 20.25 ? 70  ASP A CG  1 
ATOM   527  O  OD1 . ASP A 1 90  ? -14.254 -8.799  -1.022  1.00 20.20 ? 70  ASP A OD1 1 
ATOM   528  O  OD2 . ASP A 1 90  ? -14.139 -6.735  -1.742  1.00 19.69 ? 70  ASP A OD2 1 
ATOM   529  N  N   . GLU A 1 91  ? -15.884 -5.256  2.895   1.00 22.85 ? 71  GLU A N   1 
ATOM   530  C  CA  . GLU A 1 91  ? -16.864 -4.772  3.858   1.00 24.94 ? 71  GLU A CA  1 
ATOM   531  C  C   . GLU A 1 91  ? -16.959 -3.254  3.849   1.00 23.56 ? 71  GLU A C   1 
ATOM   532  O  O   . GLU A 1 91  ? -18.046 -2.681  3.788   1.00 23.66 ? 71  GLU A O   1 
ATOM   533  C  CB  . GLU A 1 91  ? -16.497 -5.233  5.270   1.00 29.04 ? 71  GLU A CB  1 
ATOM   534  C  CG  . GLU A 1 91  ? -16.909 -6.651  5.592   1.00 36.95 ? 71  GLU A CG  1 
ATOM   535  C  CD  . GLU A 1 91  ? -16.359 -7.130  6.922   1.00 40.86 ? 71  GLU A CD  1 
ATOM   536  O  OE1 . GLU A 1 91  ? -16.730 -8.249  7.346   1.00 42.77 ? 71  GLU A OE1 1 
ATOM   537  O  OE2 . GLU A 1 91  ? -15.553 -6.394  7.539   1.00 43.71 ? 71  GLU A OE2 1 
ATOM   538  N  N   . ARG A 1 92  ? -15.804 -2.611  3.909   1.00 22.38 ? 72  ARG A N   1 
ATOM   539  C  CA  . ARG A 1 92  ? -15.726 -1.163  3.946   1.00 21.50 ? 72  ARG A CA  1 
ATOM   540  C  C   . ARG A 1 92  ? -16.065 -0.472  2.618   1.00 21.23 ? 72  ARG A C   1 
ATOM   541  O  O   . ARG A 1 92  ? -16.544 0.661   2.608   1.00 18.74 ? 72  ARG A O   1 
ATOM   542  C  CB  . ARG A 1 92  ? -14.323 -0.771  4.441   1.00 21.87 ? 72  ARG A CB  1 
ATOM   543  C  CG  . ARG A 1 92  ? -14.021 -1.347  5.830   1.00 22.97 ? 72  ARG A CG  1 
ATOM   544  C  CD  . ARG A 1 92  ? -12.554 -1.247  6.250   1.00 22.91 ? 72  ARG A CD  1 
ATOM   545  N  NE  . ARG A 1 92  ? -12.069 0.128   6.315   1.00 27.37 ? 72  ARG A NE  1 
ATOM   546  C  CZ  . ARG A 1 92  ? -10.876 0.481   6.787   1.00 29.09 ? 72  ARG A CZ  1 
ATOM   547  N  NH1 . ARG A 1 92  ? -10.037 -0.442  7.244   1.00 28.84 ? 72  ARG A NH1 1 
ATOM   548  N  NH2 . ARG A 1 92  ? -10.510 1.757   6.787   1.00 28.28 ? 72  ARG A NH2 1 
ATOM   549  N  N   . MET A 1 93  ? -15.844 -1.154  1.500   1.00 21.82 ? 73  MET A N   1 
ATOM   550  C  CA  . MET A 1 93  ? -16.119 -0.537  0.207   1.00 22.46 ? 73  MET A CA  1 
ATOM   551  C  C   . MET A 1 93  ? -17.583 -0.386  -0.158  1.00 21.77 ? 73  MET A C   1 
ATOM   552  O  O   . MET A 1 93  ? -17.911 0.202   -1.187  1.00 19.65 ? 73  MET A O   1 
ATOM   553  C  CB  . MET A 1 93  ? -15.353 -1.263  -0.895  1.00 22.08 ? 73  MET A CB  1 
ATOM   554  C  CG  . MET A 1 93  ? -13.888 -0.868  -0.872  1.00 25.26 ? 73  MET A CG  1 
ATOM   555  S  SD  . MET A 1 93  ? -12.898 -1.632  -2.121  1.00 30.81 ? 73  MET A SD  1 
ATOM   556  C  CE  . MET A 1 93  ? -13.350 -0.659  -3.544  1.00 26.85 ? 73  MET A CE  1 
ATOM   557  N  N   . ALA A 1 94  ? -18.462 -0.902  0.695   1.00 23.16 ? 74  ALA A N   1 
ATOM   558  C  CA  . ALA A 1 94  ? -19.900 -0.763  0.468   1.00 22.73 ? 74  ALA A CA  1 
ATOM   559  C  C   . ALA A 1 94  ? -20.284 0.691   0.747   1.00 21.55 ? 74  ALA A C   1 
ATOM   560  O  O   . ALA A 1 94  ? -21.117 1.268   0.056   1.00 22.87 ? 74  ALA A O   1 
ATOM   561  C  CB  . ALA A 1 94  ? -20.672 -1.700  1.397   1.00 24.10 ? 74  ALA A CB  1 
ATOM   562  N  N   . ALA A 1 95  ? -19.643 1.289   1.743   1.00 20.89 ? 75  ALA A N   1 
ATOM   563  C  CA  . ALA A 1 95  ? -19.938 2.662   2.124   1.00 21.79 ? 75  ALA A CA  1 
ATOM   564  C  C   . ALA A 1 95  ? -18.842 3.656   1.770   1.00 22.85 ? 75  ALA A C   1 
ATOM   565  O  O   . ALA A 1 95  ? -19.014 4.860   1.959   1.00 22.91 ? 75  ALA A O   1 
ATOM   566  C  CB  . ALA A 1 95  ? -20.235 2.734   3.619   1.00 20.28 ? 75  ALA A CB  1 
ATOM   567  N  N   . LYS A 1 96  ? -17.715 3.168   1.263   1.00 23.59 ? 76  LYS A N   1 
ATOM   568  C  CA  . LYS A 1 96  ? -16.632 4.071   0.911   1.00 24.33 ? 76  LYS A CA  1 
ATOM   569  C  C   . LYS A 1 96  ? -15.851 3.631   -0.306  1.00 24.32 ? 76  LYS A C   1 
ATOM   570  O  O   . LYS A 1 96  ? -15.835 2.451   -0.654  1.00 26.18 ? 76  LYS A O   1 
ATOM   571  C  CB  . LYS A 1 96  ? -15.658 4.223   2.079   1.00 25.80 ? 76  LYS A CB  1 
ATOM   572  C  CG  . LYS A 1 96  ? -16.211 4.914   3.310   1.00 28.19 ? 76  LYS A CG  1 
ATOM   573  C  CD  . LYS A 1 96  ? -15.135 4.963   4.385   1.00 31.41 ? 76  LYS A CD  1 
ATOM   574  C  CE  . LYS A 1 96  ? -15.672 5.513   5.685   1.00 34.44 ? 76  LYS A CE  1 
ATOM   575  N  NZ  . LYS A 1 96  ? -15.241 6.915   5.911   1.00 37.61 ? 76  LYS A NZ  1 
ATOM   576  N  N   . THR A 1 97  ? -15.204 4.595   -0.954  1.00 23.15 ? 77  THR A N   1 
ATOM   577  C  CA  . THR A 1 97  ? -14.378 4.305   -2.116  1.00 23.35 ? 77  THR A CA  1 
ATOM   578  C  C   . THR A 1 97  ? -13.029 3.851   -1.581  1.00 21.71 ? 77  THR A C   1 
ATOM   579  O  O   . THR A 1 97  ? -12.703 4.090   -0.417  1.00 20.69 ? 77  THR A O   1 
ATOM   580  C  CB  . THR A 1 97  ? -14.131 5.549   -2.970  1.00 21.80 ? 77  THR A CB  1 
ATOM   581  O  OG1 . THR A 1 97  ? -13.340 6.474   -2.218  1.00 22.57 ? 77  THR A OG1 1 
ATOM   582  C  CG2 . THR A 1 97  ? -15.443 6.195   -3.377  1.00 19.95 ? 77  THR A CG2 1 
ATOM   583  N  N   . ILE A 1 98  ? -12.239 3.211   -2.435  1.00 22.52 ? 78  ILE A N   1 
ATOM   584  C  CA  . ILE A 1 98  ? -10.929 2.734   -2.028  1.00 22.85 ? 78  ILE A CA  1 
ATOM   585  C  C   . ILE A 1 98  ? -10.016 3.888   -1.619  1.00 21.80 ? 78  ILE A C   1 
ATOM   586  O  O   . ILE A 1 98  ? -9.266  3.772   -0.651  1.00 22.98 ? 78  ILE A O   1 
ATOM   587  C  CB  . ILE A 1 98  ? -10.256 1.895   -3.152  1.00 23.51 ? 78  ILE A CB  1 
ATOM   588  C  CG1 . ILE A 1 98  ? -8.922  1.342   -2.644  1.00 24.79 ? 78  ILE A CG1 1 
ATOM   589  C  CG2 . ILE A 1 98  ? -10.066 2.730   -4.405  1.00 23.02 ? 78  ILE A CG2 1 
ATOM   590  C  CD1 . ILE A 1 98  ? -9.074  0.450   -1.421  1.00 24.54 ? 78  ILE A CD1 1 
ATOM   591  N  N   . ASN A 1 99  ? -10.094 5.004   -2.338  1.00 21.34 ? 79  ASN A N   1 
ATOM   592  C  CA  . ASN A 1 99  ? -9.275  6.166   -2.014  1.00 21.19 ? 79  ASN A CA  1 
ATOM   593  C  C   . ASN A 1 99  ? -9.590  6.746   -0.639  1.00 21.47 ? 79  ASN A C   1 
ATOM   594  O  O   . ASN A 1 99  ? -8.682  7.195   0.072   1.00 21.12 ? 79  ASN A O   1 
ATOM   595  C  CB  . ASN A 1 99  ? -9.426  7.247   -3.080  1.00 20.86 ? 79  ASN A CB  1 
ATOM   596  C  CG  . ASN A 1 99  ? -8.649  6.925   -4.345  1.00 21.80 ? 79  ASN A CG  1 
ATOM   597  O  OD1 . ASN A 1 99  ? -7.860  5.979   -4.371  1.00 22.08 ? 79  ASN A OD1 1 
ATOM   598  N  ND2 . ASN A 1 99  ? -8.856  7.714   -5.395  1.00 19.53 ? 79  ASN A ND2 1 
ATOM   599  N  N   . GLU A 1 100 ? -10.867 6.731   -0.260  1.00 20.79 ? 80  GLU A N   1 
ATOM   600  C  CA  . GLU A 1 100 ? -11.274 7.239   1.047   1.00 19.24 ? 80  GLU A CA  1 
ATOM   601  C  C   . GLU A 1 100 ? -10.803 6.270   2.132   1.00 19.17 ? 80  GLU A C   1 
ATOM   602  O  O   . GLU A 1 100 ? -10.403 6.678   3.224   1.00 18.03 ? 80  GLU A O   1 
ATOM   603  C  CB  . GLU A 1 100 ? -12.793 7.422   1.096   1.00 18.70 ? 80  GLU A CB  1 
ATOM   604  C  CG  . GLU A 1 100 ? -13.298 8.471   0.106   1.00 17.32 ? 80  GLU A CG  1 
ATOM   605  C  CD  . GLU A 1 100 ? -14.816 8.549   0.046   1.00 20.38 ? 80  GLU A CD  1 
ATOM   606  O  OE1 . GLU A 1 100 ? -15.463 7.481   0.111   1.00 19.35 ? 80  GLU A OE1 1 
ATOM   607  O  OE2 . GLU A 1 100 ? -15.361 9.670   -0.089  1.00 16.75 ? 80  GLU A OE2 1 
ATOM   608  N  N   . ILE A 1 101 ? -10.847 4.983   1.819   1.00 19.94 ? 81  ILE A N   1 
ATOM   609  C  CA  . ILE A 1 101 ? -10.392 3.958   2.747   1.00 19.70 ? 81  ILE A CA  1 
ATOM   610  C  C   . ILE A 1 101 ? -8.890  4.166   2.984   1.00 19.74 ? 81  ILE A C   1 
ATOM   611  O  O   . ILE A 1 101 ? -8.372  3.970   4.090   1.00 18.56 ? 81  ILE A O   1 
ATOM   612  C  CB  . ILE A 1 101 ? -10.650 2.562   2.155   1.00 19.53 ? 81  ILE A CB  1 
ATOM   613  C  CG1 . ILE A 1 101 ? -12.150 2.253   2.245   1.00 19.99 ? 81  ILE A CG1 1 
ATOM   614  C  CG2 . ILE A 1 101 ? -9.787  1.511   2.854   1.00 17.66 ? 81  ILE A CG2 1 
ATOM   615  C  CD1 . ILE A 1 101 ? -12.571 0.980   1.534   1.00 19.36 ? 81  ILE A CD1 1 
ATOM   616  N  N   . LEU A 1 102 ? -8.210  4.587   1.925   1.00 20.21 ? 82  LEU A N   1 
ATOM   617  C  CA  . LEU A 1 102 ? -6.781  4.851   1.964   1.00 20.54 ? 82  LEU A CA  1 
ATOM   618  C  C   . LEU A 1 102 ? -6.523  6.020   2.917   1.00 19.31 ? 82  LEU A C   1 
ATOM   619  O  O   . LEU A 1 102 ? -5.670  5.948   3.809   1.00 18.13 ? 82  LEU A O   1 
ATOM   620  C  CB  . LEU A 1 102 ? -6.305  5.221   0.561   1.00 22.95 ? 82  LEU A CB  1 
ATOM   621  C  CG  . LEU A 1 102 ? -4.992  4.654   0.046   1.00 26.34 ? 82  LEU A CG  1 
ATOM   622  C  CD1 . LEU A 1 102 ? -4.515  5.512   -1.131  1.00 25.58 ? 82  LEU A CD1 1 
ATOM   623  C  CD2 . LEU A 1 102 ? -3.953  4.639   1.164   1.00 26.85 ? 82  LEU A CD2 1 
ATOM   624  N  N   . LYS A 1 103 ? -7.267  7.101   2.704   1.00 19.06 ? 83  LYS A N   1 
ATOM   625  C  CA  . LYS A 1 103 ? -7.159  8.297   3.527   1.00 18.33 ? 83  LYS A CA  1 
ATOM   626  C  C   . LYS A 1 103 ? -7.351  7.916   4.987   1.00 18.39 ? 83  LYS A C   1 
ATOM   627  O  O   . LYS A 1 103 ? -6.676  8.436   5.873   1.00 18.79 ? 83  LYS A O   1 
ATOM   628  C  CB  . LYS A 1 103 ? -8.221  9.314   3.109   1.00 18.21 ? 83  LYS A CB  1 
ATOM   629  C  CG  . LYS A 1 103 ? -8.430  10.457  4.105   1.00 18.43 ? 83  LYS A CG  1 
ATOM   630  C  CD  . LYS A 1 103 ? -9.549  11.385  3.663   1.00 19.74 ? 83  LYS A CD  1 
ATOM   631  C  CE  . LYS A 1 103 ? -10.886 10.655  3.584   1.00 23.21 ? 83  LYS A CE  1 
ATOM   632  N  NZ  . LYS A 1 103 ? -11.951 11.520  2.984   1.00 22.84 ? 83  LYS A NZ  1 
ATOM   633  N  N   . GLU A 1 104 ? -8.275  6.996   5.228   1.00 20.84 ? 84  GLU A N   1 
ATOM   634  C  CA  . GLU A 1 104 ? -8.557  6.528   6.581   1.00 21.59 ? 84  GLU A CA  1 
ATOM   635  C  C   . GLU A 1 104 ? -7.301  5.893   7.174   1.00 20.79 ? 84  GLU A C   1 
ATOM   636  O  O   . GLU A 1 104 ? -6.903  6.193   8.301   1.00 20.38 ? 84  GLU A O   1 
ATOM   637  C  CB  . GLU A 1 104 ? -9.689  5.509   6.539   1.00 23.16 ? 84  GLU A CB  1 
ATOM   638  C  CG  . GLU A 1 104 ? -10.836 5.799   7.480   1.00 28.56 ? 84  GLU A CG  1 
ATOM   639  C  CD  . GLU A 1 104 ? -12.144 5.188   6.991   1.00 32.10 ? 84  GLU A CD  1 
ATOM   640  O  OE1 . GLU A 1 104 ? -12.187 3.955   6.768   1.00 33.28 ? 84  GLU A OE1 1 
ATOM   641  O  OE2 . GLU A 1 104 ? -13.130 5.945   6.825   1.00 32.76 ? 84  GLU A OE2 1 
ATOM   642  N  N   . CYS A 1 105 ? -6.679  5.014   6.404   1.00 19.30 ? 85  CYS A N   1 
ATOM   643  C  CA  . CYS A 1 105 ? -5.469  4.345   6.855   1.00 19.45 ? 85  CYS A CA  1 
ATOM   644  C  C   . CYS A 1 105 ? -4.363  5.360   7.060   1.00 18.62 ? 85  CYS A C   1 
ATOM   645  O  O   . CYS A 1 105 ? -3.608  5.275   8.028   1.00 18.75 ? 85  CYS A O   1 
ATOM   646  C  CB  . CYS A 1 105 ? -5.019  3.306   5.831   1.00 18.87 ? 85  CYS A CB  1 
ATOM   647  S  SG  . CYS A 1 105 ? -6.190  1.979   5.585   1.00 19.00 ? 85  CYS A SG  1 
ATOM   648  N  N   . TYR A 1 106 ? -4.264  6.314   6.140   1.00 18.52 ? 86  TYR A N   1 
ATOM   649  C  CA  . TYR A 1 106 ? -3.235  7.343   6.238   1.00 19.68 ? 86  TYR A CA  1 
ATOM   650  C  C   . TYR A 1 106 ? -3.315  8.080   7.561   1.00 20.82 ? 86  TYR A C   1 
ATOM   651  O  O   . TYR A 1 106 ? -2.331  8.176   8.294   1.00 20.50 ? 86  TYR A O   1 
ATOM   652  C  CB  . TYR A 1 106 ? -3.365  8.346   5.088   1.00 19.50 ? 86  TYR A CB  1 
ATOM   653  C  CG  . TYR A 1 106 ? -2.782  7.856   3.786   1.00 20.63 ? 86  TYR A CG  1 
ATOM   654  C  CD1 . TYR A 1 106 ? -3.115  8.468   2.578   1.00 20.30 ? 86  TYR A CD1 1 
ATOM   655  C  CD2 . TYR A 1 106 ? -1.872  6.799   3.761   1.00 21.03 ? 86  TYR A CD2 1 
ATOM   656  C  CE1 . TYR A 1 106 ? -2.556  8.039   1.380   1.00 21.84 ? 86  TYR A CE1 1 
ATOM   657  C  CE2 . TYR A 1 106 ? -1.309  6.363   2.570   1.00 21.50 ? 86  TYR A CE2 1 
ATOM   658  C  CZ  . TYR A 1 106 ? -1.650  6.989   1.384   1.00 23.25 ? 86  TYR A CZ  1 
ATOM   659  O  OH  . TYR A 1 106 ? -1.072  6.576   0.202   1.00 25.29 ? 86  TYR A OH  1 
ATOM   660  N  N   . ALA A 1 107 ? -4.500  8.592   7.872   1.00 21.92 ? 87  ALA A N   1 
ATOM   661  C  CA  . ALA A 1 107 ? -4.700  9.339   9.108   1.00 21.74 ? 87  ALA A CA  1 
ATOM   662  C  C   . ALA A 1 107 ? -4.351  8.503   10.333  1.00 21.54 ? 87  ALA A C   1 
ATOM   663  O  O   . ALA A 1 107 ? -3.781  9.011   11.299  1.00 20.08 ? 87  ALA A O   1 
ATOM   664  C  CB  . ALA A 1 107 ? -6.151  9.832   9.189   1.00 21.28 ? 87  ALA A CB  1 
ATOM   665  N  N   . GLU A 1 108 ? -4.694  7.215   10.293  1.00 23.30 ? 88  GLU A N   1 
ATOM   666  C  CA  . GLU A 1 108 ? -4.404  6.321   11.407  1.00 24.16 ? 88  GLU A CA  1 
ATOM   667  C  C   . GLU A 1 108 ? -2.896  6.218   11.646  1.00 23.60 ? 88  GLU A C   1 
ATOM   668  O  O   . GLU A 1 108 ? -2.428  6.312   12.779  1.00 24.21 ? 88  GLU A O   1 
ATOM   669  C  CB  . GLU A 1 108 ? -4.983  4.926   11.145  1.00 24.94 ? 88  GLU A CB  1 
ATOM   670  C  CG  . GLU A 1 108 ? -4.890  4.008   12.364  1.00 29.54 ? 88  GLU A CG  1 
ATOM   671  C  CD  . GLU A 1 108 ? -5.480  2.622   12.132  1.00 33.72 ? 88  GLU A CD  1 
ATOM   672  O  OE1 . GLU A 1 108 ? -6.569  2.520   11.519  1.00 34.07 ? 88  GLU A OE1 1 
ATOM   673  O  OE2 . GLU A 1 108 ? -4.855  1.634   12.584  1.00 36.26 ? 88  GLU A OE2 1 
ATOM   674  N  N   . ILE A 1 109 ? -2.138  6.024   10.570  1.00 24.57 ? 89  ILE A N   1 
ATOM   675  C  CA  . ILE A 1 109 ? -0.685  5.911   10.663  1.00 23.73 ? 89  ILE A CA  1 
ATOM   676  C  C   . ILE A 1 109 ? -0.074  7.239   11.101  1.00 22.79 ? 89  ILE A C   1 
ATOM   677  O  O   . ILE A 1 109 ? 0.829   7.270   11.927  1.00 22.34 ? 89  ILE A O   1 
ATOM   678  C  CB  . ILE A 1 109 ? -0.065  5.480   9.307   1.00 23.98 ? 89  ILE A CB  1 
ATOM   679  C  CG1 . ILE A 1 109 ? -0.551  4.079   8.922   1.00 21.96 ? 89  ILE A CG1 1 
ATOM   680  C  CG2 . ILE A 1 109 ? 1.458   5.488   9.396   1.00 24.15 ? 89  ILE A CG2 1 
ATOM   681  C  CD1 . ILE A 1 109 ? -0.103  2.985   9.856   1.00 21.36 ? 89  ILE A CD1 1 
ATOM   682  N  N   . ILE A 1 110 ? -0.562  8.338   10.542  1.00 23.42 ? 90  ILE A N   1 
ATOM   683  C  CA  . ILE A 1 110 ? -0.059  9.662   10.911  1.00 23.92 ? 90  ILE A CA  1 
ATOM   684  C  C   . ILE A 1 110 ? -0.291  9.913   12.403  1.00 24.76 ? 90  ILE A C   1 
ATOM   685  O  O   . ILE A 1 110 ? 0.522   10.548  13.077  1.00 25.12 ? 90  ILE A O   1 
ATOM   686  C  CB  . ILE A 1 110 ? -0.781  10.778  10.118  1.00 23.06 ? 90  ILE A CB  1 
ATOM   687  C  CG1 . ILE A 1 110 ? -0.400  10.698  8.638   1.00 22.77 ? 90  ILE A CG1 1 
ATOM   688  C  CG2 . ILE A 1 110 ? -0.425  12.140  10.688  1.00 22.53 ? 90  ILE A CG2 1 
ATOM   689  C  CD1 . ILE A 1 110 ? -1.148  11.675  7.761   1.00 20.92 ? 90  ILE A CD1 1 
ATOM   690  N  N   . LEU A 1 111 ? -1.409  9.412   12.913  1.00 24.07 ? 91  LEU A N   1 
ATOM   691  C  CA  . LEU A 1 111 ? -1.727  9.596   14.313  1.00 25.28 ? 91  LEU A CA  1 
ATOM   692  C  C   . LEU A 1 111 ? -0.905  8.687   15.225  1.00 25.47 ? 91  LEU A C   1 
ATOM   693  O  O   . LEU A 1 111 ? -0.779  8.956   16.419  1.00 25.09 ? 91  LEU A O   1 
ATOM   694  C  CB  . LEU A 1 111 ? -3.229  9.403   14.535  1.00 24.08 ? 91  LEU A CB  1 
ATOM   695  C  CG  . LEU A 1 111 ? -4.025  10.661  14.156  1.00 24.27 ? 91  LEU A CG  1 
ATOM   696  C  CD1 . LEU A 1 111 ? -5.488  10.331  13.931  1.00 24.53 ? 91  LEU A CD1 1 
ATOM   697  C  CD2 . LEU A 1 111 ? -3.870  11.692  15.256  1.00 23.04 ? 91  LEU A CD2 1 
ATOM   698  N  N   . ARG A 1 112 ? -0.347  7.613   14.677  1.00 25.13 ? 92  ARG A N   1 
ATOM   699  C  CA  . ARG A 1 112 ? 0.489   6.732   15.485  1.00 25.18 ? 92  ARG A CA  1 
ATOM   700  C  C   . ARG A 1 112 ? 1.832   7.436   15.634  1.00 26.18 ? 92  ARG A C   1 
ATOM   701  O  O   . ARG A 1 112 ? 2.356   7.584   16.735  1.00 27.33 ? 92  ARG A O   1 
ATOM   702  C  CB  . ARG A 1 112 ? 0.727   5.386   14.793  1.00 24.50 ? 92  ARG A CB  1 
ATOM   703  C  CG  . ARG A 1 112 ? -0.449  4.431   14.779  1.00 25.28 ? 92  ARG A CG  1 
ATOM   704  C  CD  . ARG A 1 112 ? -0.042  3.112   14.140  1.00 25.10 ? 92  ARG A CD  1 
ATOM   705  N  NE  . ARG A 1 112 ? -1.169  2.199   13.968  1.00 27.25 ? 92  ARG A NE  1 
ATOM   706  C  CZ  . ARG A 1 112 ? -1.077  0.997   13.404  1.00 26.46 ? 92  ARG A CZ  1 
ATOM   707  N  NH1 . ARG A 1 112 ? 0.092   0.555   12.957  1.00 25.56 ? 92  ARG A NH1 1 
ATOM   708  N  NH2 . ARG A 1 112 ? -2.159  0.242   13.269  1.00 26.55 ? 92  ARG A NH2 1 
ATOM   709  N  N   . LEU A 1 113 ? 2.368   7.878   14.499  1.00 26.79 ? 93  LEU A N   1 
ATOM   710  C  CA  . LEU A 1 113 ? 3.658   8.548   14.435  1.00 26.88 ? 93  LEU A CA  1 
ATOM   711  C  C   . LEU A 1 113 ? 3.680   9.965   14.994  1.00 29.45 ? 93  LEU A C   1 
ATOM   712  O  O   . LEU A 1 113 ? 4.720   10.425  15.463  1.00 30.13 ? 93  LEU A O   1 
ATOM   713  C  CB  . LEU A 1 113 ? 4.150   8.568   12.985  1.00 25.01 ? 93  LEU A CB  1 
ATOM   714  C  CG  . LEU A 1 113 ? 4.409   7.202   12.341  1.00 22.93 ? 93  LEU A CG  1 
ATOM   715  C  CD1 . LEU A 1 113 ? 4.567   7.336   10.835  1.00 20.88 ? 93  LEU A CD1 1 
ATOM   716  C  CD2 . LEU A 1 113 ? 5.641   6.598   12.957  1.00 22.06 ? 93  LEU A CD2 1 
ATOM   717  N  N   . LYS A 1 114 ? 2.547   10.663  14.939  1.00 31.57 ? 94  LYS A N   1 
ATOM   718  C  CA  . LYS A 1 114 ? 2.474   12.036  15.443  1.00 33.74 ? 94  LYS A CA  1 
ATOM   719  C  C   . LYS A 1 114 ? 3.701   12.851  15.036  1.00 34.68 ? 94  LYS A C   1 
ATOM   720  O  O   . LYS A 1 114 ? 4.423   13.362  15.893  1.00 34.73 ? 94  LYS A O   1 
ATOM   721  C  CB  . LYS A 1 114 ? 2.359   12.038  16.969  1.00 34.60 ? 94  LYS A CB  1 
ATOM   722  C  CG  . LYS A 1 114 ? 1.055   11.476  17.508  1.00 37.16 ? 94  LYS A CG  1 
ATOM   723  C  CD  . LYS A 1 114 ? -0.099  12.455  17.301  1.00 38.36 ? 94  LYS A CD  1 
ATOM   724  C  CE  . LYS A 1 114 ? -1.433  11.844  17.728  1.00 38.60 ? 94  LYS A CE  1 
ATOM   725  N  NZ  . LYS A 1 114 ? -1.425  11.377  19.143  1.00 38.79 ? 94  LYS A NZ  1 
ATOM   726  N  N   . PRO A 1 115 ? 3.960   12.973  13.727  1.00 35.08 ? 95  PRO A N   1 
ATOM   727  C  CA  . PRO A 1 115 ? 5.110   13.733  13.227  1.00 35.60 ? 95  PRO A CA  1 
ATOM   728  C  C   . PRO A 1 115 ? 4.823   15.230  13.175  1.00 36.79 ? 95  PRO A C   1 
ATOM   729  O  O   . PRO A 1 115 ? 3.680   15.655  13.320  1.00 36.51 ? 95  PRO A O   1 
ATOM   730  C  CB  . PRO A 1 115 ? 5.315   13.155  11.837  1.00 34.76 ? 95  PRO A CB  1 
ATOM   731  C  CG  . PRO A 1 115 ? 3.903   12.937  11.387  1.00 34.45 ? 95  PRO A CG  1 
ATOM   732  C  CD  . PRO A 1 115 ? 3.257   12.305  12.612  1.00 35.14 ? 95  PRO A CD  1 
ATOM   733  N  N   . GLU A 1 116 ? 5.863   16.024  12.960  1.00 38.38 ? 96  GLU A N   1 
ATOM   734  C  CA  . GLU A 1 116 ? 5.687   17.466  12.869  1.00 41.24 ? 96  GLU A CA  1 
ATOM   735  C  C   . GLU A 1 116 ? 4.975   17.772  11.561  1.00 40.07 ? 96  GLU A C   1 
ATOM   736  O  O   . GLU A 1 116 ? 4.088   18.627  11.499  1.00 40.23 ? 96  GLU A O   1 
ATOM   737  C  CB  . GLU A 1 116 ? 7.045   18.173  12.905  1.00 45.92 ? 96  GLU A CB  1 
ATOM   738  C  CG  . GLU A 1 116 ? 7.864   17.884  14.163  1.00 52.38 ? 96  GLU A CG  1 
ATOM   739  C  CD  . GLU A 1 116 ? 9.118   18.740  14.265  1.00 55.90 ? 96  GLU A CD  1 
ATOM   740  O  OE1 . GLU A 1 116 ? 9.459   19.412  13.266  1.00 58.31 ? 96  GLU A OE1 1 
ATOM   741  O  OE2 . GLU A 1 116 ? 9.765   18.736  15.338  1.00 56.49 ? 96  GLU A OE2 1 
ATOM   742  N  N   . ILE A 1 117 ? 5.375   17.058  10.514  1.00 38.81 ? 97  ILE A N   1 
ATOM   743  C  CA  . ILE A 1 117 ? 4.776   17.225  9.198   1.00 36.75 ? 97  ILE A CA  1 
ATOM   744  C  C   . ILE A 1 117 ? 4.795   15.868  8.496   1.00 34.80 ? 97  ILE A C   1 
ATOM   745  O  O   . ILE A 1 117 ? 5.813   15.175  8.478   1.00 34.50 ? 97  ILE A O   1 
ATOM   746  C  CB  . ILE A 1 117 ? 5.555   18.274  8.369   1.00 36.99 ? 97  ILE A CB  1 
ATOM   747  C  CG1 . ILE A 1 117 ? 4.814   18.592  7.065   1.00 37.48 ? 97  ILE A CG1 1 
ATOM   748  C  CG2 . ILE A 1 117 ? 6.970   17.788  8.113   1.00 40.11 ? 97  ILE A CG2 1 
ATOM   749  C  CD1 . ILE A 1 117 ? 4.719   17.466  6.075   1.00 37.53 ? 97  ILE A CD1 1 
ATOM   750  N  N   . ALA A 1 118 ? 3.662   15.491  7.919   1.00 32.30 ? 98  ALA A N   1 
ATOM   751  C  CA  . ALA A 1 118 ? 3.549   14.214  7.233   1.00 29.55 ? 98  ALA A CA  1 
ATOM   752  C  C   . ALA A 1 118 ? 3.411   14.377  5.728   1.00 27.93 ? 98  ALA A C   1 
ATOM   753  O  O   . ALA A 1 118 ? 2.544   15.095  5.247   1.00 27.93 ? 98  ALA A O   1 
ATOM   754  C  CB  . ALA A 1 118 ? 2.358   13.438  7.787   1.00 28.58 ? 98  ALA A CB  1 
ATOM   755  N  N   . TYR A 1 119 ? 4.283   13.706  4.989   1.00 26.86 ? 99  TYR A N   1 
ATOM   756  C  CA  . TYR A 1 119 ? 4.243   13.746  3.538   1.00 26.86 ? 99  TYR A CA  1 
ATOM   757  C  C   . TYR A 1 119 ? 3.594   12.442  3.086   1.00 27.01 ? 99  TYR A C   1 
ATOM   758  O  O   . TYR A 1 119 ? 4.026   11.357  3.485   1.00 26.53 ? 99  TYR A O   1 
ATOM   759  C  CB  . TYR A 1 119 ? 5.658   13.871  2.967   1.00 28.34 ? 99  TYR A CB  1 
ATOM   760  C  CG  . TYR A 1 119 ? 6.379   15.127  3.404   1.00 30.73 ? 99  TYR A CG  1 
ATOM   761  C  CD1 . TYR A 1 119 ? 6.942   15.228  4.677   1.00 31.94 ? 99  TYR A CD1 1 
ATOM   762  C  CD2 . TYR A 1 119 ? 6.488   16.222  2.549   1.00 31.47 ? 99  TYR A CD2 1 
ATOM   763  C  CE1 . TYR A 1 119 ? 7.598   16.388  5.090   1.00 33.26 ? 99  TYR A CE1 1 
ATOM   764  C  CE2 . TYR A 1 119 ? 7.140   17.389  2.951   1.00 34.07 ? 99  TYR A CE2 1 
ATOM   765  C  CZ  . TYR A 1 119 ? 7.693   17.462  4.223   1.00 34.33 ? 99  TYR A CZ  1 
ATOM   766  O  OH  . TYR A 1 119 ? 8.342   18.602  4.624   1.00 36.36 ? 99  TYR A OH  1 
ATOM   767  N  N   . VAL A 1 120 ? 2.548   12.543  2.271   1.00 27.62 ? 100 VAL A N   1 
ATOM   768  C  CA  . VAL A 1 120 ? 1.838   11.352  1.817   1.00 28.85 ? 100 VAL A CA  1 
ATOM   769  C  C   . VAL A 1 120 ? 1.538   11.309  0.325   1.00 28.30 ? 100 VAL A C   1 
ATOM   770  O  O   . VAL A 1 120 ? 1.330   12.338  -0.317  1.00 28.63 ? 100 VAL A O   1 
ATOM   771  C  CB  . VAL A 1 120 ? 0.497   11.187  2.570   1.00 29.51 ? 100 VAL A CB  1 
ATOM   772  C  CG1 . VAL A 1 120 ? 0.719   11.330  4.068   1.00 31.01 ? 100 VAL A CG1 1 
ATOM   773  C  CG2 . VAL A 1 120 ? -0.501  12.213  2.086   1.00 32.02 ? 100 VAL A CG2 1 
ATOM   774  N  N   . ASP A 1 121 ? 1.514   10.096  -0.211  1.00 27.42 ? 101 ASP A N   1 
ATOM   775  C  CA  . ASP A 1 121 ? 1.221   9.865   -1.619  1.00 28.72 ? 101 ASP A CA  1 
ATOM   776  C  C   . ASP A 1 121 ? -0.261  10.153  -1.878  1.00 29.00 ? 101 ASP A C   1 
ATOM   777  O  O   . ASP A 1 121 ? -1.121  9.789   -1.076  1.00 29.84 ? 101 ASP A O   1 
ATOM   778  C  CB  . ASP A 1 121 ? 1.550   8.413   -1.974  1.00 28.70 ? 101 ASP A CB  1 
ATOM   779  C  CG  . ASP A 1 121 ? 1.193   8.065   -3.398  1.00 29.40 ? 101 ASP A CG  1 
ATOM   780  O  OD1 . ASP A 1 121 ? 0.048   7.631   -3.633  1.00 33.24 ? 101 ASP A OD1 1 
ATOM   781  O  OD2 . ASP A 1 121 ? 2.055   8.234   -4.283  1.00 29.44 ? 101 ASP A OD2 1 
ATOM   782  N  N   . SER A 1 122 ? -0.557  10.811  -2.991  1.00 28.76 ? 102 SER A N   1 
ATOM   783  C  CA  . SER A 1 122 ? -1.938  11.139  -3.324  1.00 29.35 ? 102 SER A CA  1 
ATOM   784  C  C   . SER A 1 122 ? -2.459  10.322  -4.505  1.00 29.84 ? 102 SER A C   1 
ATOM   785  O  O   . SER A 1 122 ? -1.915  10.389  -5.603  1.00 30.07 ? 102 SER A O   1 
ATOM   786  C  CB  . SER A 1 122 ? -2.061  12.638  -3.635  1.00 28.28 ? 102 SER A CB  1 
ATOM   787  O  OG  . SER A 1 122 ? -3.365  12.972  -4.088  1.00 27.16 ? 102 SER A OG  1 
ATOM   788  N  N   . PRO A 1 123 ? -3.525  9.532   -4.290  1.00 30.79 ? 103 PRO A N   1 
ATOM   789  C  CA  . PRO A 1 123 ? -4.085  8.726   -5.375  1.00 32.09 ? 103 PRO A CA  1 
ATOM   790  C  C   . PRO A 1 123 ? -4.442  9.634   -6.552  1.00 33.52 ? 103 PRO A C   1 
ATOM   791  O  O   . PRO A 1 123 ? -4.264  9.270   -7.715  1.00 33.15 ? 103 PRO A O   1 
ATOM   792  C  CB  . PRO A 1 123 ? -5.332  8.106   -4.741  1.00 32.29 ? 103 PRO A CB  1 
ATOM   793  C  CG  . PRO A 1 123 ? -4.991  8.050   -3.283  1.00 30.68 ? 103 PRO A CG  1 
ATOM   794  C  CD  . PRO A 1 123 ? -4.300  9.360   -3.048  1.00 31.19 ? 103 PRO A CD  1 
ATOM   795  N  N   . ASP A 1 124 ? -4.947  10.822  -6.234  1.00 35.76 ? 104 ASP A N   1 
ATOM   796  C  CA  . ASP A 1 124 ? -5.334  11.786  -7.253  1.00 37.92 ? 104 ASP A CA  1 
ATOM   797  C  C   . ASP A 1 124 ? -4.210  12.751  -7.601  1.00 38.96 ? 104 ASP A C   1 
ATOM   798  O  O   . ASP A 1 124 ? -3.455  13.188  -6.730  1.00 38.34 ? 104 ASP A O   1 
ATOM   799  C  CB  . ASP A 1 124 ? -6.559  12.580  -6.794  1.00 38.46 ? 104 ASP A CB  1 
ATOM   800  C  CG  . ASP A 1 124 ? -7.786  11.709  -6.642  1.00 41.67 ? 104 ASP A CG  1 
ATOM   801  O  OD1 . ASP A 1 124 ? -8.127  10.985  -7.606  1.00 41.98 ? 104 ASP A OD1 1 
ATOM   802  O  OD2 . ASP A 1 124 ? -8.410  11.748  -5.560  1.00 43.53 ? 104 ASP A OD2 1 
ATOM   803  N  N   . VAL A 1 125 ? -4.113  13.077  -8.889  1.00 39.82 ? 105 VAL A N   1 
ATOM   804  C  CA  . VAL A 1 125 ? -3.094  13.993  -9.382  1.00 40.56 ? 105 VAL A CA  1 
ATOM   805  C  C   . VAL A 1 125 ? -3.142  15.298  -8.607  1.00 40.33 ? 105 VAL A C   1 
ATOM   806  O  O   . VAL A 1 125 ? -2.104  15.905  -8.332  1.00 41.55 ? 105 VAL A O   1 
ATOM   807  C  CB  . VAL A 1 125 ? -3.296  14.291  -10.880 1.00 41.59 ? 105 VAL A CB  1 
ATOM   808  C  CG1 . VAL A 1 125 ? -2.866  13.091  -11.708 1.00 41.48 ? 105 VAL A CG1 1 
ATOM   809  C  CG2 . VAL A 1 125 ? -4.759  14.620  -11.150 1.00 41.54 ? 105 VAL A CG2 1 
ATOM   810  N  N   . ILE A 1 126 ? -4.351  15.725  -8.254  1.00 40.36 ? 106 ILE A N   1 
ATOM   811  C  CA  . ILE A 1 126 ? -4.547  16.956  -7.494  1.00 40.54 ? 106 ILE A CA  1 
ATOM   812  C  C   . ILE A 1 126 ? -4.623  16.566  -6.015  1.00 39.85 ? 106 ILE A C   1 
ATOM   813  O  O   . ILE A 1 126 ? -5.587  15.937  -5.577  1.00 38.15 ? 106 ILE A O   1 
ATOM   814  C  CB  . ILE A 1 126 ? -5.838  17.662  -7.946  1.00 42.55 ? 106 ILE A CB  1 
ATOM   815  C  CG1 . ILE A 1 126 ? -5.839  17.768  -9.475  1.00 43.47 ? 106 ILE A CG1 1 
ATOM   816  C  CG2 . ILE A 1 126 ? -5.928  19.057  -7.330  1.00 42.27 ? 106 ILE A CG2 1 
ATOM   817  C  CD1 . ILE A 1 126 ? -7.104  18.366  -10.062 1.00 46.18 ? 106 ILE A CD1 1 
ATOM   818  N  N   . PRO A 1 127 ? -3.587  16.930  -5.233  1.00 39.93 ? 107 PRO A N   1 
ATOM   819  C  CA  . PRO A 1 127 ? -3.384  16.679  -3.798  1.00 40.07 ? 107 PRO A CA  1 
ATOM   820  C  C   . PRO A 1 127 ? -4.049  17.573  -2.751  1.00 39.53 ? 107 PRO A C   1 
ATOM   821  O  O   . PRO A 1 127 ? -4.275  17.130  -1.627  1.00 40.15 ? 107 PRO A O   1 
ATOM   822  C  CB  . PRO A 1 127 ? -1.857  16.738  -3.644  1.00 39.22 ? 107 PRO A CB  1 
ATOM   823  C  CG  . PRO A 1 127 ? -1.321  16.685  -5.060  1.00 39.90 ? 107 PRO A CG  1 
ATOM   824  C  CD  . PRO A 1 127 ? -2.345  17.453  -5.822  1.00 39.55 ? 107 PRO A CD  1 
ATOM   825  N  N   . GLU A 1 128 ? -4.339  18.822  -3.101  1.00 39.25 ? 108 GLU A N   1 
ATOM   826  C  CA  . GLU A 1 128 ? -4.927  19.769  -2.150  1.00 37.50 ? 108 GLU A CA  1 
ATOM   827  C  C   . GLU A 1 128 ? -6.011  19.220  -1.229  1.00 34.93 ? 108 GLU A C   1 
ATOM   828  O  O   . GLU A 1 128 ? -5.930  19.369  -0.009  1.00 35.08 ? 108 GLU A O   1 
ATOM   829  C  CB  . GLU A 1 128 ? -5.486  21.001  -2.880  1.00 40.28 ? 108 GLU A CB  1 
ATOM   830  C  CG  . GLU A 1 128 ? -5.132  21.123  -4.356  1.00 43.55 ? 108 GLU A CG  1 
ATOM   831  C  CD  . GLU A 1 128 ? -3.638  21.094  -4.626  1.00 44.73 ? 108 GLU A CD  1 
ATOM   832  O  OE1 . GLU A 1 128 ? -2.883  21.832  -3.953  1.00 45.42 ? 108 GLU A OE1 1 
ATOM   833  O  OE2 . GLU A 1 128 ? -3.223  20.335  -5.524  1.00 46.48 ? 108 GLU A OE2 1 
ATOM   834  N  N   . ARG A 1 129 ? -7.025  18.587  -1.807  1.00 31.82 ? 109 ARG A N   1 
ATOM   835  C  CA  . ARG A 1 129 ? -8.132  18.057  -1.022  1.00 30.40 ? 109 ARG A CA  1 
ATOM   836  C  C   . ARG A 1 129 ? -7.716  17.034  0.038   1.00 28.49 ? 109 ARG A C   1 
ATOM   837  O  O   . ARG A 1 129 ? -8.102  17.153  1.199   1.00 27.90 ? 109 ARG A O   1 
ATOM   838  C  CB  . ARG A 1 129 ? -9.185  17.457  -1.957  1.00 31.71 ? 109 ARG A CB  1 
ATOM   839  C  CG  . ARG A 1 129 ? -10.462 17.033  -1.262  1.00 32.50 ? 109 ARG A CG  1 
ATOM   840  C  CD  . ARG A 1 129 ? -11.534 16.667  -2.272  1.00 34.34 ? 109 ARG A CD  1 
ATOM   841  N  NE  . ARG A 1 129 ? -12.691 16.051  -1.633  1.00 35.81 ? 109 ARG A NE  1 
ATOM   842  C  CZ  . ARG A 1 129 ? -13.817 15.743  -2.266  1.00 38.95 ? 109 ARG A CZ  1 
ATOM   843  N  NH1 . ARG A 1 129 ? -13.948 15.999  -3.563  1.00 40.66 ? 109 ARG A NH1 1 
ATOM   844  N  NH2 . ARG A 1 129 ? -14.808 15.159  -1.608  1.00 39.95 ? 109 ARG A NH2 1 
ATOM   845  N  N   . LEU A 1 130 ? -6.932  16.034  -0.358  1.00 28.25 ? 110 LEU A N   1 
ATOM   846  C  CA  . LEU A 1 130 ? -6.472  15.013  0.579   1.00 27.79 ? 110 LEU A CA  1 
ATOM   847  C  C   . LEU A 1 130 ? -5.677  15.676  1.708   1.00 28.49 ? 110 LEU A C   1 
ATOM   848  O  O   . LEU A 1 130 ? -5.842  15.338  2.880   1.00 27.83 ? 110 LEU A O   1 
ATOM   849  C  CB  . LEU A 1 130 ? -5.601  13.975  -0.145  1.00 27.09 ? 110 LEU A CB  1 
ATOM   850  C  CG  . LEU A 1 130 ? -5.023  12.806  0.677   1.00 26.37 ? 110 LEU A CG  1 
ATOM   851  C  CD1 . LEU A 1 130 ? -6.145  11.963  1.268   1.00 23.51 ? 110 LEU A CD1 1 
ATOM   852  C  CD2 . LEU A 1 130 ? -4.125  11.947  -0.217  1.00 25.55 ? 110 LEU A CD2 1 
ATOM   853  N  N   . SER A 1 131 ? -4.822  16.630  1.354   1.00 30.69 ? 111 SER A N   1 
ATOM   854  C  CA  . SER A 1 131 ? -4.028  17.341  2.348   1.00 32.17 ? 111 SER A CA  1 
ATOM   855  C  C   . SER A 1 131 ? -4.945  17.999  3.368   1.00 32.22 ? 111 SER A C   1 
ATOM   856  O  O   . SER A 1 131 ? -4.717  17.895  4.573   1.00 33.42 ? 111 SER A O   1 
ATOM   857  C  CB  . SER A 1 131 ? -3.167  18.408  1.678   1.00 33.22 ? 111 SER A CB  1 
ATOM   858  O  OG  . SER A 1 131 ? -2.331  17.823  0.698   1.00 38.23 ? 111 SER A OG  1 
ATOM   859  N  N   . ARG A 1 132 ? -5.980  18.677  2.880   1.00 32.58 ? 112 ARG A N   1 
ATOM   860  C  CA  . ARG A 1 132 ? -6.937  19.346  3.759   1.00 32.57 ? 112 ARG A CA  1 
ATOM   861  C  C   . ARG A 1 132 ? -7.630  18.362  4.683   1.00 31.24 ? 112 ARG A C   1 
ATOM   862  O  O   . ARG A 1 132 ? -7.572  18.489  5.902   1.00 32.64 ? 112 ARG A O   1 
ATOM   863  C  CB  . ARG A 1 132 ? -8.016  20.075  2.948   1.00 33.57 ? 112 ARG A CB  1 
ATOM   864  C  CG  . ARG A 1 132 ? -7.688  21.502  2.580   1.00 34.23 ? 112 ARG A CG  1 
ATOM   865  C  CD  . ARG A 1 132 ? -8.966  22.290  2.306   1.00 35.85 ? 112 ARG A CD  1 
ATOM   866  N  NE  . ARG A 1 132 ? -9.710  21.804  1.147   1.00 35.01 ? 112 ARG A NE  1 
ATOM   867  C  CZ  . ARG A 1 132 ? -9.285  21.895  -0.111  1.00 36.42 ? 112 ARG A CZ  1 
ATOM   868  N  NH1 . ARG A 1 132 ? -8.114  22.455  -0.382  1.00 36.42 ? 112 ARG A NH1 1 
ATOM   869  N  NH2 . ARG A 1 132 ? -10.041 21.435  -1.099  1.00 37.16 ? 112 ARG A NH2 1 
ATOM   870  N  N   . GLU A 1 133 ? -8.292  17.380  4.087   1.00 30.40 ? 113 GLU A N   1 
ATOM   871  C  CA  . GLU A 1 133 ? -9.030  16.385  4.849   1.00 30.48 ? 113 GLU A CA  1 
ATOM   872  C  C   . GLU A 1 133 ? -8.168  15.669  5.877   1.00 30.07 ? 113 GLU A C   1 
ATOM   873  O  O   . GLU A 1 133 ? -8.634  15.336  6.966   1.00 29.27 ? 113 GLU A O   1 
ATOM   874  C  CB  . GLU A 1 133 ? -9.693  15.394  3.882   1.00 30.88 ? 113 GLU A CB  1 
ATOM   875  C  CG  . GLU A 1 133 ? -10.698 16.088  2.961   1.00 31.11 ? 113 GLU A CG  1 
ATOM   876  C  CD  . GLU A 1 133 ? -11.297 15.180  1.904   1.00 32.74 ? 113 GLU A CD  1 
ATOM   877  O  OE1 . GLU A 1 133 ? -12.236 15.633  1.209   1.00 32.93 ? 113 GLU A OE1 1 
ATOM   878  O  OE2 . GLU A 1 133 ? -10.840 14.026  1.761   1.00 33.56 ? 113 GLU A OE2 1 
ATOM   879  N  N   . LEU A 1 134 ? -6.904  15.448  5.537   1.00 31.09 ? 114 LEU A N   1 
ATOM   880  C  CA  . LEU A 1 134 ? -5.981  14.777  6.441   1.00 30.45 ? 114 LEU A CA  1 
ATOM   881  C  C   . LEU A 1 134 ? -5.587  15.697  7.597   1.00 30.70 ? 114 LEU A C   1 
ATOM   882  O  O   . LEU A 1 134 ? -5.555  15.269  8.749   1.00 30.50 ? 114 LEU A O   1 
ATOM   883  C  CB  . LEU A 1 134 ? -4.745  14.320  5.667   1.00 30.53 ? 114 LEU A CB  1 
ATOM   884  C  CG  . LEU A 1 134 ? -4.421  12.823  5.653   1.00 31.50 ? 114 LEU A CG  1 
ATOM   885  C  CD1 . LEU A 1 134 ? -5.679  11.988  5.796   1.00 29.43 ? 114 LEU A CD1 1 
ATOM   886  C  CD2 . LEU A 1 134 ? -3.685  12.493  4.357   1.00 30.34 ? 114 LEU A CD2 1 
ATOM   887  N  N   . GLU A 1 135 ? -5.290  16.960  7.294   1.00 32.20 ? 115 GLU A N   1 
ATOM   888  C  CA  . GLU A 1 135 ? -4.920  17.907  8.343   1.00 34.09 ? 115 GLU A CA  1 
ATOM   889  C  C   . GLU A 1 135 ? -6.118  18.094  9.256   1.00 34.26 ? 115 GLU A C   1 
ATOM   890  O  O   . GLU A 1 135 ? -5.983  18.207  10.472  1.00 36.37 ? 115 GLU A O   1 
ATOM   891  C  CB  . GLU A 1 135 ? -4.507  19.259  7.754   1.00 35.29 ? 115 GLU A CB  1 
ATOM   892  C  CG  . GLU A 1 135 ? -3.293  19.191  6.847   1.00 38.73 ? 115 GLU A CG  1 
ATOM   893  C  CD  . GLU A 1 135 ? -2.576  20.526  6.713   1.00 39.95 ? 115 GLU A CD  1 
ATOM   894  O  OE1 . GLU A 1 135 ? -1.910  20.946  7.684   1.00 42.02 ? 115 GLU A OE1 1 
ATOM   895  O  OE2 . GLU A 1 135 ? -2.679  21.156  5.641   1.00 39.88 ? 115 GLU A OE2 1 
ATOM   896  N  N   . GLU A 1 136 ? -7.299  18.108  8.656   1.00 34.31 ? 116 GLU A N   1 
ATOM   897  C  CA  . GLU A 1 136 ? -8.531  18.266  9.406   1.00 35.03 ? 116 GLU A CA  1 
ATOM   898  C  C   . GLU A 1 136 ? -8.690  17.093  10.382  1.00 34.29 ? 116 GLU A C   1 
ATOM   899  O  O   . GLU A 1 136 ? -8.919  17.289  11.577  1.00 34.35 ? 116 GLU A O   1 
ATOM   900  C  CB  . GLU A 1 136 ? -9.704  18.324  8.424   1.00 37.01 ? 116 GLU A CB  1 
ATOM   901  C  CG  . GLU A 1 136 ? -11.006 18.851  8.988   1.00 40.51 ? 116 GLU A CG  1 
ATOM   902  C  CD  . GLU A 1 136 ? -11.694 17.856  9.880   1.00 43.43 ? 116 GLU A CD  1 
ATOM   903  O  OE1 . GLU A 1 136 ? -11.949 16.724  9.416   1.00 45.69 ? 116 GLU A OE1 1 
ATOM   904  O  OE2 . GLU A 1 136 ? -11.985 18.206  11.042  1.00 44.76 ? 116 GLU A OE2 1 
ATOM   905  N  N   . ILE A 1 137 ? -8.534  15.874  9.873   1.00 32.95 ? 117 ILE A N   1 
ATOM   906  C  CA  . ILE A 1 137 ? -8.670  14.677  10.697  1.00 31.11 ? 117 ILE A CA  1 
ATOM   907  C  C   . ILE A 1 137 ? -7.572  14.528  11.743  1.00 30.97 ? 117 ILE A C   1 
ATOM   908  O  O   . ILE A 1 137 ? -7.850  14.273  12.912  1.00 31.35 ? 117 ILE A O   1 
ATOM   909  C  CB  . ILE A 1 137 ? -8.664  13.392  9.830   1.00 30.59 ? 117 ILE A CB  1 
ATOM   910  C  CG1 . ILE A 1 137 ? -9.842  13.400  8.855   1.00 30.02 ? 117 ILE A CG1 1 
ATOM   911  C  CG2 . ILE A 1 137 ? -8.731  12.164  10.724  1.00 30.75 ? 117 ILE A CG2 1 
ATOM   912  C  CD1 . ILE A 1 137 ? -9.842  12.236  7.876   1.00 27.99 ? 117 ILE A CD1 1 
ATOM   913  N  N   . THR A 1 138 ? -6.323  14.689  11.326  1.00 30.85 ? 118 THR A N   1 
ATOM   914  C  CA  . THR A 1 138 ? -5.197  14.521  12.234  1.00 31.65 ? 118 THR A CA  1 
ATOM   915  C  C   . THR A 1 138 ? -4.851  15.729  13.082  1.00 32.56 ? 118 THR A C   1 
ATOM   916  O  O   . THR A 1 138 ? -4.240  15.585  14.140  1.00 32.85 ? 118 THR A O   1 
ATOM   917  C  CB  . THR A 1 138 ? -3.928  14.124  11.476  1.00 30.37 ? 118 THR A CB  1 
ATOM   918  O  OG1 . THR A 1 138 ? -3.527  15.202  10.621  1.00 31.93 ? 118 THR A OG1 1 
ATOM   919  C  CG2 . THR A 1 138 ? -4.181  12.883  10.645  1.00 29.90 ? 118 THR A CG2 1 
ATOM   920  N  N   . GLY A 1 139 ? -5.237  16.916  12.622  1.00 33.44 ? 119 GLY A N   1 
ATOM   921  C  CA  . GLY A 1 139 ? -4.917  18.120  13.363  1.00 33.39 ? 119 GLY A CA  1 
ATOM   922  C  C   . GLY A 1 139 ? -3.414  18.311  13.331  1.00 34.46 ? 119 GLY A C   1 
ATOM   923  O  O   . GLY A 1 139 ? -2.832  18.966  14.197  1.00 34.44 ? 119 GLY A O   1 
ATOM   924  N  N   . LEU A 1 140 ? -2.783  17.720  12.320  1.00 34.61 ? 120 LEU A N   1 
ATOM   925  C  CA  . LEU A 1 140 ? -1.339  17.801  12.145  1.00 35.06 ? 120 LEU A CA  1 
ATOM   926  C  C   . LEU A 1 140 ? -1.035  18.347  10.759  1.00 34.66 ? 120 LEU A C   1 
ATOM   927  O  O   . LEU A 1 140 ? -1.920  18.445  9.912   1.00 35.89 ? 120 LEU A O   1 
ATOM   928  C  CB  . LEU A 1 140 ? -0.707  16.410  12.313  1.00 35.33 ? 120 LEU A CB  1 
ATOM   929  C  CG  . LEU A 1 140 ? -0.795  15.758  13.703  1.00 35.24 ? 120 LEU A CG  1 
ATOM   930  C  CD1 . LEU A 1 140 ? -0.612  14.257  13.601  1.00 35.24 ? 120 LEU A CD1 1 
ATOM   931  C  CD2 . LEU A 1 140 ? 0.258   16.358  14.619  1.00 36.49 ? 120 LEU A CD2 1 
ATOM   932  N  N   . ARG A 1 141 ? 0.223   18.701  10.535  1.00 35.22 ? 121 ARG A N   1 
ATOM   933  C  CA  . ARG A 1 141 ? 0.658   19.235  9.251   1.00 35.63 ? 121 ARG A CA  1 
ATOM   934  C  C   . ARG A 1 141 ? 0.756   18.085  8.236   1.00 34.35 ? 121 ARG A C   1 
ATOM   935  O  O   . ARG A 1 141 ? 1.353   17.046  8.518   1.00 33.96 ? 121 ARG A O   1 
ATOM   936  C  CB  . ARG A 1 141 ? 2.013   19.922  9.430   1.00 38.84 ? 121 ARG A CB  1 
ATOM   937  C  CG  . ARG A 1 141 ? 2.526   20.607  8.190   1.00 43.28 ? 121 ARG A CG  1 
ATOM   938  C  CD  . ARG A 1 141 ? 1.562   21.668  7.721   1.00 46.73 ? 121 ARG A CD  1 
ATOM   939  N  NE  . ARG A 1 141 ? 1.898   22.119  6.379   1.00 50.25 ? 121 ARG A NE  1 
ATOM   940  C  CZ  . ARG A 1 141 ? 1.124   22.911  5.648   1.00 52.64 ? 121 ARG A CZ  1 
ATOM   941  N  NH1 . ARG A 1 141 ? -0.034  23.339  6.137   1.00 53.92 ? 121 ARG A NH1 1 
ATOM   942  N  NH2 . ARG A 1 141 ? 1.504   23.264  4.427   1.00 54.24 ? 121 ARG A NH2 1 
ATOM   943  N  N   . VAL A 1 142 ? 0.162   18.268  7.061   1.00 32.64 ? 122 VAL A N   1 
ATOM   944  C  CA  . VAL A 1 142 ? 0.169   17.218  6.045   1.00 31.30 ? 122 VAL A CA  1 
ATOM   945  C  C   . VAL A 1 142 ? 0.373   17.733  4.622   1.00 31.23 ? 122 VAL A C   1 
ATOM   946  O  O   . VAL A 1 142 ? -0.359  18.601  4.153   1.00 32.04 ? 122 VAL A O   1 
ATOM   947  C  CB  . VAL A 1 142 ? -1.158  16.409  6.079   1.00 30.92 ? 122 VAL A CB  1 
ATOM   948  C  CG1 . VAL A 1 142 ? -1.119  15.289  5.051   1.00 28.91 ? 122 VAL A CG1 1 
ATOM   949  C  CG2 . VAL A 1 142 ? -1.394  15.844  7.472   1.00 29.66 ? 122 VAL A CG2 1 
ATOM   950  N  N   . VAL A 1 143 ? 1.370   17.178  3.941   1.00 30.92 ? 123 VAL A N   1 
ATOM   951  C  CA  . VAL A 1 143 ? 1.679   17.551  2.567   1.00 31.49 ? 123 VAL A CA  1 
ATOM   952  C  C   . VAL A 1 143 ? 1.549   16.308  1.694   1.00 33.59 ? 123 VAL A C   1 
ATOM   953  O  O   . VAL A 1 143 ? 2.307   15.347  1.852   1.00 33.27 ? 123 VAL A O   1 
ATOM   954  C  CB  . VAL A 1 143 ? 3.114   18.090  2.434   1.00 31.22 ? 123 VAL A CB  1 
ATOM   955  C  CG1 . VAL A 1 143 ? 3.430   18.362  0.975   1.00 29.21 ? 123 VAL A CG1 1 
ATOM   956  C  CG2 . VAL A 1 143 ? 3.271   19.355  3.263   1.00 32.02 ? 123 VAL A CG2 1 
ATOM   957  N  N   . ALA A 1 144 ? 0.593   16.332  0.771   1.00 33.87 ? 124 ALA A N   1 
ATOM   958  C  CA  . ALA A 1 144 ? 0.353   15.197  -0.112  1.00 34.37 ? 124 ALA A CA  1 
ATOM   959  C  C   . ALA A 1 144 ? 0.722   15.502  -1.563  1.00 34.43 ? 124 ALA A C   1 
ATOM   960  O  O   . ALA A 1 144 ? 0.638   16.643  -2.010  1.00 34.50 ? 124 ALA A O   1 
ATOM   961  C  CB  . ALA A 1 144 ? -1.117  14.779  -0.023  1.00 34.16 ? 124 ALA A CB  1 
ATOM   962  N  N   . GLU A 1 145 ? 1.133   14.474  -2.296  1.00 35.17 ? 125 GLU A N   1 
ATOM   963  C  CA  . GLU A 1 145 ? 1.484   14.637  -3.700  1.00 35.40 ? 125 GLU A CA  1 
ATOM   964  C  C   . GLU A 1 145 ? 1.358   13.321  -4.454  1.00 34.53 ? 125 GLU A C   1 
ATOM   965  O  O   . GLU A 1 145 ? 1.654   12.252  -3.922  1.00 33.75 ? 125 GLU A O   1 
ATOM   966  C  CB  . GLU A 1 145 ? 2.914   15.150  -3.847  1.00 38.59 ? 125 GLU A CB  1 
ATOM   967  C  CG  . GLU A 1 145 ? 3.242   15.609  -5.265  1.00 47.00 ? 125 GLU A CG  1 
ATOM   968  C  CD  . GLU A 1 145 ? 4.731   15.809  -5.509  1.00 52.09 ? 125 GLU A CD  1 
ATOM   969  O  OE1 . GLU A 1 145 ? 5.386   16.494  -4.682  1.00 54.76 ? 125 GLU A OE1 1 
ATOM   970  O  OE2 . GLU A 1 145 ? 5.236   15.288  -6.536  1.00 54.03 ? 125 GLU A OE2 1 
ATOM   971  N  N   . HIS A 1 146 ? 0.908   13.404  -5.699  1.00 32.89 ? 126 HIS A N   1 
ATOM   972  C  CA  . HIS A 1 146 ? 0.771   12.225  -6.531  1.00 32.54 ? 126 HIS A CA  1 
ATOM   973  C  C   . HIS A 1 146 ? 2.202   11.749  -6.814  1.00 33.24 ? 126 HIS A C   1 
ATOM   974  O  O   . HIS A 1 146 ? 3.065   12.554  -7.174  1.00 34.26 ? 126 HIS A O   1 
ATOM   975  C  CB  . HIS A 1 146 ? 0.045   12.601  -7.822  1.00 31.33 ? 126 HIS A CB  1 
ATOM   976  C  CG  . HIS A 1 146 ? -0.345  11.431  -8.668  1.00 30.02 ? 126 HIS A CG  1 
ATOM   977  N  ND1 . HIS A 1 146 ? 0.417   10.995  -9.730  1.00 29.76 ? 126 HIS A ND1 1 
ATOM   978  C  CD2 . HIS A 1 146 ? -1.416  10.609  -8.606  1.00 28.53 ? 126 HIS A CD2 1 
ATOM   979  C  CE1 . HIS A 1 146 ? -0.171  9.952   -10.287 1.00 30.29 ? 126 HIS A CE1 1 
ATOM   980  N  NE2 . HIS A 1 146 ? -1.285  9.696   -9.625  1.00 30.15 ? 126 HIS A NE2 1 
ATOM   981  N  N   . LYS A 1 147 ? 2.446   10.449  -6.641  1.00 32.75 ? 127 LYS A N   1 
ATOM   982  C  CA  . LYS A 1 147 ? 3.775   9.864   -6.845  1.00 32.46 ? 127 LYS A CA  1 
ATOM   983  C  C   . LYS A 1 147 ? 4.807   10.527  -5.929  1.00 30.45 ? 127 LYS A C   1 
ATOM   984  O  O   . LYS A 1 147 ? 5.888   10.924  -6.370  1.00 27.98 ? 127 LYS A O   1 
ATOM   985  C  CB  . LYS A 1 147 ? 4.224   10.017  -8.301  1.00 35.02 ? 127 LYS A CB  1 
ATOM   986  C  CG  . LYS A 1 147 ? 3.412   9.231   -9.309  1.00 38.15 ? 127 LYS A CG  1 
ATOM   987  C  CD  . LYS A 1 147 ? 4.041   9.360   -10.687 1.00 40.13 ? 127 LYS A CD  1 
ATOM   988  C  CE  . LYS A 1 147 ? 3.270   8.584   -11.734 1.00 42.49 ? 127 LYS A CE  1 
ATOM   989  N  NZ  . LYS A 1 147 ? 3.981   8.602   -13.047 1.00 44.65 ? 127 LYS A NZ  1 
ATOM   990  N  N   . ALA A 1 148 ? 4.460   10.636  -4.650  1.00 29.70 ? 128 ALA A N   1 
ATOM   991  C  CA  . ALA A 1 148 ? 5.325   11.258  -3.654  1.00 27.78 ? 128 ALA A CA  1 
ATOM   992  C  C   . ALA A 1 148 ? 6.605   10.474  -3.377  1.00 28.43 ? 128 ALA A C   1 
ATOM   993  O  O   . ALA A 1 148 ? 7.613   11.056  -2.968  1.00 26.34 ? 128 ALA A O   1 
ATOM   994  C  CB  . ALA A 1 148 ? 4.550   11.454  -2.363  1.00 26.18 ? 128 ALA A CB  1 
ATOM   995  N  N   . ASP A 1 149 ? 6.574   9.161   -3.592  1.00 29.96 ? 129 ASP A N   1 
ATOM   996  C  CA  . ASP A 1 149 ? 7.755   8.343   -3.338  1.00 32.14 ? 129 ASP A CA  1 
ATOM   997  C  C   . ASP A 1 149 ? 8.883   8.678   -4.304  1.00 34.38 ? 129 ASP A C   1 
ATOM   998  O  O   . ASP A 1 149 ? 10.030  8.280   -4.097  1.00 35.22 ? 129 ASP A O   1 
ATOM   999  C  CB  . ASP A 1 149 ? 7.413   6.846   -3.412  1.00 31.98 ? 129 ASP A CB  1 
ATOM   1000 C  CG  . ASP A 1 149 ? 6.997   6.394   -4.801  1.00 33.06 ? 129 ASP A CG  1 
ATOM   1001 O  OD1 . ASP A 1 149 ? 6.875   7.240   -5.712  1.00 36.53 ? 129 ASP A OD1 1 
ATOM   1002 O  OD2 . ASP A 1 149 ? 6.787   5.176   -4.977  1.00 34.44 ? 129 ASP A OD2 1 
ATOM   1003 N  N   . GLU A 1 150 ? 8.559   9.416   -5.359  1.00 36.28 ? 130 GLU A N   1 
ATOM   1004 C  CA  . GLU A 1 150 ? 9.569   9.813   -6.330  1.00 38.06 ? 130 GLU A CA  1 
ATOM   1005 C  C   . GLU A 1 150 ? 10.086  11.213  -6.021  1.00 37.86 ? 130 GLU A C   1 
ATOM   1006 O  O   . GLU A 1 150 ? 10.889  11.763  -6.770  1.00 39.27 ? 130 GLU A O   1 
ATOM   1007 C  CB  . GLU A 1 150 ? 8.993   9.772   -7.741  1.00 40.02 ? 130 GLU A CB  1 
ATOM   1008 C  CG  . GLU A 1 150 ? 8.770   8.364   -8.259  1.00 43.87 ? 130 GLU A CG  1 
ATOM   1009 C  CD  . GLU A 1 150 ? 7.974   8.335   -9.547  1.00 46.36 ? 130 GLU A CD  1 
ATOM   1010 O  OE1 . GLU A 1 150 ? 8.329   9.075   -10.488 1.00 48.25 ? 130 GLU A OE1 1 
ATOM   1011 O  OE2 . GLU A 1 150 ? 6.989   7.568   -9.618  1.00 48.65 ? 130 GLU A OE2 1 
ATOM   1012 N  N   . LYS A 1 151 ? 9.636   11.781  -4.908  1.00 37.85 ? 131 LYS A N   1 
ATOM   1013 C  CA  . LYS A 1 151 ? 10.064  13.117  -4.520  1.00 38.62 ? 131 LYS A CA  1 
ATOM   1014 C  C   . LYS A 1 151 ? 10.493  13.262  -3.064  1.00 37.50 ? 131 LYS A C   1 
ATOM   1015 O  O   . LYS A 1 151 ? 11.182  14.213  -2.710  1.00 37.40 ? 131 LYS A O   1 
ATOM   1016 C  CB  . LYS A 1 151 ? 8.961   14.135  -4.826  1.00 41.61 ? 131 LYS A CB  1 
ATOM   1017 C  CG  . LYS A 1 151 ? 9.322   15.562  -4.406  1.00 44.85 ? 131 LYS A CG  1 
ATOM   1018 C  CD  . LYS A 1 151 ? 8.251   16.564  -4.812  1.00 47.35 ? 131 LYS A CD  1 
ATOM   1019 C  CE  . LYS A 1 151 ? 8.588   17.959  -4.321  1.00 48.75 ? 131 LYS A CE  1 
ATOM   1020 N  NZ  . LYS A 1 151 ? 7.533   18.936  -4.705  1.00 48.89 ? 131 LYS A NZ  1 
ATOM   1021 N  N   . TYR A 1 152 ? 10.081  12.332  -2.210  1.00 36.22 ? 132 TYR A N   1 
ATOM   1022 C  CA  . TYR A 1 152 ? 10.450  12.416  -0.799  1.00 34.25 ? 132 TYR A CA  1 
ATOM   1023 C  C   . TYR A 1 152 ? 11.039  11.121  -0.261  1.00 33.52 ? 132 TYR A C   1 
ATOM   1024 O  O   . TYR A 1 152 ? 10.384  10.081  -0.275  1.00 32.78 ? 132 TYR A O   1 
ATOM   1025 C  CB  . TYR A 1 152 ? 9.239   12.797  0.056   1.00 35.51 ? 132 TYR A CB  1 
ATOM   1026 C  CG  . TYR A 1 152 ? 8.623   14.142  -0.254  1.00 37.14 ? 132 TYR A CG  1 
ATOM   1027 C  CD1 . TYR A 1 152 ? 7.538   14.257  -1.125  1.00 37.74 ? 132 TYR A CD1 1 
ATOM   1028 C  CD2 . TYR A 1 152 ? 9.111   15.301  0.348   1.00 38.73 ? 132 TYR A CD2 1 
ATOM   1029 C  CE1 . TYR A 1 152 ? 6.953   15.502  -1.387  1.00 38.98 ? 132 TYR A CE1 1 
ATOM   1030 C  CE2 . TYR A 1 152 ? 8.538   16.548  0.094   1.00 39.04 ? 132 TYR A CE2 1 
ATOM   1031 C  CZ  . TYR A 1 152 ? 7.462   16.643  -0.770  1.00 39.98 ? 132 TYR A CZ  1 
ATOM   1032 O  OH  . TYR A 1 152 ? 6.891   17.874  -1.007  1.00 39.64 ? 132 TYR A OH  1 
ATOM   1033 N  N   . PRO A 1 153 ? 12.294  11.171  0.226   1.00 32.50 ? 133 PRO A N   1 
ATOM   1034 C  CA  . PRO A 1 153 ? 12.999  10.017  0.787   1.00 30.75 ? 133 PRO A CA  1 
ATOM   1035 C  C   . PRO A 1 153 ? 12.168  9.249   1.811   1.00 29.80 ? 133 PRO A C   1 
ATOM   1036 O  O   . PRO A 1 153 ? 12.132  8.017   1.784   1.00 30.08 ? 133 PRO A O   1 
ATOM   1037 C  CB  . PRO A 1 153 ? 14.241  10.653  1.390   1.00 30.04 ? 133 PRO A CB  1 
ATOM   1038 C  CG  . PRO A 1 153 ? 14.562  11.702  0.382   1.00 30.00 ? 133 PRO A CG  1 
ATOM   1039 C  CD  . PRO A 1 153 ? 13.201  12.329  0.126   1.00 32.66 ? 133 PRO A CD  1 
ATOM   1040 N  N   . LEU A 1 154 ? 11.509  9.974   2.708   1.00 28.21 ? 134 LEU A N   1 
ATOM   1041 C  CA  . LEU A 1 154 ? 10.668  9.354   3.728   1.00 26.67 ? 134 LEU A CA  1 
ATOM   1042 C  C   . LEU A 1 154 ? 9.557   8.556   3.059   1.00 25.02 ? 134 LEU A C   1 
ATOM   1043 O  O   . LEU A 1 154 ? 9.249   7.443   3.479   1.00 23.50 ? 134 LEU A O   1 
ATOM   1044 C  CB  . LEU A 1 154 ? 10.041  10.408  4.643   1.00 27.55 ? 134 LEU A CB  1 
ATOM   1045 C  CG  . LEU A 1 154 ? 10.820  10.933  5.850   1.00 29.57 ? 134 LEU A CG  1 
ATOM   1046 C  CD1 . LEU A 1 154 ? 11.138  9.783   6.787   1.00 30.55 ? 134 LEU A CD1 1 
ATOM   1047 C  CD2 . LEU A 1 154 ? 12.096  11.606  5.395   1.00 33.16 ? 134 LEU A CD2 1 
ATOM   1048 N  N   . VAL A 1 155 ? 8.953   9.129   2.023   1.00 22.75 ? 135 VAL A N   1 
ATOM   1049 C  CA  . VAL A 1 155 ? 7.880   8.444   1.322   1.00 21.72 ? 135 VAL A CA  1 
ATOM   1050 C  C   . VAL A 1 155 ? 8.455   7.266   0.541   1.00 21.64 ? 135 VAL A C   1 
ATOM   1051 O  O   . VAL A 1 155 ? 7.842   6.200   0.475   1.00 21.21 ? 135 VAL A O   1 
ATOM   1052 C  CB  . VAL A 1 155 ? 7.143   9.381   0.352   1.00 21.71 ? 135 VAL A CB  1 
ATOM   1053 C  CG1 . VAL A 1 155 ? 5.895   8.680   -0.192  1.00 19.20 ? 135 VAL A CG1 1 
ATOM   1054 C  CG2 . VAL A 1 155 ? 6.782   10.693  1.058   1.00 19.84 ? 135 VAL A CG2 1 
ATOM   1055 N  N   . ALA A 1 156 ? 9.629   7.458   -0.053  1.00 19.59 ? 136 ALA A N   1 
ATOM   1056 C  CA  . ALA A 1 156 ? 10.269  6.375   -0.790  1.00 19.30 ? 136 ALA A CA  1 
ATOM   1057 C  C   . ALA A 1 156 ? 10.483  5.211   0.176   1.00 17.85 ? 136 ALA A C   1 
ATOM   1058 O  O   . ALA A 1 156 ? 10.299  4.049   -0.180  1.00 20.51 ? 136 ALA A O   1 
ATOM   1059 C  CB  . ALA A 1 156 ? 11.613  6.836   -1.358  1.00 18.24 ? 136 ALA A CB  1 
ATOM   1060 N  N   . ALA A 1 157 ? 10.871  5.535   1.403   1.00 17.40 ? 137 ALA A N   1 
ATOM   1061 C  CA  . ALA A 1 157 ? 11.112  4.520   2.423   1.00 16.40 ? 137 ALA A CA  1 
ATOM   1062 C  C   . ALA A 1 157 ? 9.806   3.838   2.835   1.00 17.37 ? 137 ALA A C   1 
ATOM   1063 O  O   . ALA A 1 157 ? 9.748   2.609   2.957   1.00 17.09 ? 137 ALA A O   1 
ATOM   1064 C  CB  . ALA A 1 157 ? 11.778  5.152   3.635   1.00 15.29 ? 137 ALA A CB  1 
ATOM   1065 N  N   . ALA A 1 158 ? 8.760   4.635   3.046   1.00 16.07 ? 138 ALA A N   1 
ATOM   1066 C  CA  . ALA A 1 158 ? 7.469   4.088   3.436   1.00 16.23 ? 138 ALA A CA  1 
ATOM   1067 C  C   . ALA A 1 158 ? 6.962   3.164   2.335   1.00 16.32 ? 138 ALA A C   1 
ATOM   1068 O  O   . ALA A 1 158 ? 6.389   2.110   2.604   1.00 15.84 ? 138 ALA A O   1 
ATOM   1069 C  CB  . ALA A 1 158 ? 6.484   5.212   3.678   1.00 17.26 ? 138 ALA A CB  1 
ATOM   1070 N  N   . SER A 1 159 ? 7.196   3.568   1.091   1.00 17.23 ? 139 SER A N   1 
ATOM   1071 C  CA  . SER A 1 159 ? 6.775   2.801   -0.078  1.00 16.88 ? 139 SER A CA  1 
ATOM   1072 C  C   . SER A 1 159 ? 7.456   1.438   -0.104  1.00 16.43 ? 139 SER A C   1 
ATOM   1073 O  O   . SER A 1 159 ? 6.846   0.423   -0.451  1.00 17.13 ? 139 SER A O   1 
ATOM   1074 C  CB  . SER A 1 159 ? 7.117   3.568   -1.359  1.00 16.10 ? 139 SER A CB  1 
ATOM   1075 O  OG  . SER A 1 159 ? 6.792   2.794   -2.504  1.00 22.49 ? 139 SER A OG  1 
ATOM   1076 N  N   . ILE A 1 160 ? 8.730   1.427   0.254   1.00 15.24 ? 140 ILE A N   1 
ATOM   1077 C  CA  . ILE A 1 160 ? 9.502   0.198   0.289   1.00 15.84 ? 140 ILE A CA  1 
ATOM   1078 C  C   . ILE A 1 160 ? 8.928   -0.761  1.332   1.00 15.54 ? 140 ILE A C   1 
ATOM   1079 O  O   . ILE A 1 160 ? 8.693   -1.931  1.045   1.00 14.99 ? 140 ILE A O   1 
ATOM   1080 C  CB  . ILE A 1 160 ? 10.965  0.511   0.617   1.00 15.32 ? 140 ILE A CB  1 
ATOM   1081 C  CG1 . ILE A 1 160 ? 11.574  1.316   -0.535  1.00 17.29 ? 140 ILE A CG1 1 
ATOM   1082 C  CG2 . ILE A 1 160 ? 11.740  -0.774  0.859   1.00 14.25 ? 140 ILE A CG2 1 
ATOM   1083 C  CD1 . ILE A 1 160 ? 12.776  2.187   -0.122  1.00 17.50 ? 140 ILE A CD1 1 
ATOM   1084 N  N   . ILE A 1 161 ? 8.690   -0.255  2.540   1.00 16.66 ? 141 ILE A N   1 
ATOM   1085 C  CA  . ILE A 1 161 ? 8.140   -1.078  3.614   1.00 16.30 ? 141 ILE A CA  1 
ATOM   1086 C  C   . ILE A 1 161 ? 6.797   -1.722  3.232   1.00 15.66 ? 141 ILE A C   1 
ATOM   1087 O  O   . ILE A 1 161 ? 6.592   -2.915  3.451   1.00 15.79 ? 141 ILE A O   1 
ATOM   1088 C  CB  . ILE A 1 161 ? 7.940   -0.249  4.906   1.00 15.33 ? 141 ILE A CB  1 
ATOM   1089 C  CG1 . ILE A 1 161 ? 9.293   0.234   5.444   1.00 17.43 ? 141 ILE A CG1 1 
ATOM   1090 C  CG2 . ILE A 1 161 ? 7.204   -1.080  5.949   1.00 14.41 ? 141 ILE A CG2 1 
ATOM   1091 C  CD1 . ILE A 1 161 ? 10.254  -0.888  5.823   1.00 18.09 ? 141 ILE A CD1 1 
ATOM   1092 N  N   . ALA A 1 162 ? 5.896   -0.931  2.654   1.00 14.81 ? 142 ALA A N   1 
ATOM   1093 C  CA  . ALA A 1 162 ? 4.584   -1.430  2.265   1.00 14.73 ? 142 ALA A CA  1 
ATOM   1094 C  C   . ALA A 1 162 ? 4.665   -2.523  1.202   1.00 15.48 ? 142 ALA A C   1 
ATOM   1095 O  O   . ALA A 1 162 ? 3.996   -3.552  1.319   1.00 16.06 ? 142 ALA A O   1 
ATOM   1096 C  CB  . ALA A 1 162 ? 3.708   -0.273  1.779   1.00 12.79 ? 142 ALA A CB  1 
ATOM   1097 N  N   . LYS A 1 163 ? 5.483   -2.298  0.173   1.00 16.09 ? 143 LYS A N   1 
ATOM   1098 C  CA  . LYS A 1 163 ? 5.665   -3.272  -0.904  1.00 16.52 ? 143 LYS A CA  1 
ATOM   1099 C  C   . LYS A 1 163 ? 6.184   -4.590  -0.359  1.00 15.63 ? 143 LYS A C   1 
ATOM   1100 O  O   . LYS A 1 163 ? 5.683   -5.654  -0.715  1.00 14.59 ? 143 LYS A O   1 
ATOM   1101 C  CB  . LYS A 1 163 ? 6.670   -2.768  -1.950  1.00 18.97 ? 143 LYS A CB  1 
ATOM   1102 C  CG  . LYS A 1 163 ? 6.139   -1.722  -2.896  1.00 26.08 ? 143 LYS A CG  1 
ATOM   1103 C  CD  . LYS A 1 163 ? 7.255   -1.130  -3.762  1.00 32.22 ? 143 LYS A CD  1 
ATOM   1104 C  CE  . LYS A 1 163 ? 6.775   0.089   -4.555  1.00 34.49 ? 143 LYS A CE  1 
ATOM   1105 N  NZ  . LYS A 1 163 ? 7.926   0.954   -4.986  1.00 39.96 ? 143 LYS A NZ  1 
ATOM   1106 N  N   . VAL A 1 164 ? 7.207   -4.516  0.489   1.00 14.45 ? 144 VAL A N   1 
ATOM   1107 C  CA  . VAL A 1 164 ? 7.788   -5.721  1.060   1.00 14.76 ? 144 VAL A CA  1 
ATOM   1108 C  C   . VAL A 1 164 ? 6.754   -6.482  1.890   1.00 15.53 ? 144 VAL A C   1 
ATOM   1109 O  O   . VAL A 1 164 ? 6.645   -7.698  1.785   1.00 14.00 ? 144 VAL A O   1 
ATOM   1110 C  CB  . VAL A 1 164 ? 9.029   -5.399  1.930   1.00 13.39 ? 144 VAL A CB  1 
ATOM   1111 C  CG1 . VAL A 1 164 ? 9.439   -6.629  2.741   1.00 13.36 ? 144 VAL A CG1 1 
ATOM   1112 C  CG2 . VAL A 1 164 ? 10.194  -4.982  1.032   1.00 14.08 ? 144 VAL A CG2 1 
ATOM   1113 N  N   . GLU A 1 165 ? 5.998   -5.761  2.712   1.00 17.44 ? 145 GLU A N   1 
ATOM   1114 C  CA  . GLU A 1 165 ? 4.972   -6.389  3.535   1.00 16.87 ? 145 GLU A CA  1 
ATOM   1115 C  C   . GLU A 1 165 ? 3.912   -7.014  2.657   1.00 16.37 ? 145 GLU A C   1 
ATOM   1116 O  O   . GLU A 1 165 ? 3.448   -8.120  2.918   1.00 15.65 ? 145 GLU A O   1 
ATOM   1117 C  CB  . GLU A 1 165 ? 4.326   -5.368  4.470   1.00 20.87 ? 145 GLU A CB  1 
ATOM   1118 C  CG  . GLU A 1 165 ? 5.116   -5.109  5.730   1.00 27.88 ? 145 GLU A CG  1 
ATOM   1119 C  CD  . GLU A 1 165 ? 5.385   -6.389  6.498   1.00 32.41 ? 145 GLU A CD  1 
ATOM   1120 O  OE1 . GLU A 1 165 ? 6.398   -7.061  6.200   1.00 31.58 ? 145 GLU A OE1 1 
ATOM   1121 O  OE2 . GLU A 1 165 ? 4.569   -6.728  7.387   1.00 35.88 ? 145 GLU A OE2 1 
ATOM   1122 N  N   . ARG A 1 166 ? 3.529   -6.305  1.606   1.00 17.33 ? 146 ARG A N   1 
ATOM   1123 C  CA  . ARG A 1 166 ? 2.522   -6.830  0.707   1.00 17.62 ? 146 ARG A CA  1 
ATOM   1124 C  C   . ARG A 1 166 ? 3.007   -8.112  0.047   1.00 17.84 ? 146 ARG A C   1 
ATOM   1125 O  O   . ARG A 1 166 ? 2.301   -9.123  0.057   1.00 18.69 ? 146 ARG A O   1 
ATOM   1126 C  CB  . ARG A 1 166 ? 2.159   -5.808  -0.368  1.00 15.84 ? 146 ARG A CB  1 
ATOM   1127 C  CG  . ARG A 1 166 ? 1.135   -6.360  -1.331  1.00 18.52 ? 146 ARG A CG  1 
ATOM   1128 C  CD  . ARG A 1 166 ? 0.809   -5.430  -2.471  1.00 19.88 ? 146 ARG A CD  1 
ATOM   1129 N  NE  . ARG A 1 166 ? -0.009  -6.141  -3.450  1.00 24.92 ? 146 ARG A NE  1 
ATOM   1130 C  CZ  . ARG A 1 166 ? 0.475   -6.968  -4.370  1.00 25.06 ? 146 ARG A CZ  1 
ATOM   1131 N  NH1 . ARG A 1 166 ? 1.782   -7.180  -4.455  1.00 23.86 ? 146 ARG A NH1 1 
ATOM   1132 N  NH2 . ARG A 1 166 ? -0.354  -7.609  -5.182  1.00 25.26 ? 146 ARG A NH2 1 
ATOM   1133 N  N   . GLU A 1 167 ? 4.212   -8.063  -0.517  1.00 18.20 ? 147 GLU A N   1 
ATOM   1134 C  CA  . GLU A 1 167 ? 4.816   -9.209  -1.194  1.00 19.32 ? 147 GLU A CA  1 
ATOM   1135 C  C   . GLU A 1 167 ? 4.955   -10.435 -0.302  1.00 18.67 ? 147 GLU A C   1 
ATOM   1136 O  O   . GLU A 1 167 ? 4.785   -11.569 -0.758  1.00 19.46 ? 147 GLU A O   1 
ATOM   1137 C  CB  . GLU A 1 167 ? 6.195   -8.836  -1.739  1.00 22.65 ? 147 GLU A CB  1 
ATOM   1138 C  CG  . GLU A 1 167 ? 6.230   -8.609  -3.236  1.00 29.36 ? 147 GLU A CG  1 
ATOM   1139 C  CD  . GLU A 1 167 ? 5.919   -7.181  -3.629  1.00 32.94 ? 147 GLU A CD  1 
ATOM   1140 O  OE1 . GLU A 1 167 ? 4.828   -6.678  -3.266  1.00 35.57 ? 147 GLU A OE1 1 
ATOM   1141 O  OE2 . GLU A 1 167 ? 6.769   -6.565  -4.309  1.00 33.06 ? 147 GLU A OE2 1 
ATOM   1142 N  N   . ARG A 1 168 ? 5.289   -10.207 0.961   1.00 19.27 ? 148 ARG A N   1 
ATOM   1143 C  CA  . ARG A 1 168 ? 5.432   -11.292 1.919   1.00 21.62 ? 148 ARG A CA  1 
ATOM   1144 C  C   . ARG A 1 168 ? 4.086   -12.008 2.017   1.00 21.74 ? 148 ARG A C   1 
ATOM   1145 O  O   . ARG A 1 168 ? 4.010   -13.234 2.009   1.00 21.72 ? 148 ARG A O   1 
ATOM   1146 C  CB  . ARG A 1 168 ? 5.830   -10.725 3.282   1.00 25.45 ? 148 ARG A CB  1 
ATOM   1147 C  CG  . ARG A 1 168 ? 6.374   -11.746 4.259   1.00 32.86 ? 148 ARG A CG  1 
ATOM   1148 C  CD  . ARG A 1 168 ? 6.763   -11.089 5.583   1.00 37.65 ? 148 ARG A CD  1 
ATOM   1149 N  NE  . ARG A 1 168 ? 5.589   -10.710 6.368   1.00 44.03 ? 148 ARG A NE  1 
ATOM   1150 C  CZ  . ARG A 1 168 ? 5.636   -10.042 7.519   1.00 46.49 ? 148 ARG A CZ  1 
ATOM   1151 N  NH1 . ARG A 1 168 ? 6.807   -9.672  8.029   1.00 48.25 ? 148 ARG A NH1 1 
ATOM   1152 N  NH2 . ARG A 1 168 ? 4.510   -9.744  8.162   1.00 47.21 ? 148 ARG A NH2 1 
ATOM   1153 N  N   . GLU A 1 169 ? 3.017   -11.226 2.099   1.00 21.18 ? 149 GLU A N   1 
ATOM   1154 C  CA  . GLU A 1 169 ? 1.676   -11.782 2.185   1.00 21.59 ? 149 GLU A CA  1 
ATOM   1155 C  C   . GLU A 1 169 ? 1.317   -12.534 0.903   1.00 19.98 ? 149 GLU A C   1 
ATOM   1156 O  O   . GLU A 1 169 ? 0.796   -13.647 0.944   1.00 19.67 ? 149 GLU A O   1 
ATOM   1157 C  CB  . GLU A 1 169 ? 0.675   -10.654 2.432   1.00 23.43 ? 149 GLU A CB  1 
ATOM   1158 C  CG  . GLU A 1 169 ? -0.776  -11.049 2.242   1.00 27.48 ? 149 GLU A CG  1 
ATOM   1159 C  CD  . GLU A 1 169 ? -1.254  -12.060 3.262   1.00 30.22 ? 149 GLU A CD  1 
ATOM   1160 O  OE1 . GLU A 1 169 ? -2.448  -12.429 3.201   1.00 30.21 ? 149 GLU A OE1 1 
ATOM   1161 O  OE2 . GLU A 1 169 ? -0.443  -12.477 4.124   1.00 31.35 ? 149 GLU A OE2 1 
ATOM   1162 N  N   . ILE A 1 170 ? 1.606   -11.918 -0.235  1.00 19.19 ? 150 ILE A N   1 
ATOM   1163 C  CA  . ILE A 1 170 ? 1.322   -12.514 -1.528  1.00 18.52 ? 150 ILE A CA  1 
ATOM   1164 C  C   . ILE A 1 170 ? 1.982   -13.874 -1.656  1.00 20.56 ? 150 ILE A C   1 
ATOM   1165 O  O   . ILE A 1 170 ? 1.364   -14.837 -2.089  1.00 20.45 ? 150 ILE A O   1 
ATOM   1166 C  CB  . ILE A 1 170 ? 1.812   -11.602 -2.658  1.00 17.41 ? 150 ILE A CB  1 
ATOM   1167 C  CG1 . ILE A 1 170 ? 0.941   -10.341 -2.698  1.00 17.36 ? 150 ILE A CG1 1 
ATOM   1168 C  CG2 . ILE A 1 170 ? 1.778   -12.340 -3.989  1.00 13.94 ? 150 ILE A CG2 1 
ATOM   1169 C  CD1 . ILE A 1 170 ? -0.530  -10.623 -2.963  1.00 15.68 ? 150 ILE A CD1 1 
ATOM   1170 N  N   . GLU A 1 171 ? 3.249   -13.940 -1.261  1.00 23.15 ? 151 GLU A N   1 
ATOM   1171 C  CA  . GLU A 1 171 ? 4.019   -15.175 -1.318  1.00 24.79 ? 151 GLU A CA  1 
ATOM   1172 C  C   . GLU A 1 171 ? 3.359   -16.223 -0.427  1.00 24.80 ? 151 GLU A C   1 
ATOM   1173 O  O   . GLU A 1 171 ? 3.229   -17.386 -0.799  1.00 25.63 ? 151 GLU A O   1 
ATOM   1174 C  CB  . GLU A 1 171 ? 5.447   -14.900 -0.844  1.00 26.05 ? 151 GLU A CB  1 
ATOM   1175 C  CG  . GLU A 1 171 ? 6.431   -15.962 -1.242  1.00 29.66 ? 151 GLU A CG  1 
ATOM   1176 C  CD  . GLU A 1 171 ? 6.346   -16.291 -2.719  1.00 30.26 ? 151 GLU A CD  1 
ATOM   1177 O  OE1 . GLU A 1 171 ? 6.395   -15.348 -3.545  1.00 28.33 ? 151 GLU A OE1 1 
ATOM   1178 O  OE2 . GLU A 1 171 ? 6.234   -17.495 -3.043  1.00 33.50 ? 151 GLU A OE2 1 
ATOM   1179 N  N   . ARG A 1 172 ? 2.940   -15.792 0.753   1.00 25.18 ? 152 ARG A N   1 
ATOM   1180 C  CA  . ARG A 1 172 ? 2.272   -16.666 1.708   1.00 27.44 ? 152 ARG A CA  1 
ATOM   1181 C  C   . ARG A 1 172 ? 1.003   -17.264 1.054   1.00 26.88 ? 152 ARG A C   1 
ATOM   1182 O  O   . ARG A 1 172 ? 0.736   -18.464 1.162   1.00 26.22 ? 152 ARG A O   1 
ATOM   1183 C  CB  . ARG A 1 172 ? 1.907   -15.853 2.950   1.00 30.99 ? 152 ARG A CB  1 
ATOM   1184 C  CG  . ARG A 1 172 ? 1.609   -16.660 4.190   1.00 37.52 ? 152 ARG A CG  1 
ATOM   1185 C  CD  . ARG A 1 172 ? 0.965   -15.769 5.248   1.00 43.14 ? 152 ARG A CD  1 
ATOM   1186 N  NE  . ARG A 1 172 ? 0.721   -16.485 6.500   1.00 49.91 ? 152 ARG A NE  1 
ATOM   1187 C  CZ  . ARG A 1 172 ? 1.667   -16.859 7.358   1.00 53.30 ? 152 ARG A CZ  1 
ATOM   1188 N  NH1 . ARG A 1 172 ? 2.941   -16.579 7.113   1.00 55.02 ? 152 ARG A NH1 1 
ATOM   1189 N  NH2 . ARG A 1 172 ? 1.335   -17.522 8.461   1.00 54.33 ? 152 ARG A NH2 1 
ATOM   1190 N  N   . LEU A 1 173 ? 0.246   -16.415 0.360   1.00 24.44 ? 153 LEU A N   1 
ATOM   1191 C  CA  . LEU A 1 173 ? -0.976  -16.825 -0.330  1.00 24.14 ? 153 LEU A CA  1 
ATOM   1192 C  C   . LEU A 1 173 ? -0.710  -17.784 -1.487  1.00 25.52 ? 153 LEU A C   1 
ATOM   1193 O  O   . LEU A 1 173 ? -1.523  -18.666 -1.776  1.00 24.83 ? 153 LEU A O   1 
ATOM   1194 C  CB  . LEU A 1 173 ? -1.716  -15.599 -0.876  1.00 21.79 ? 153 LEU A CB  1 
ATOM   1195 C  CG  . LEU A 1 173 ? -2.522  -14.751 0.106   1.00 19.06 ? 153 LEU A CG  1 
ATOM   1196 C  CD1 . LEU A 1 173 ? -2.922  -13.422 -0.528  1.00 15.80 ? 153 LEU A CD1 1 
ATOM   1197 C  CD2 . LEU A 1 173 ? -3.747  -15.539 0.544   1.00 18.46 ? 153 LEU A CD2 1 
ATOM   1198 N  N   . LYS A 1 174 ? 0.414   -17.594 -2.169  1.00 26.95 ? 154 LYS A N   1 
ATOM   1199 C  CA  . LYS A 1 174 ? 0.754   -18.456 -3.293  1.00 27.48 ? 154 LYS A CA  1 
ATOM   1200 C  C   . LYS A 1 174 ? 1.125   -19.852 -2.837  1.00 28.08 ? 154 LYS A C   1 
ATOM   1201 O  O   . LYS A 1 174 ? 0.907   -20.812 -3.563  1.00 26.86 ? 154 LYS A O   1 
ATOM   1202 C  CB  . LYS A 1 174 ? 1.903   -17.867 -4.109  1.00 27.07 ? 154 LYS A CB  1 
ATOM   1203 C  CG  . LYS A 1 174 ? 1.484   -16.720 -4.988  1.00 27.05 ? 154 LYS A CG  1 
ATOM   1204 C  CD  . LYS A 1 174 ? 2.602   -16.310 -5.912  1.00 27.17 ? 154 LYS A CD  1 
ATOM   1205 C  CE  . LYS A 1 174 ? 2.142   -15.207 -6.828  1.00 26.72 ? 154 LYS A CE  1 
ATOM   1206 N  NZ  . LYS A 1 174 ? 3.232   -14.719 -7.705  1.00 27.59 ? 154 LYS A NZ  1 
ATOM   1207 N  N   . GLU A 1 175 ? 1.685   -19.970 -1.639  1.00 30.44 ? 155 GLU A N   1 
ATOM   1208 C  CA  . GLU A 1 175 ? 2.056   -21.283 -1.135  1.00 33.67 ? 155 GLU A CA  1 
ATOM   1209 C  C   . GLU A 1 175 ? 0.784   -22.083 -0.935  1.00 33.98 ? 155 GLU A C   1 
ATOM   1210 O  O   . GLU A 1 175 ? 0.776   -23.305 -1.062  1.00 34.47 ? 155 GLU A O   1 
ATOM   1211 C  CB  . GLU A 1 175 ? 2.794   -21.168 0.201   1.00 34.95 ? 155 GLU A CB  1 
ATOM   1212 C  CG  . GLU A 1 175 ? 3.972   -20.202 0.184   1.00 40.51 ? 155 GLU A CG  1 
ATOM   1213 C  CD  . GLU A 1 175 ? 4.624   -20.056 1.545   1.00 42.91 ? 155 GLU A CD  1 
ATOM   1214 O  OE1 . GLU A 1 175 ? 3.904   -20.153 2.555   1.00 43.67 ? 155 GLU A OE1 1 
ATOM   1215 O  OE2 . GLU A 1 175 ? 5.848   -19.829 1.611   1.00 45.62 ? 155 GLU A OE2 1 
ATOM   1216 N  N   . LYS A 1 176 ? -0.299  -21.375 -0.635  1.00 33.97 ? 156 LYS A N   1 
ATOM   1217 C  CA  . LYS A 1 176 ? -1.574  -22.017 -0.381  1.00 33.93 ? 156 LYS A CA  1 
ATOM   1218 C  C   . LYS A 1 176 ? -2.486  -22.198 -1.597  1.00 32.60 ? 156 LYS A C   1 
ATOM   1219 O  O   . LYS A 1 176 ? -3.026  -23.287 -1.807  1.00 32.35 ? 156 LYS A O   1 
ATOM   1220 C  CB  . LYS A 1 176 ? -2.307  -21.244 0.717   1.00 36.69 ? 156 LYS A CB  1 
ATOM   1221 C  CG  . LYS A 1 176 ? -3.571  -21.919 1.218   1.00 40.58 ? 156 LYS A CG  1 
ATOM   1222 C  CD  . LYS A 1 176 ? -3.847  -21.527 2.663   1.00 44.55 ? 156 LYS A CD  1 
ATOM   1223 C  CE  . LYS A 1 176 ? -4.975  -20.510 2.795   1.00 46.26 ? 156 LYS A CE  1 
ATOM   1224 N  NZ  . LYS A 1 176 ? -6.342  -21.109 2.693   1.00 47.47 ? 156 LYS A NZ  1 
ATOM   1225 N  N   . PHE A 1 177 ? -2.638  -21.156 -2.412  1.00 29.77 ? 157 PHE A N   1 
ATOM   1226 C  CA  . PHE A 1 177 ? -3.529  -21.238 -3.569  1.00 27.17 ? 157 PHE A CA  1 
ATOM   1227 C  C   . PHE A 1 177 ? -2.883  -21.397 -4.940  1.00 27.40 ? 157 PHE A C   1 
ATOM   1228 O  O   . PHE A 1 177 ? -3.578  -21.348 -5.953  1.00 27.41 ? 157 PHE A O   1 
ATOM   1229 C  CB  . PHE A 1 177 ? -4.436  -20.010 -3.605  1.00 25.01 ? 157 PHE A CB  1 
ATOM   1230 C  CG  . PHE A 1 177 ? -5.232  -19.810 -2.355  1.00 24.21 ? 157 PHE A CG  1 
ATOM   1231 C  CD1 . PHE A 1 177 ? -4.940  -18.756 -1.494  1.00 23.48 ? 157 PHE A CD1 1 
ATOM   1232 C  CD2 . PHE A 1 177 ? -6.285  -20.664 -2.044  1.00 22.25 ? 157 PHE A CD2 1 
ATOM   1233 C  CE1 . PHE A 1 177 ? -5.690  -18.552 -0.337  1.00 24.50 ? 157 PHE A CE1 1 
ATOM   1234 C  CE2 . PHE A 1 177 ? -7.042  -20.474 -0.890  1.00 21.73 ? 157 PHE A CE2 1 
ATOM   1235 C  CZ  . PHE A 1 177 ? -6.747  -19.414 -0.035  1.00 22.79 ? 157 PHE A CZ  1 
ATOM   1236 N  N   . GLY A 1 178 ? -1.569  -21.589 -4.982  1.00 28.03 ? 158 GLY A N   1 
ATOM   1237 C  CA  . GLY A 1 178 ? -0.898  -21.726 -6.264  1.00 27.33 ? 158 GLY A CA  1 
ATOM   1238 C  C   . GLY A 1 178 ? -0.479  -20.367 -6.794  1.00 27.55 ? 158 GLY A C   1 
ATOM   1239 O  O   . GLY A 1 178 ? -0.743  -19.345 -6.156  1.00 26.74 ? 158 GLY A O   1 
ATOM   1240 N  N   . ASP A 1 179 ? 0.165   -20.343 -7.958  1.00 27.27 ? 159 ASP A N   1 
ATOM   1241 C  CA  . ASP A 1 179 ? 0.629   -19.092 -8.544  1.00 26.82 ? 159 ASP A CA  1 
ATOM   1242 C  C   . ASP A 1 179 ? -0.459  -18.347 -9.314  1.00 26.01 ? 159 ASP A C   1 
ATOM   1243 O  O   . ASP A 1 179 ? -0.733  -18.647 -10.475 1.00 24.04 ? 159 ASP A O   1 
ATOM   1244 C  CB  . ASP A 1 179 ? 1.822   -19.351 -9.469  1.00 30.01 ? 159 ASP A CB  1 
ATOM   1245 C  CG  . ASP A 1 179 ? 2.465   -18.062 -9.973  1.00 31.68 ? 159 ASP A CG  1 
ATOM   1246 O  OD1 . ASP A 1 179 ? 3.407   -18.133 -10.790 1.00 31.51 ? 159 ASP A OD1 1 
ATOM   1247 O  OD2 . ASP A 1 179 ? 2.025   -16.971 -9.544  1.00 33.87 ? 159 ASP A OD2 1 
ATOM   1248 N  N   . PHE A 1 180 ? -1.070  -17.362 -8.665  1.00 24.87 ? 160 PHE A N   1 
ATOM   1249 C  CA  . PHE A 1 180 ? -2.123  -16.579 -9.300  1.00 24.08 ? 160 PHE A CA  1 
ATOM   1250 C  C   . PHE A 1 180 ? -1.569  -15.313 -9.958  1.00 25.19 ? 160 PHE A C   1 
ATOM   1251 O  O   . PHE A 1 180 ? -2.317  -14.375 -10.243 1.00 26.12 ? 160 PHE A O   1 
ATOM   1252 C  CB  . PHE A 1 180 ? -3.185  -16.196 -8.267  1.00 21.21 ? 160 PHE A CB  1 
ATOM   1253 C  CG  . PHE A 1 180 ? -2.614  -15.664 -6.992  1.00 18.18 ? 160 PHE A CG  1 
ATOM   1254 C  CD1 . PHE A 1 180 ? -2.455  -16.493 -5.889  1.00 18.75 ? 160 PHE A CD1 1 
ATOM   1255 C  CD2 . PHE A 1 180 ? -2.188  -14.341 -6.905  1.00 17.28 ? 160 PHE A CD2 1 
ATOM   1256 C  CE1 . PHE A 1 180 ? -1.882  -16.014 -4.718  1.00 17.51 ? 160 PHE A CE1 1 
ATOM   1257 C  CE2 . PHE A 1 180 ? -1.615  -13.856 -5.740  1.00 16.74 ? 160 PHE A CE2 1 
ATOM   1258 C  CZ  . PHE A 1 180 ? -1.460  -14.698 -4.645  1.00 14.98 ? 160 PHE A CZ  1 
ATOM   1259 N  N   . GLY A 1 181 ? -0.260  -15.287 -10.197 1.00 26.22 ? 161 GLY A N   1 
ATOM   1260 C  CA  . GLY A 1 181 ? 0.344   -14.118 -10.809 1.00 25.53 ? 161 GLY A CA  1 
ATOM   1261 C  C   . GLY A 1 181 ? 0.683   -13.036 -9.796  1.00 25.97 ? 161 GLY A C   1 
ATOM   1262 O  O   . GLY A 1 181 ? 0.944   -13.330 -8.633  1.00 24.48 ? 161 GLY A O   1 
ATOM   1263 N  N   . SER A 1 182 ? 0.669   -11.781 -10.234 1.00 27.36 ? 162 SER A N   1 
ATOM   1264 C  CA  . SER A 1 182 ? 1.003   -10.659 -9.361  1.00 29.21 ? 162 SER A CA  1 
ATOM   1265 C  C   . SER A 1 182 ? -0.160  -10.225 -8.468  1.00 30.65 ? 162 SER A C   1 
ATOM   1266 O  O   . SER A 1 182 ? 0.048   -9.682  -7.375  1.00 31.07 ? 162 SER A O   1 
ATOM   1267 C  CB  . SER A 1 182 ? 1.465   -9.465  -10.199 1.00 28.85 ? 162 SER A CB  1 
ATOM   1268 O  OG  . SER A 1 182 ? 0.456   -9.077  -11.118 1.00 28.66 ? 162 SER A OG  1 
ATOM   1269 N  N   . GLY A 1 183 ? -1.379  -10.461 -8.938  1.00 29.60 ? 163 GLY A N   1 
ATOM   1270 C  CA  . GLY A 1 183 ? -2.540  -10.067 -8.165  1.00 31.27 ? 163 GLY A CA  1 
ATOM   1271 C  C   . GLY A 1 183 ? -3.254  -8.888  -8.795  1.00 31.74 ? 163 GLY A C   1 
ATOM   1272 O  O   . GLY A 1 183 ? -4.315  -8.477  -8.328  1.00 32.66 ? 163 GLY A O   1 
ATOM   1273 N  N   . TYR A 1 184 ? -2.673  -8.331  -9.854  1.00 32.29 ? 164 TYR A N   1 
ATOM   1274 C  CA  . TYR A 1 184 ? -3.291  -7.200  -10.542 1.00 32.41 ? 164 TYR A CA  1 
ATOM   1275 C  C   . TYR A 1 184 ? -3.979  -7.670  -11.811 1.00 32.00 ? 164 TYR A C   1 
ATOM   1276 O  O   . TYR A 1 184 ? -3.543  -8.635  -12.440 1.00 32.23 ? 164 TYR A O   1 
ATOM   1277 C  CB  . TYR A 1 184 ? -2.254  -6.142  -10.914 1.00 33.62 ? 164 TYR A CB  1 
ATOM   1278 C  CG  . TYR A 1 184 ? -1.575  -5.467  -9.750  1.00 33.35 ? 164 TYR A CG  1 
ATOM   1279 C  CD1 . TYR A 1 184 ? -0.590  -6.124  -9.017  1.00 33.42 ? 164 TYR A CD1 1 
ATOM   1280 C  CD2 . TYR A 1 184 ? -1.870  -4.145  -9.424  1.00 34.58 ? 164 TYR A CD2 1 
ATOM   1281 C  CE1 . TYR A 1 184 ? 0.094   -5.479  -7.998  1.00 34.16 ? 164 TYR A CE1 1 
ATOM   1282 C  CE2 . TYR A 1 184 ? -1.196  -3.489  -8.403  1.00 35.16 ? 164 TYR A CE2 1 
ATOM   1283 C  CZ  . TYR A 1 184 ? -0.212  -4.161  -7.699  1.00 35.99 ? 164 TYR A CZ  1 
ATOM   1284 O  OH  . TYR A 1 184 ? 0.476   -3.508  -6.706  1.00 38.52 ? 164 TYR A OH  1 
ATOM   1285 N  N   . ALA A 1 185 ? -5.044  -6.972  -12.194 1.00 32.70 ? 165 ALA A N   1 
ATOM   1286 C  CA  . ALA A 1 185 ? -5.804  -7.329  -13.386 1.00 33.71 ? 165 ALA A CA  1 
ATOM   1287 C  C   . ALA A 1 185 ? -4.942  -7.296  -14.646 1.00 35.86 ? 165 ALA A C   1 
ATOM   1288 O  O   . ALA A 1 185 ? -5.310  -7.861  -15.673 1.00 36.66 ? 165 ALA A O   1 
ATOM   1289 C  CB  . ALA A 1 185 ? -6.997  -6.395  -13.541 1.00 31.79 ? 165 ALA A CB  1 
ATOM   1290 N  N   . SER A 1 186 ? -3.794  -6.637  -14.563 1.00 38.05 ? 166 SER A N   1 
ATOM   1291 C  CA  . SER A 1 186 ? -2.893  -6.539  -15.704 1.00 40.12 ? 166 SER A CA  1 
ATOM   1292 C  C   . SER A 1 186 ? -2.388  -7.934  -16.045 1.00 41.27 ? 166 SER A C   1 
ATOM   1293 O  O   . SER A 1 186 ? -2.725  -8.497  -17.091 1.00 42.90 ? 166 SER A O   1 
ATOM   1294 C  CB  . SER A 1 186 ? -1.704  -5.641  -15.358 1.00 41.59 ? 166 SER A CB  1 
ATOM   1295 O  OG  . SER A 1 186 ? -2.134  -4.429  -14.762 1.00 44.69 ? 166 SER A OG  1 
ATOM   1296 N  N   . ASP A 1 187 ? -1.581  -8.477  -15.141 1.00 41.33 ? 167 ASP A N   1 
ATOM   1297 C  CA  . ASP A 1 187 ? -1.001  -9.802  -15.292 1.00 41.01 ? 167 ASP A CA  1 
ATOM   1298 C  C   . ASP A 1 187 ? -1.972  -10.788 -15.936 1.00 40.47 ? 167 ASP A C   1 
ATOM   1299 O  O   . ASP A 1 187 ? -2.992  -11.150 -15.349 1.00 41.08 ? 167 ASP A O   1 
ATOM   1300 C  CB  . ASP A 1 187 ? -0.574  -10.340 -13.929 1.00 40.78 ? 167 ASP A CB  1 
ATOM   1301 C  CG  . ASP A 1 187 ? 0.304   -11.561 -14.044 1.00 42.11 ? 167 ASP A CG  1 
ATOM   1302 O  OD1 . ASP A 1 187 ? 0.084   -12.363 -14.973 1.00 44.05 ? 167 ASP A OD1 1 
ATOM   1303 O  OD2 . ASP A 1 187 ? 1.212   -11.725 -13.203 1.00 44.25 ? 167 ASP A OD2 1 
ATOM   1304 N  N   . PRO A 1 188 ? -1.655  -11.245 -17.157 1.00 41.08 ? 168 PRO A N   1 
ATOM   1305 C  CA  . PRO A 1 188 ? -2.487  -12.195 -17.908 1.00 40.78 ? 168 PRO A CA  1 
ATOM   1306 C  C   . PRO A 1 188 ? -2.762  -13.439 -17.073 1.00 40.51 ? 168 PRO A C   1 
ATOM   1307 O  O   . PRO A 1 188 ? -3.860  -13.998 -17.101 1.00 40.12 ? 168 PRO A O   1 
ATOM   1308 C  CB  . PRO A 1 188 ? -1.631  -12.509 -19.132 1.00 40.73 ? 168 PRO A CB  1 
ATOM   1309 C  CG  . PRO A 1 188 ? -0.832  -11.256 -19.315 1.00 42.10 ? 168 PRO A CG  1 
ATOM   1310 C  CD  . PRO A 1 188 ? -0.424  -10.933 -17.902 1.00 41.33 ? 168 PRO A CD  1 
ATOM   1311 N  N   . ARG A 1 189 ? -1.739  -13.857 -16.334 1.00 40.70 ? 169 ARG A N   1 
ATOM   1312 C  CA  . ARG A 1 189 ? -1.813  -15.022 -15.464 1.00 40.55 ? 169 ARG A CA  1 
ATOM   1313 C  C   . ARG A 1 189 ? -2.880  -14.826 -14.380 1.00 39.26 ? 169 ARG A C   1 
ATOM   1314 O  O   . ARG A 1 189 ? -3.664  -15.735 -14.088 1.00 39.19 ? 169 ARG A O   1 
ATOM   1315 C  CB  . ARG A 1 189 ? -0.446  -15.250 -14.813 1.00 42.21 ? 169 ARG A CB  1 
ATOM   1316 C  CG  . ARG A 1 189 ? -0.369  -16.448 -13.887 1.00 46.83 ? 169 ARG A CG  1 
ATOM   1317 C  CD  . ARG A 1 189 ? -0.085  -17.716 -14.655 1.00 51.88 ? 169 ARG A CD  1 
ATOM   1318 N  NE  . ARG A 1 189 ? 0.114   -18.857 -13.765 1.00 57.10 ? 169 ARG A NE  1 
ATOM   1319 C  CZ  . ARG A 1 189 ? 0.700   -19.994 -14.133 1.00 59.40 ? 169 ARG A CZ  1 
ATOM   1320 N  NH1 . ARG A 1 189 ? 1.157   -20.149 -15.377 1.00 60.95 ? 169 ARG A NH1 1 
ATOM   1321 N  NH2 . ARG A 1 189 ? 0.834   -20.983 -13.264 1.00 60.68 ? 169 ARG A NH2 1 
ATOM   1322 N  N   . THR A 1 190 ? -2.904  -13.638 -13.785 1.00 36.92 ? 170 THR A N   1 
ATOM   1323 C  CA  . THR A 1 190 ? -3.873  -13.333 -12.743 1.00 35.63 ? 170 THR A CA  1 
ATOM   1324 C  C   . THR A 1 190 ? -5.305  -13.414 -13.256 1.00 35.30 ? 170 THR A C   1 
ATOM   1325 O  O   . THR A 1 190 ? -6.165  -14.010 -12.612 1.00 34.06 ? 170 THR A O   1 
ATOM   1326 C  CB  . THR A 1 190 ? -3.637  -11.928 -12.142 1.00 34.69 ? 170 THR A CB  1 
ATOM   1327 O  OG1 . THR A 1 190 ? -2.456  -11.956 -11.335 1.00 34.51 ? 170 THR A OG1 1 
ATOM   1328 C  CG2 . THR A 1 190 ? -4.823  -11.499 -11.274 1.00 32.33 ? 170 THR A CG2 1 
ATOM   1329 N  N   . ARG A 1 191 ? -5.565  -12.806 -14.406 1.00 35.86 ? 171 ARG A N   1 
ATOM   1330 C  CA  . ARG A 1 191 ? -6.904  -12.826 -14.972 1.00 35.66 ? 171 ARG A CA  1 
ATOM   1331 C  C   . ARG A 1 191 ? -7.317  -14.238 -15.332 1.00 35.84 ? 171 ARG A C   1 
ATOM   1332 O  O   . ARG A 1 191 ? -8.461  -14.632 -15.111 1.00 36.36 ? 171 ARG A O   1 
ATOM   1333 C  CB  . ARG A 1 191 ? -6.969  -11.936 -16.205 1.00 37.86 ? 171 ARG A CB  1 
ATOM   1334 C  CG  . ARG A 1 191 ? -7.043  -10.451 -15.890 1.00 40.61 ? 171 ARG A CG  1 
ATOM   1335 C  CD  . ARG A 1 191 ? -6.936  -9.635  -17.161 1.00 42.47 ? 171 ARG A CD  1 
ATOM   1336 N  NE  . ARG A 1 191 ? -5.608  -9.771  -17.751 1.00 44.22 ? 171 ARG A NE  1 
ATOM   1337 C  CZ  . ARG A 1 191 ? -5.379  -9.899  -19.051 1.00 43.81 ? 171 ARG A CZ  1 
ATOM   1338 N  NH1 . ARG A 1 191 ? -4.135  -10.015 -19.497 1.00 43.31 ? 171 ARG A NH1 1 
ATOM   1339 N  NH2 . ARG A 1 191 ? -6.396  -9.916  -19.900 1.00 43.98 ? 171 ARG A NH2 1 
ATOM   1340 N  N   . GLU A 1 192 ? -6.390  -15.003 -15.896 1.00 36.31 ? 172 GLU A N   1 
ATOM   1341 C  CA  . GLU A 1 192 ? -6.694  -16.378 -16.265 1.00 36.70 ? 172 GLU A CA  1 
ATOM   1342 C  C   . GLU A 1 192 ? -7.122  -17.160 -15.028 1.00 35.77 ? 172 GLU A C   1 
ATOM   1343 O  O   . GLU A 1 192 ? -8.209  -17.731 -14.994 1.00 36.96 ? 172 GLU A O   1 
ATOM   1344 C  CB  . GLU A 1 192 ? -5.476  -17.056 -16.895 1.00 38.36 ? 172 GLU A CB  1 
ATOM   1345 C  CG  . GLU A 1 192 ? -5.597  -18.576 -16.920 1.00 42.85 ? 172 GLU A CG  1 
ATOM   1346 C  CD  . GLU A 1 192 ? -4.308  -19.274 -17.293 1.00 46.91 ? 172 GLU A CD  1 
ATOM   1347 O  OE1 . GLU A 1 192 ? -3.224  -18.799 -16.888 1.00 46.78 ? 172 GLU A OE1 1 
ATOM   1348 O  OE2 . GLU A 1 192 ? -4.383  -20.314 -17.980 1.00 49.81 ? 172 GLU A OE2 1 
ATOM   1349 N  N   . VAL A 1 193 ? -6.265  -17.178 -14.009 1.00 34.54 ? 173 VAL A N   1 
ATOM   1350 C  CA  . VAL A 1 193 ? -6.561  -17.891 -12.770 1.00 32.40 ? 173 VAL A CA  1 
ATOM   1351 C  C   . VAL A 1 193 ? -7.844  -17.370 -12.121 1.00 33.15 ? 173 VAL A C   1 
ATOM   1352 O  O   . VAL A 1 193 ? -8.606  -18.126 -11.525 1.00 32.36 ? 173 VAL A O   1 
ATOM   1353 C  CB  . VAL A 1 193 ? -5.406  -17.751 -11.760 1.00 31.17 ? 173 VAL A CB  1 
ATOM   1354 C  CG1 . VAL A 1 193 ? -5.778  -18.414 -10.444 1.00 30.03 ? 173 VAL A CG1 1 
ATOM   1355 C  CG2 . VAL A 1 193 ? -4.140  -18.378 -12.323 1.00 30.84 ? 173 VAL A CG2 1 
ATOM   1356 N  N   . LEU A 1 194 ? -8.072  -16.069 -12.246 1.00 32.63 ? 174 LEU A N   1 
ATOM   1357 C  CA  . LEU A 1 194 ? -9.249  -15.437 -11.674 1.00 33.00 ? 174 LEU A CA  1 
ATOM   1358 C  C   . LEU A 1 194 ? -10.515 -15.992 -12.322 1.00 33.60 ? 174 LEU A C   1 
ATOM   1359 O  O   . LEU A 1 194 ? -11.514 -16.250 -11.649 1.00 32.56 ? 174 LEU A O   1 
ATOM   1360 C  CB  . LEU A 1 194 ? -9.165  -13.928 -11.890 1.00 32.97 ? 174 LEU A CB  1 
ATOM   1361 C  CG  . LEU A 1 194 ? -9.577  -13.038 -10.723 1.00 32.41 ? 174 LEU A CG  1 
ATOM   1362 C  CD1 . LEU A 1 194 ? -8.797  -13.419 -9.483  1.00 31.65 ? 174 LEU A CD1 1 
ATOM   1363 C  CD2 . LEU A 1 194 ? -9.315  -11.592 -11.086 1.00 31.22 ? 174 LEU A CD2 1 
ATOM   1364 N  N   . LYS A 1 195 ? -10.466 -16.178 -13.635 1.00 34.85 ? 175 LYS A N   1 
ATOM   1365 C  CA  . LYS A 1 195 ? -11.611 -16.707 -14.361 1.00 35.23 ? 175 LYS A CA  1 
ATOM   1366 C  C   . LYS A 1 195 ? -11.961 -18.122 -13.908 1.00 34.20 ? 175 LYS A C   1 
ATOM   1367 O  O   . LYS A 1 195 ? -13.125 -18.411 -13.613 1.00 33.45 ? 175 LYS A O   1 
ATOM   1368 C  CB  . LYS A 1 195 ? -11.345 -16.700 -15.867 1.00 38.39 ? 175 LYS A CB  1 
ATOM   1369 C  CG  . LYS A 1 195 ? -11.326 -15.315 -16.495 1.00 43.32 ? 175 LYS A CG  1 
ATOM   1370 C  CD  . LYS A 1 195 ? -11.245 -15.423 -18.014 1.00 46.22 ? 175 LYS A CD  1 
ATOM   1371 C  CE  . LYS A 1 195 ? -11.309 -14.054 -18.676 1.00 48.73 ? 175 LYS A CE  1 
ATOM   1372 N  NZ  . LYS A 1 195 ? -11.401 -14.166 -20.163 1.00 50.13 ? 175 LYS A NZ  1 
ATOM   1373 N  N   . GLU A 1 196 ? -10.971 -19.011 -13.848 1.00 32.68 ? 176 GLU A N   1 
ATOM   1374 C  CA  . GLU A 1 196 ? -11.267 -20.370 -13.421 1.00 32.25 ? 176 GLU A CA  1 
ATOM   1375 C  C   . GLU A 1 196 ? -11.793 -20.424 -11.993 1.00 29.87 ? 176 GLU A C   1 
ATOM   1376 O  O   . GLU A 1 196 ? -12.706 -21.188 -11.699 1.00 29.74 ? 176 GLU A O   1 
ATOM   1377 C  CB  . GLU A 1 196 ? -10.048 -21.281 -13.580 1.00 33.84 ? 176 GLU A CB  1 
ATOM   1378 C  CG  . GLU A 1 196 ? -8.738  -20.731 -13.082 1.00 39.31 ? 176 GLU A CG  1 
ATOM   1379 C  CD  . GLU A 1 196 ? -7.614  -21.743 -13.234 1.00 42.79 ? 176 GLU A CD  1 
ATOM   1380 O  OE1 . GLU A 1 196 ? -7.646  -22.771 -12.521 1.00 44.19 ? 176 GLU A OE1 1 
ATOM   1381 O  OE2 . GLU A 1 196 ? -6.704  -21.519 -14.067 1.00 44.05 ? 176 GLU A OE2 1 
ATOM   1382 N  N   . TRP A 1 197 ? -11.234 -19.611 -11.106 1.00 28.24 ? 177 TRP A N   1 
ATOM   1383 C  CA  . TRP A 1 197 ? -11.696 -19.605 -9.728  1.00 28.04 ? 177 TRP A CA  1 
ATOM   1384 C  C   . TRP A 1 197 ? -13.182 -19.285 -9.677  1.00 28.36 ? 177 TRP A C   1 
ATOM   1385 O  O   . TRP A 1 197 ? -13.955 -20.008 -9.052  1.00 28.56 ? 177 TRP A O   1 
ATOM   1386 C  CB  . TRP A 1 197 ? -10.923 -18.586 -8.890  1.00 26.92 ? 177 TRP A CB  1 
ATOM   1387 C  CG  . TRP A 1 197 ? -9.556  -19.037 -8.472  1.00 25.39 ? 177 TRP A CG  1 
ATOM   1388 C  CD1 . TRP A 1 197 ? -9.040  -20.304 -8.551  1.00 24.26 ? 177 TRP A CD1 1 
ATOM   1389 C  CD2 . TRP A 1 197 ? -8.546  -18.232 -7.853  1.00 24.48 ? 177 TRP A CD2 1 
ATOM   1390 N  NE1 . TRP A 1 197 ? -7.772  -20.337 -8.015  1.00 22.34 ? 177 TRP A NE1 1 
ATOM   1391 C  CE2 . TRP A 1 197 ? -7.446  -19.077 -7.579  1.00 24.18 ? 177 TRP A CE2 1 
ATOM   1392 C  CE3 . TRP A 1 197 ? -8.469  -16.875 -7.499  1.00 23.56 ? 177 TRP A CE3 1 
ATOM   1393 C  CZ2 . TRP A 1 197 ? -6.277  -18.611 -6.971  1.00 22.91 ? 177 TRP A CZ2 1 
ATOM   1394 C  CZ3 . TRP A 1 197 ? -7.309  -16.410 -6.893  1.00 23.79 ? 177 TRP A CZ3 1 
ATOM   1395 C  CH2 . TRP A 1 197 ? -6.225  -17.279 -6.635  1.00 24.86 ? 177 TRP A CH2 1 
ATOM   1396 N  N   . ILE A 1 198 ? -13.578 -18.199 -10.335 1.00 29.00 ? 178 ILE A N   1 
ATOM   1397 C  CA  . ILE A 1 198 ? -14.979 -17.800 -10.360 1.00 29.87 ? 178 ILE A CA  1 
ATOM   1398 C  C   . ILE A 1 198 ? -15.831 -18.923 -10.946 1.00 30.90 ? 178 ILE A C   1 
ATOM   1399 O  O   . ILE A 1 198 ? -16.859 -19.295 -10.377 1.00 31.86 ? 178 ILE A O   1 
ATOM   1400 C  CB  . ILE A 1 198 ? -15.179 -16.508 -11.189 1.00 30.52 ? 178 ILE A CB  1 
ATOM   1401 C  CG1 . ILE A 1 198 ? -14.536 -15.320 -10.459 1.00 30.56 ? 178 ILE A CG1 1 
ATOM   1402 C  CG2 . ILE A 1 198 ? -16.662 -16.244 -11.408 1.00 30.22 ? 178 ILE A CG2 1 
ATOM   1403 C  CD1 . ILE A 1 198 ? -14.597 -14.007 -11.217 1.00 28.85 ? 178 ILE A CD1 1 
ATOM   1404 N  N   . ALA A 1 199 ? -15.389 -19.470 -12.074 1.00 31.42 ? 179 ALA A N   1 
ATOM   1405 C  CA  . ALA A 1 199 ? -16.100 -20.559 -12.737 1.00 30.89 ? 179 ALA A CA  1 
ATOM   1406 C  C   . ALA A 1 199 ? -16.379 -21.714 -11.779 1.00 30.19 ? 179 ALA A C   1 
ATOM   1407 O  O   . ALA A 1 199 ? -17.470 -22.279 -11.782 1.00 31.00 ? 179 ALA A O   1 
ATOM   1408 C  CB  . ALA A 1 199 ? -15.290 -21.055 -13.927 1.00 31.67 ? 179 ALA A CB  1 
ATOM   1409 N  N   . SER A 1 200 ? -15.393 -22.061 -10.958 1.00 27.94 ? 180 SER A N   1 
ATOM   1410 C  CA  . SER A 1 200 ? -15.544 -23.151 -10.002 1.00 25.94 ? 180 SER A CA  1 
ATOM   1411 C  C   . SER A 1 200 ? -16.556 -22.815 -8.914  1.00 25.36 ? 180 SER A C   1 
ATOM   1412 O  O   . SER A 1 200 ? -16.965 -23.689 -8.157  1.00 26.98 ? 180 SER A O   1 
ATOM   1413 C  CB  . SER A 1 200 ? -14.210 -23.469 -9.337  1.00 25.04 ? 180 SER A CB  1 
ATOM   1414 O  OG  . SER A 1 200 ? -13.875 -22.467 -8.401  1.00 23.84 ? 180 SER A OG  1 
ATOM   1415 N  N   . GLY A 1 201 ? -16.950 -21.550 -8.825  1.00 24.29 ? 181 GLY A N   1 
ATOM   1416 C  CA  . GLY A 1 201 ? -17.915 -21.156 -7.811  1.00 23.98 ? 181 GLY A CA  1 
ATOM   1417 C  C   . GLY A 1 201 ? -17.364 -21.193 -6.393  1.00 24.39 ? 181 GLY A C   1 
ATOM   1418 O  O   . GLY A 1 201 ? -18.099 -21.001 -5.415  1.00 22.24 ? 181 GLY A O   1 
ATOM   1419 N  N   . ARG A 1 202 ? -16.061 -21.432 -6.284  1.00 24.27 ? 182 ARG A N   1 
ATOM   1420 C  CA  . ARG A 1 202 ? -15.385 -21.503 -4.992  1.00 24.62 ? 182 ARG A CA  1 
ATOM   1421 C  C   . ARG A 1 202 ? -14.152 -20.606 -5.054  1.00 24.54 ? 182 ARG A C   1 
ATOM   1422 O  O   . ARG A 1 202 ? -13.041 -21.051 -5.347  1.00 27.09 ? 182 ARG A O   1 
ATOM   1423 C  CB  . ARG A 1 202 ? -15.000 -22.953 -4.703  1.00 24.87 ? 182 ARG A CB  1 
ATOM   1424 C  CG  . ARG A 1 202 ? -16.160 -23.915 -4.897  1.00 24.70 ? 182 ARG A CG  1 
ATOM   1425 C  CD  . ARG A 1 202 ? -15.760 -25.322 -4.558  1.00 25.95 ? 182 ARG A CD  1 
ATOM   1426 N  NE  . ARG A 1 202 ? -15.059 -25.361 -3.283  1.00 28.46 ? 182 ARG A NE  1 
ATOM   1427 C  CZ  . ARG A 1 202 ? -14.670 -26.476 -2.680  1.00 29.23 ? 182 ARG A CZ  1 
ATOM   1428 N  NH1 . ARG A 1 202 ? -14.920 -27.656 -3.236  1.00 28.91 ? 182 ARG A NH1 1 
ATOM   1429 N  NH2 . ARG A 1 202 ? -14.008 -26.408 -1.533  1.00 28.99 ? 182 ARG A NH2 1 
ATOM   1430 N  N   . ILE A 1 203 ? -14.373 -19.331 -4.773  1.00 23.84 ? 183 ILE A N   1 
ATOM   1431 C  CA  . ILE A 1 203 ? -13.337 -18.313 -4.822  1.00 22.01 ? 183 ILE A CA  1 
ATOM   1432 C  C   . ILE A 1 203 ? -12.540 -18.137 -3.526  1.00 21.90 ? 183 ILE A C   1 
ATOM   1433 O  O   . ILE A 1 203 ? -13.108 -17.966 -2.446  1.00 20.52 ? 183 ILE A O   1 
ATOM   1434 C  CB  . ILE A 1 203 ? -13.978 -16.962 -5.203  1.00 22.91 ? 183 ILE A CB  1 
ATOM   1435 C  CG1 . ILE A 1 203 ? -14.857 -17.157 -6.445  1.00 20.09 ? 183 ILE A CG1 1 
ATOM   1436 C  CG2 . ILE A 1 203 ? -12.900 -15.906 -5.452  1.00 22.04 ? 183 ILE A CG2 1 
ATOM   1437 C  CD1 . ILE A 1 203 ? -15.752 -15.985 -6.771  1.00 21.13 ? 183 ILE A CD1 1 
ATOM   1438 N  N   . PRO A 1 204 ? -11.201 -18.199 -3.615  1.00 21.04 ? 184 PRO A N   1 
ATOM   1439 C  CA  . PRO A 1 204 ? -10.408 -18.022 -2.395  1.00 20.40 ? 184 PRO A CA  1 
ATOM   1440 C  C   . PRO A 1 204 ? -10.647 -16.658 -1.741  1.00 19.87 ? 184 PRO A C   1 
ATOM   1441 O  O   . PRO A 1 204 ? -10.861 -15.647 -2.414  1.00 19.13 ? 184 PRO A O   1 
ATOM   1442 C  CB  . PRO A 1 204 ? -8.965  -18.220 -2.875  1.00 21.46 ? 184 PRO A CB  1 
ATOM   1443 C  CG  . PRO A 1 204 ? -9.036  -18.005 -4.354  1.00 22.41 ? 184 PRO A CG  1 
ATOM   1444 C  CD  . PRO A 1 204 ? -10.349 -18.613 -4.739  1.00 20.46 ? 184 PRO A CD  1 
ATOM   1445 N  N   . SER A 1 205 ? -10.617 -16.653 -0.416  1.00 19.76 ? 185 SER A N   1 
ATOM   1446 C  CA  . SER A 1 205 ? -10.848 -15.457 0.377   1.00 21.14 ? 185 SER A CA  1 
ATOM   1447 C  C   . SER A 1 205 ? -9.929  -14.277 0.080   1.00 21.09 ? 185 SER A C   1 
ATOM   1448 O  O   . SER A 1 205 ? -10.248 -13.144 0.431   1.00 22.42 ? 185 SER A O   1 
ATOM   1449 C  CB  . SER A 1 205 ? -10.748 -15.813 1.863   1.00 23.04 ? 185 SER A CB  1 
ATOM   1450 O  OG  . SER A 1 205 ? -9.569  -16.561 2.114   1.00 24.37 ? 185 SER A OG  1 
ATOM   1451 N  N   . CYS A 1 206 ? -8.795  -14.528 -0.560  1.00 20.53 ? 186 CYS A N   1 
ATOM   1452 C  CA  . CYS A 1 206 ? -7.863  -13.445 -0.850  1.00 19.65 ? 186 CYS A CA  1 
ATOM   1453 C  C   . CYS A 1 206 ? -8.284  -12.587 -2.032  1.00 19.37 ? 186 CYS A C   1 
ATOM   1454 O  O   . CYS A 1 206 ? -7.638  -11.589 -2.343  1.00 19.58 ? 186 CYS A O   1 
ATOM   1455 C  CB  . CYS A 1 206 ? -6.449  -13.998 -1.070  1.00 18.41 ? 186 CYS A CB  1 
ATOM   1456 S  SG  . CYS A 1 206 ? -6.311  -15.274 -2.322  1.00 22.25 ? 186 CYS A SG  1 
ATOM   1457 N  N   . VAL A 1 207 ? -9.368  -12.977 -2.696  1.00 20.52 ? 187 VAL A N   1 
ATOM   1458 C  CA  . VAL A 1 207 ? -9.872  -12.210 -3.830  1.00 19.19 ? 187 VAL A CA  1 
ATOM   1459 C  C   . VAL A 1 207 ? -10.815 -11.124 -3.320  1.00 19.13 ? 187 VAL A C   1 
ATOM   1460 O  O   . VAL A 1 207 ? -11.658 -11.376 -2.460  1.00 19.00 ? 187 VAL A O   1 
ATOM   1461 C  CB  . VAL A 1 207 ? -10.638 -13.116 -4.822  1.00 20.64 ? 187 VAL A CB  1 
ATOM   1462 C  CG1 . VAL A 1 207 ? -11.260 -12.268 -5.930  1.00 19.90 ? 187 VAL A CG1 1 
ATOM   1463 C  CG2 . VAL A 1 207 ? -9.693  -14.156 -5.417  1.00 18.25 ? 187 VAL A CG2 1 
ATOM   1464 N  N   . ARG A 1 208 ? -10.659 -9.909  -3.831  1.00 20.08 ? 188 ARG A N   1 
ATOM   1465 C  CA  . ARG A 1 208 ? -11.523 -8.800  -3.433  1.00 21.27 ? 188 ARG A CA  1 
ATOM   1466 C  C   . ARG A 1 208 ? -12.782 -8.896  -4.287  1.00 22.58 ? 188 ARG A C   1 
ATOM   1467 O  O   . ARG A 1 208 ? -12.750 -8.616  -5.488  1.00 21.82 ? 188 ARG A O   1 
ATOM   1468 C  CB  . ARG A 1 208 ? -10.826 -7.467  -3.684  1.00 19.94 ? 188 ARG A CB  1 
ATOM   1469 C  CG  . ARG A 1 208 ? -9.465  -7.367  -3.031  1.00 21.26 ? 188 ARG A CG  1 
ATOM   1470 C  CD  . ARG A 1 208 ? -8.840  -6.004  -3.264  1.00 20.07 ? 188 ARG A CD  1 
ATOM   1471 N  NE  . ARG A 1 208 ? -7.485  -5.934  -2.725  1.00 20.52 ? 188 ARG A NE  1 
ATOM   1472 C  CZ  . ARG A 1 208 ? -6.721  -4.843  -2.759  1.00 19.74 ? 188 ARG A CZ  1 
ATOM   1473 N  NH1 . ARG A 1 208 ? -7.176  -3.723  -3.307  1.00 19.31 ? 188 ARG A NH1 1 
ATOM   1474 N  NH2 . ARG A 1 208 ? -5.501  -4.877  -2.247  1.00 19.04 ? 188 ARG A NH2 1 
ATOM   1475 N  N   . MET A 1 209 ? -13.882 -9.306  -3.660  1.00 25.49 ? 189 MET A N   1 
ATOM   1476 C  CA  . MET A 1 209 ? -15.155 -9.481  -4.355  1.00 27.37 ? 189 MET A CA  1 
ATOM   1477 C  C   . MET A 1 209 ? -15.785 -8.187  -4.852  1.00 28.95 ? 189 MET A C   1 
ATOM   1478 O  O   . MET A 1 209 ? -16.378 -8.156  -5.928  1.00 31.15 ? 189 MET A O   1 
ATOM   1479 C  CB  . MET A 1 209 ? -16.153 -10.215 -3.455  1.00 26.02 ? 189 MET A CB  1 
ATOM   1480 C  CG  . MET A 1 209 ? -15.711 -11.602 -2.989  1.00 23.17 ? 189 MET A CG  1 
ATOM   1481 S  SD  . MET A 1 209 ? -15.219 -12.687 -4.341  1.00 24.22 ? 189 MET A SD  1 
ATOM   1482 C  CE  . MET A 1 209 ? -16.778 -12.932 -5.191  1.00 21.51 ? 189 MET A CE  1 
ATOM   1483 N  N   . ARG A 1 210 ? -15.671 -7.119  -4.074  1.00 31.35 ? 190 ARG A N   1 
ATOM   1484 C  CA  . ARG A 1 210 ? -16.252 -5.850  -4.477  1.00 33.78 ? 190 ARG A CA  1 
ATOM   1485 C  C   . ARG A 1 210 ? -15.398 -5.133  -5.498  1.00 35.59 ? 190 ARG A C   1 
ATOM   1486 O  O   . ARG A 1 210 ? -15.568 -3.935  -5.729  1.00 35.44 ? 190 ARG A O   1 
ATOM   1487 C  CB  . ARG A 1 210 ? -16.469 -4.936  -3.271  1.00 35.26 ? 190 ARG A CB  1 
ATOM   1488 C  CG  . ARG A 1 210 ? -17.835 -5.087  -2.637  1.00 38.19 ? 190 ARG A CG  1 
ATOM   1489 C  CD  . ARG A 1 210 ? -18.115 -3.976  -1.642  1.00 40.84 ? 190 ARG A CD  1 
ATOM   1490 N  NE  . ARG A 1 210 ? -19.526 -3.933  -1.272  1.00 46.08 ? 190 ARG A NE  1 
ATOM   1491 C  CZ  . ARG A 1 210 ? -20.162 -4.896  -0.610  1.00 47.54 ? 190 ARG A CZ  1 
ATOM   1492 N  NH1 . ARG A 1 210 ? -21.450 -4.764  -0.325  1.00 48.61 ? 190 ARG A NH1 1 
ATOM   1493 N  NH2 . ARG A 1 210 ? -19.511 -5.989  -0.226  1.00 49.12 ? 190 ARG A NH2 1 
ATOM   1494 N  N   . TRP A 1 211 ? -14.476 -5.857  -6.117  1.00 37.66 ? 191 TRP A N   1 
ATOM   1495 C  CA  . TRP A 1 211 ? -13.618 -5.238  -7.113  1.00 40.26 ? 191 TRP A CA  1 
ATOM   1496 C  C   . TRP A 1 211 ? -14.282 -5.330  -8.479  1.00 42.12 ? 191 TRP A C   1 
ATOM   1497 O  O   . TRP A 1 211 ? -14.806 -6.382  -8.845  1.00 42.16 ? 191 TRP A O   1 
ATOM   1498 C  CB  . TRP A 1 211 ? -12.249 -5.920  -7.125  1.00 38.85 ? 191 TRP A CB  1 
ATOM   1499 C  CG  . TRP A 1 211 ? -11.137 -4.955  -7.341  1.00 38.44 ? 191 TRP A CG  1 
ATOM   1500 C  CD1 . TRP A 1 211 ? -10.423 -4.763  -8.490  1.00 39.71 ? 191 TRP A CD1 1 
ATOM   1501 C  CD2 . TRP A 1 211 ? -10.633 -4.008  -6.391  1.00 38.32 ? 191 TRP A CD2 1 
ATOM   1502 N  NE1 . TRP A 1 211 ? -9.508  -3.752  -8.315  1.00 39.22 ? 191 TRP A NE1 1 
ATOM   1503 C  CE2 . TRP A 1 211 ? -9.614  -3.269  -7.037  1.00 38.58 ? 191 TRP A CE2 1 
ATOM   1504 C  CE3 . TRP A 1 211 ? -10.944 -3.708  -5.057  1.00 36.88 ? 191 TRP A CE3 1 
ATOM   1505 C  CZ2 . TRP A 1 211 ? -8.904  -2.248  -6.393  1.00 36.54 ? 191 TRP A CZ2 1 
ATOM   1506 C  CZ3 . TRP A 1 211 ? -10.236 -2.693  -4.419  1.00 36.69 ? 191 TRP A CZ3 1 
ATOM   1507 C  CH2 . TRP A 1 211 ? -9.231  -1.976  -5.090  1.00 36.61 ? 191 TRP A CH2 1 
ATOM   1508 N  N   . LYS A 1 212 ? -14.266 -4.219  -9.214  1.00 45.00 ? 192 LYS A N   1 
ATOM   1509 C  CA  . LYS A 1 212 ? -14.868 -4.139  -10.541 1.00 48.44 ? 192 LYS A CA  1 
ATOM   1510 C  C   . LYS A 1 212 ? -14.549 -5.346  -11.412 1.00 49.17 ? 192 LYS A C   1 
ATOM   1511 O  O   . LYS A 1 212 ? -15.448 -5.975  -11.973 1.00 49.06 ? 192 LYS A O   1 
ATOM   1512 C  CB  . LYS A 1 212 ? -14.394 -2.867  -11.253 1.00 51.67 ? 192 LYS A CB  1 
ATOM   1513 C  CG  . LYS A 1 212 ? -14.861 -2.759  -12.698 1.00 54.72 ? 192 LYS A CG  1 
ATOM   1514 C  CD  . LYS A 1 212 ? -14.259 -1.541  -13.397 1.00 57.45 ? 192 LYS A CD  1 
ATOM   1515 C  CE  . LYS A 1 212 ? -14.779 -1.411  -14.828 1.00 58.18 ? 192 LYS A CE  1 
ATOM   1516 N  NZ  . LYS A 1 212 ? -14.282 -0.178  -15.495 1.00 58.84 ? 192 LYS A NZ  1 
ATOM   1517 N  N   . THR A 1 213 ? -13.264 -5.661  -11.522 1.00 50.52 ? 193 THR A N   1 
ATOM   1518 C  CA  . THR A 1 213 ? -12.821 -6.791  -12.324 1.00 51.36 ? 193 THR A CA  1 
ATOM   1519 C  C   . THR A 1 213 ? -13.624 -8.043  -11.988 1.00 51.31 ? 193 THR A C   1 
ATOM   1520 O  O   . THR A 1 213 ? -14.156 -8.705  -12.882 1.00 51.91 ? 193 THR A O   1 
ATOM   1521 C  CB  . THR A 1 213 ? -11.324 -7.072  -12.096 1.00 51.93 ? 193 THR A CB  1 
ATOM   1522 O  OG1 . THR A 1 213 ? -10.568 -5.902  -12.432 1.00 51.91 ? 193 THR A OG1 1 
ATOM   1523 C  CG2 . THR A 1 213 ? -10.858 -8.242  -12.963 1.00 52.77 ? 193 THR A CG2 1 
ATOM   1524 N  N   . VAL A 1 214 ? -13.715 -8.357  -10.700 1.00 50.63 ? 194 VAL A N   1 
ATOM   1525 C  CA  . VAL A 1 214 ? -14.450 -9.531  -10.247 1.00 50.30 ? 194 VAL A CA  1 
ATOM   1526 C  C   . VAL A 1 214 ? -15.921 -9.429  -10.623 1.00 50.25 ? 194 VAL A C   1 
ATOM   1527 O  O   . VAL A 1 214 ? -16.488 -10.355 -11.201 1.00 50.04 ? 194 VAL A O   1 
ATOM   1528 C  CB  . VAL A 1 214 ? -14.328 -9.702  -8.720  1.00 50.58 ? 194 VAL A CB  1 
ATOM   1529 C  CG1 . VAL A 1 214 ? -15.166 -10.888 -8.251  1.00 50.25 ? 194 VAL A CG1 1 
ATOM   1530 C  CG2 . VAL A 1 214 ? -12.864 -9.895  -8.345  1.00 50.51 ? 194 VAL A CG2 1 
ATOM   1531 N  N   . SER A 1 215 ? -16.537 -8.301  -10.288 1.00 50.48 ? 195 SER A N   1 
ATOM   1532 C  CA  . SER A 1 215 ? -17.940 -8.073  -10.608 1.00 50.42 ? 195 SER A CA  1 
ATOM   1533 C  C   . SER A 1 215 ? -18.175 -8.400  -12.076 1.00 50.35 ? 195 SER A C   1 
ATOM   1534 O  O   . SER A 1 215 ? -18.980 -9.271  -12.409 1.00 50.75 ? 195 SER A O   1 
ATOM   1535 C  CB  . SER A 1 215 ? -18.318 -6.609  -10.360 1.00 51.07 ? 195 SER A CB  1 
ATOM   1536 O  OG  . SER A 1 215 ? -18.165 -6.252  -8.998  1.00 52.03 ? 195 SER A OG  1 
ATOM   1537 N  N   . ASN A 1 216 ? -17.459 -7.695  -12.949 1.00 50.14 ? 196 ASN A N   1 
ATOM   1538 C  CA  . ASN A 1 216 ? -17.591 -7.900  -14.386 1.00 49.30 ? 196 ASN A CA  1 
ATOM   1539 C  C   . ASN A 1 216 ? -17.405 -9.360  -14.767 1.00 49.16 ? 196 ASN A C   1 
ATOM   1540 O  O   . ASN A 1 216 ? -18.178 -9.897  -15.560 1.00 49.52 ? 196 ASN A O   1 
ATOM   1541 C  CB  . ASN A 1 216 ? -16.583 -7.035  -15.156 1.00 48.36 ? 196 ASN A CB  1 
ATOM   1542 C  CG  . ASN A 1 216 ? -16.793 -5.548  -14.925 1.00 47.97 ? 196 ASN A CG  1 
ATOM   1543 O  OD1 . ASN A 1 216 ? -17.886 -5.115  -14.555 1.00 47.54 ? 196 ASN A OD1 1 
ATOM   1544 N  ND2 . ASN A 1 216 ? -15.747 -4.756  -15.158 1.00 47.02 ? 196 ASN A ND2 1 
ATOM   1545 N  N   . LEU A 1 217 ? -16.389 -10.003 -14.201 1.00 49.31 ? 197 LEU A N   1 
ATOM   1546 C  CA  . LEU A 1 217 ? -16.127 -11.405 -14.512 1.00 50.09 ? 197 LEU A CA  1 
ATOM   1547 C  C   . LEU A 1 217 ? -17.267 -12.326 -14.106 1.00 50.96 ? 197 LEU A C   1 
ATOM   1548 O  O   . LEU A 1 217 ? -17.523 -13.332 -14.768 1.00 51.26 ? 197 LEU A O   1 
ATOM   1549 C  CB  . LEU A 1 217 ? -14.832 -11.872 -13.847 1.00 49.11 ? 197 LEU A CB  1 
ATOM   1550 C  CG  . LEU A 1 217 ? -13.541 -11.361 -14.485 1.00 49.06 ? 197 LEU A CG  1 
ATOM   1551 C  CD1 . LEU A 1 217 ? -12.338 -11.891 -13.709 1.00 47.87 ? 197 LEU A CD1 1 
ATOM   1552 C  CD2 . LEU A 1 217 ? -13.487 -11.809 -15.948 1.00 47.69 ? 197 LEU A CD2 1 
ATOM   1553 N  N   . ARG A 1 218 ? -17.954 -11.988 -13.021 1.00 52.07 ? 198 ARG A N   1 
ATOM   1554 C  CA  . ARG A 1 218 ? -19.059 -12.814 -12.558 1.00 53.54 ? 198 ARG A CA  1 
ATOM   1555 C  C   . ARG A 1 218 ? -20.327 -12.515 -13.340 1.00 55.90 ? 198 ARG A C   1 
ATOM   1556 O  O   . ARG A 1 218 ? -21.072 -13.429 -13.691 1.00 57.27 ? 198 ARG A O   1 
ATOM   1557 C  CB  . ARG A 1 218 ? -19.310 -12.590 -11.069 1.00 51.32 ? 198 ARG A CB  1 
ATOM   1558 C  CG  . ARG A 1 218 ? -18.097 -12.857 -10.194 1.00 50.12 ? 198 ARG A CG  1 
ATOM   1559 C  CD  . ARG A 1 218 ? -18.408 -12.581 -8.733  1.00 48.39 ? 198 ARG A CD  1 
ATOM   1560 N  NE  . ARG A 1 218 ? -19.212 -13.643 -8.139  1.00 47.05 ? 198 ARG A NE  1 
ATOM   1561 C  CZ  . ARG A 1 218 ? -20.007 -13.480 -7.088  1.00 46.68 ? 198 ARG A CZ  1 
ATOM   1562 N  NH1 . ARG A 1 218 ? -20.114 -12.290 -6.513  1.00 46.74 ? 198 ARG A NH1 1 
ATOM   1563 N  NH2 . ARG A 1 218 ? -20.696 -14.510 -6.614  1.00 46.75 ? 198 ARG A NH2 1 
ATOM   1564 N  N   . GLN A 1 219 ? -20.573 -11.236 -13.608 1.00 58.44 ? 199 GLN A N   1 
ATOM   1565 C  CA  . GLN A 1 219 ? -21.767 -10.840 -14.349 1.00 61.09 ? 199 GLN A CA  1 
ATOM   1566 C  C   . GLN A 1 219 ? -21.925 -11.669 -15.622 1.00 62.11 ? 199 GLN A C   1 
ATOM   1567 O  O   . GLN A 1 219 ? -23.036 -12.072 -15.968 1.00 62.70 ? 199 GLN A O   1 
ATOM   1568 C  CB  . GLN A 1 219 ? -21.714 -9.351  -14.703 1.00 62.33 ? 199 GLN A CB  1 
ATOM   1569 C  CG  . GLN A 1 219 ? -22.875 -8.879  -15.575 1.00 65.67 ? 199 GLN A CG  1 
ATOM   1570 C  CD  . GLN A 1 219 ? -22.798 -7.398  -15.915 1.00 68.06 ? 199 GLN A CD  1 
ATOM   1571 O  OE1 . GLN A 1 219 ? -21.774 -6.749  -15.690 1.00 69.01 ? 199 GLN A OE1 1 
ATOM   1572 N  NE2 . GLN A 1 219 ? -23.884 -6.861  -16.476 1.00 68.87 ? 199 GLN A NE2 1 
ATOM   1573 N  N   . LYS A 1 220 ? -20.816 -11.926 -16.309 1.00 62.69 ? 200 LYS A N   1 
ATOM   1574 C  CA  . LYS A 1 220 ? -20.854 -12.705 -17.543 1.00 62.74 ? 200 LYS A CA  1 
ATOM   1575 C  C   . LYS A 1 220 ? -20.564 -14.174 -17.255 1.00 62.81 ? 200 LYS A C   1 
ATOM   1576 O  O   . LYS A 1 220 ? -19.914 -14.862 -18.050 1.00 62.60 ? 200 LYS A O   1 
ATOM   1577 C  CB  . LYS A 1 220 ? -19.836 -12.164 -18.555 1.00 62.27 ? 200 LYS A CB  1 
ATOM   1578 C  CG  . LYS A 1 220 ? -20.040 -12.708 -19.968 1.00 62.75 ? 200 LYS A CG  1 
ATOM   1579 C  CD  . LYS A 1 220 ? -18.939 -12.256 -20.928 1.00 61.20 ? 200 LYS A CD  1 
ATOM   1580 C  CE  . LYS A 1 220 ? -19.249 -12.685 -22.356 1.00 60.08 ? 200 LYS A CE  1 
ATOM   1581 N  NZ  . LYS A 1 220 ? -18.135 -12.380 -23.297 1.00 58.75 ? 200 LYS A NZ  1 
HETATM 1582 CO CO  . NCO B 2 .   ? 2.417   3.991   -5.464  1.00 31.41 ? 300 NCO A CO  1 
HETATM 1583 N  N1  . NCO B 2 .   ? 1.085   4.682   -4.169  1.00 28.87 ? 300 NCO A N1  1 
HETATM 1584 N  N2  . NCO B 2 .   ? 3.732   4.058   -4.007  1.00 27.94 ? 300 NCO A N2  1 
HETATM 1585 N  N3  . NCO B 2 .   ? 2.863   5.706   -6.158  1.00 29.54 ? 300 NCO A N3  1 
HETATM 1586 N  N4  . NCO B 2 .   ? 1.063   3.860   -6.842  1.00 29.27 ? 300 NCO A N4  1 
HETATM 1587 N  N5  . NCO B 2 .   ? 1.938   2.207   -4.857  1.00 29.11 ? 300 NCO A N5  1 
HETATM 1588 N  N6  . NCO B 2 .   ? 3.737   3.233   -6.668  1.00 30.45 ? 300 NCO A N6  1 
HETATM 1589 O  O   . HOH C 3 .   ? 4.498   0.870   -2.420  1.00 27.27 ? 301 HOH A O   1 
HETATM 1590 O  O   . HOH C 3 .   ? -2.312  -7.176  -2.430  1.00 18.31 ? 302 HOH A O   1 
HETATM 1591 O  O   . HOH C 3 .   ? -4.573  -9.656  4.354   1.00 23.65 ? 303 HOH A O   1 
HETATM 1592 O  O   . HOH C 3 .   ? -4.567  -11.339 1.801   1.00 18.51 ? 304 HOH A O   1 
HETATM 1593 O  O   . HOH C 3 .   ? -7.096  -12.998 2.622   1.00 23.33 ? 305 HOH A O   1 
HETATM 1594 O  O   . HOH C 3 .   ? -9.476  -11.748 3.196   1.00 23.99 ? 306 HOH A O   1 
HETATM 1595 O  O   . HOH C 3 .   ? -10.399 -13.170 5.146   1.00 34.19 ? 307 HOH A O   1 
HETATM 1596 O  O   . HOH C 3 .   ? -7.852  -6.465  7.839   1.00 19.53 ? 308 HOH A O   1 
HETATM 1597 O  O   . HOH C 3 .   ? 3.464   -1.461  12.654  1.00 30.34 ? 309 HOH A O   1 
HETATM 1598 O  O   . HOH C 3 .   ? 9.654   -2.628  12.828  1.00 16.43 ? 310 HOH A O   1 
HETATM 1599 O  O   . HOH C 3 .   ? 11.143  0.336   12.675  1.00 18.57 ? 311 HOH A O   1 
HETATM 1600 O  O   . HOH C 3 .   ? 9.306   1.324   14.659  1.00 19.30 ? 312 HOH A O   1 
HETATM 1601 O  O   . HOH C 3 .   ? 11.482  2.386   16.182  1.00 23.12 ? 313 HOH A O   1 
HETATM 1602 O  O   . HOH C 3 .   ? 7.421   -1.218  13.748  1.00 39.21 ? 314 HOH A O   1 
HETATM 1603 O  O   . HOH C 3 .   ? 15.630  7.513   13.820  1.00 28.35 ? 315 HOH A O   1 
HETATM 1604 O  O   . HOH C 3 .   ? 13.720  6.734   15.152  1.00 32.57 ? 316 HOH A O   1 
HETATM 1605 O  O   . HOH C 3 .   ? 20.243  0.184   8.880   1.00 22.93 ? 317 HOH A O   1 
HETATM 1606 O  O   . HOH C 3 .   ? 19.164  -5.799  5.657   1.00 23.90 ? 318 HOH A O   1 
HETATM 1607 O  O   . HOH C 3 .   ? 19.104  -3.884  -0.246  1.00 21.24 ? 319 HOH A O   1 
HETATM 1608 O  O   . HOH C 3 .   ? 15.068  -11.283 5.148   1.00 42.91 ? 320 HOH A O   1 
HETATM 1609 O  O   . HOH C 3 .   ? 11.844  -10.004 9.444   1.00 40.97 ? 321 HOH A O   1 
HETATM 1610 O  O   . HOH C 3 .   ? -12.878 8.750   -3.430  1.00 22.83 ? 322 HOH A O   1 
HETATM 1611 O  O   . HOH C 3 .   ? -11.431 5.334   -4.975  1.00 24.45 ? 323 HOH A O   1 
HETATM 1612 O  O   . HOH C 3 .   ? -13.545 2.614   -5.125  1.00 18.46 ? 324 HOH A O   1 
HETATM 1613 O  O   . HOH C 3 .   ? -14.426 3.381   -8.915  1.00 36.62 ? 325 HOH A O   1 
HETATM 1614 O  O   . HOH C 3 .   ? 25.324  -9.414  -1.030  1.00 36.70 ? 326 HOH A O   1 
HETATM 1615 O  O   . HOH C 3 .   ? 10.316  -7.620  -1.133  1.00 19.15 ? 327 HOH A O   1 
HETATM 1616 O  O   . HOH C 3 .   ? -12.642 -10.783 0.162   1.00 22.59 ? 328 HOH A O   1 
HETATM 1617 O  O   . HOH C 3 .   ? 12.269  13.050  2.845   1.00 27.16 ? 329 HOH A O   1 
HETATM 1618 O  O   . HOH C 3 .   ? -6.703  15.355  -3.256  1.00 26.47 ? 330 HOH A O   1 
HETATM 1619 O  O   . HOH C 3 .   ? -16.871 1.472   4.978   1.00 23.48 ? 331 HOH A O   1 
HETATM 1620 O  O   . HOH C 3 .   ? 20.518  3.288   -10.054 1.00 34.41 ? 332 HOH A O   1 
HETATM 1621 O  O   . HOH C 3 .   ? 16.592  -6.075  -10.189 1.00 37.07 ? 333 HOH A O   1 
HETATM 1622 O  O   . HOH C 3 .   ? -18.329 -20.799 -16.617 1.00 29.39 ? 334 HOH A O   1 
HETATM 1623 O  O   . HOH C 3 .   ? 5.806   -17.802 -5.647  1.00 28.92 ? 335 HOH A O   1 
HETATM 1624 O  O   . HOH C 3 .   ? -13.548 -18.851 -0.053  1.00 28.71 ? 336 HOH A O   1 
HETATM 1625 O  O   . HOH C 3 .   ? -16.357 -9.003  3.039   1.00 24.17 ? 337 HOH A O   1 
HETATM 1626 O  O   . HOH C 3 .   ? -11.490 15.255  6.791   1.00 37.82 ? 338 HOH A O   1 
HETATM 1627 O  O   . HOH C 3 .   ? -5.290  -22.161 -8.491  1.00 36.10 ? 339 HOH A O   1 
HETATM 1628 O  O   . HOH C 3 .   ? 6.179   -14.583 3.012   1.00 42.24 ? 340 HOH A O   1 
HETATM 1629 O  O   . HOH C 3 .   ? 18.245  7.627   -1.415  1.00 29.55 ? 341 HOH A O   1 
HETATM 1630 O  O   . HOH C 3 .   ? -6.936  7.816   -8.103  1.00 30.12 ? 342 HOH A O   1 
HETATM 1631 O  O   . HOH C 3 .   ? 13.106  14.491  10.245  1.00 39.09 ? 343 HOH A O   1 
HETATM 1632 O  O   . HOH C 3 .   ? -1.399  21.492  12.150  1.00 46.81 ? 344 HOH A O   1 
HETATM 1633 O  O   . HOH C 3 .   ? 12.019  -8.973  -8.334  1.00 30.16 ? 345 HOH A O   1 
HETATM 1634 O  O   . HOH C 3 .   ? 9.930   -1.534  -8.904  1.00 45.45 ? 346 HOH A O   1 
HETATM 1635 O  O   . HOH C 3 .   ? -18.234 -12.031 7.202   1.00 32.57 ? 347 HOH A O   1 
HETATM 1636 O  O   . HOH C 3 .   ? -18.873 -8.012  2.573   1.00 31.49 ? 348 HOH A O   1 
HETATM 1637 O  O   . HOH C 3 .   ? -3.692  2.718   15.076  1.00 39.78 ? 349 HOH A O   1 
HETATM 1638 O  O   . HOH C 3 .   ? -13.289 -14.378 -22.651 1.00 55.22 ? 350 HOH A O   1 
HETATM 1639 O  O   . HOH C 3 .   ? -11.826 -25.853 -4.836  0.50 31.39 ? 351 HOH A O   1 
HETATM 1640 O  O   . HOH C 3 .   ? -6.872  -15.840 1.731   1.00 35.22 ? 352 HOH A O   1 
HETATM 1641 O  O   . HOH C 3 .   ? -2.989  25.876  -5.482  1.00 40.32 ? 353 HOH A O   1 
HETATM 1642 O  O   . HOH C 3 .   ? -15.349 -17.731 -15.035 1.00 35.76 ? 354 HOH A O   1 
HETATM 1643 O  O   . HOH C 3 .   ? 10.801  -5.872  -8.390  1.00 36.32 ? 355 HOH A O   1 
HETATM 1644 O  O   . HOH C 3 .   ? -7.951  1.116   9.151   1.00 43.95 ? 356 HOH A O   1 
HETATM 1645 O  O   . HOH C 3 .   ? -12.961 14.296  10.055  1.00 41.41 ? 357 HOH A O   1 
HETATM 1646 O  O   . HOH C 3 .   ? 1.266   -22.836 -8.832  1.00 43.55 ? 358 HOH A O   1 
HETATM 1647 O  O   . HOH C 3 .   ? 16.997  16.169  4.801   1.00 42.36 ? 359 HOH A O   1 
HETATM 1648 O  O   . HOH C 3 .   ? 10.972  0.441   -3.999  1.00 30.99 ? 360 HOH A O   1 
HETATM 1649 O  O   . HOH C 3 .   ? 17.365  7.720   11.538  1.00 28.27 ? 361 HOH A O   1 
HETATM 1650 O  O   . HOH C 3 .   ? 5.820   -2.842  12.113  1.00 52.96 ? 362 HOH A O   1 
HETATM 1651 O  O   . HOH C 3 .   ? -2.161  -2.531  12.428  1.00 51.28 ? 363 HOH A O   1 
HETATM 1652 O  O   . HOH C 3 .   ? -2.258  5.556   -4.507  1.00 33.52 ? 364 HOH A O   1 
HETATM 1653 O  O   . HOH C 3 .   ? -11.461 19.821  -4.198  1.00 43.88 ? 365 HOH A O   1 
HETATM 1654 O  O   . HOH C 3 .   ? -8.127  21.342  6.965   1.00 36.02 ? 366 HOH A O   1 
HETATM 1655 O  O   . HOH C 3 .   ? -6.717  20.840  12.227  1.00 41.69 ? 367 HOH A O   1 
HETATM 1656 O  O   . HOH C 3 .   ? 6.677   -3.874  -5.783  1.00 42.91 ? 368 HOH A O   1 
HETATM 1657 O  O   . HOH C 3 .   ? -10.076 17.902  -5.155  1.00 67.77 ? 369 HOH A O   1 
HETATM 1658 O  O   . HOH C 3 .   ? -17.078 -28.234 -5.378  1.00 36.46 ? 370 HOH A O   1 
HETATM 1659 O  O   . HOH C 3 .   ? 1.428   0.719   -8.049  1.00 39.63 ? 371 HOH A O   1 
HETATM 1660 O  O   . HOH C 3 .   ? -2.325  1.623   -5.938  1.00 48.29 ? 372 HOH A O   1 
HETATM 1661 O  O   . HOH C 3 .   ? 22.891  4.772   5.571   1.00 47.40 ? 373 HOH A O   1 
HETATM 1662 O  O   . HOH C 3 .   ? -3.751  -23.037 -10.969 1.00 40.00 ? 374 HOH A O   1 
HETATM 1663 O  O   . HOH C 3 .   ? 20.111  -3.030  2.143   1.00 39.65 ? 375 HOH A O   1 
HETATM 1664 O  O   . HOH C 3 .   ? -6.833  -23.174 -10.053 1.00 42.66 ? 376 HOH A O   1 
HETATM 1665 O  O   . HOH C 3 .   ? 12.248  -6.705  5.575   1.00 33.98 ? 377 HOH A O   1 
HETATM 1666 O  O   . HOH C 3 .   ? 21.622  -5.340  4.337   1.00 52.10 ? 378 HOH A O   1 
HETATM 1667 O  O   . HOH C 3 .   ? -2.713  -4.272  10.511  1.00 26.42 ? 379 HOH A O   1 
HETATM 1668 O  O   . HOH C 3 .   ? 3.017   -9.044  5.251   1.00 41.41 ? 380 HOH A O   1 
HETATM 1669 O  O   . HOH C 3 .   ? 9.926   -11.664 -0.780  1.00 47.54 ? 381 HOH A O   1 
HETATM 1670 O  O   . HOH C 3 .   ? 9.392   -6.124  -3.241  1.00 34.25 ? 382 HOH A O   1 
HETATM 1671 O  O   . HOH C 3 .   ? -10.838 8.632   9.361   1.00 31.25 ? 383 HOH A O   1 
HETATM 1672 O  O   . HOH C 3 .   ? 8.910   -9.154  0.401   1.00 29.66 ? 384 HOH A O   1 
HETATM 1673 O  O   . HOH C 3 .   ? -1.677  -0.733  -6.368  1.00 28.97 ? 385 HOH A O   1 
HETATM 1674 O  O   . HOH C 3 .   ? 10.396  3.334   -11.942 1.00 53.02 ? 386 HOH A O   1 
HETATM 1675 O  O   . HOH C 3 .   ? -8.351  11.671  16.814  1.00 48.96 ? 387 HOH A O   1 
HETATM 1676 O  O   . HOH C 3 .   ? 4.364   0.886   -8.672  1.00 49.03 ? 388 HOH A O   1 
HETATM 1677 O  O   . HOH C 3 .   ? 8.166   -14.426 1.524   1.00 34.22 ? 389 HOH A O   1 
HETATM 1678 O  O   . HOH C 3 .   ? 6.741   -24.230 3.781   1.00 53.43 ? 390 HOH A O   1 
HETATM 1679 O  O   . HOH C 3 .   ? 0.637   -0.738  -5.276  1.00 38.95 ? 391 HOH A O   1 
HETATM 1680 O  O   . HOH C 3 .   ? 3.183   -13.321 -12.389 1.00 34.46 ? 392 HOH A O   1 
HETATM 1681 O  O   . HOH C 3 .   ? 9.503   20.682  1.240   1.00 42.33 ? 393 HOH A O   1 
HETATM 1682 O  O   . HOH C 3 .   ? 0.947   -7.007  -15.914 1.00 43.30 ? 394 HOH A O   1 
HETATM 1683 O  O   . HOH C 3 .   ? 14.622  15.802  -0.780  1.00 53.03 ? 395 HOH A O   1 
HETATM 1684 O  O   . HOH C 3 .   ? -6.167  -12.104 5.572   1.00 29.82 ? 396 HOH A O   1 
HETATM 1685 O  O   . HOH C 3 .   ? 6.189   -17.699 2.318   1.00 34.21 ? 397 HOH A O   1 
HETATM 1686 O  O   . HOH C 3 .   ? -0.247  -0.378  16.698  1.00 34.92 ? 398 HOH A O   1 
HETATM 1687 O  O   . HOH C 3 .   ? -1.445  2.161   17.886  1.00 40.44 ? 399 HOH A O   1 
HETATM 1688 O  O   . HOH C 3 .   ? 4.269   7.236   -4.327  1.00 33.72 ? 400 HOH A O   1 
HETATM 1689 O  O   . HOH C 3 .   ? -5.563  -24.006 2.264   1.00 40.37 ? 401 HOH A O   1 
HETATM 1690 O  O   . HOH C 3 .   ? 10.465  3.578   -2.692  1.00 57.43 ? 402 HOH A O   1 
HETATM 1691 O  O   . HOH C 3 .   ? -12.846 17.837  -5.730  1.00 34.99 ? 403 HOH A O   1 
HETATM 1692 O  O   . HOH C 3 .   ? -14.314 12.009  -0.902  1.00 35.19 ? 404 HOH A O   1 
HETATM 1693 O  O   . HOH C 3 .   ? -11.739 11.895  0.149   1.00 43.02 ? 405 HOH A O   1 
HETATM 1694 O  O   . HOH C 3 .   ? 4.287   7.580   19.750  1.00 51.26 ? 406 HOH A O   1 
HETATM 1695 O  O   . HOH C 3 .   ? 21.211  -5.376  0.469   1.00 32.75 ? 407 HOH A O   1 
HETATM 1696 O  O   . HOH C 3 .   ? 19.306  15.576  6.432   1.00 42.48 ? 408 HOH A O   1 
HETATM 1697 O  O   . HOH C 3 .   ? 9.862   15.725  16.834  1.00 39.69 ? 409 HOH A O   1 
HETATM 1698 O  O   . HOH C 3 .   ? 7.393   12.546  16.572  1.00 48.21 ? 410 HOH A O   1 
HETATM 1699 O  O   . HOH C 3 .   ? 13.736  4.395   -7.706  1.00 38.95 ? 411 HOH A O   1 
HETATM 1700 O  O   . HOH C 3 .   ? 4.877   -5.207  9.635   1.00 32.71 ? 412 HOH A O   1 
HETATM 1701 O  O   . HOH C 3 .   ? -1.960  -9.947  4.946   1.00 50.17 ? 413 HOH A O   1 
HETATM 1702 O  O   . HOH C 3 .   ? 1.924   -12.190 5.429   1.00 41.56 ? 414 HOH A O   1 
HETATM 1703 O  O   . HOH C 3 .   ? -7.785  0.300   11.680  1.00 29.42 ? 415 HOH A O   1 
HETATM 1704 O  O   . HOH C 3 .   ? -0.083  8.828   -6.118  1.00 30.83 ? 416 HOH A O   1 
HETATM 1705 O  O   . HOH C 3 .   ? -8.367  21.974  -2.916  1.00 48.93 ? 417 HOH A O   1 
HETATM 1706 O  O   . HOH C 3 .   ? 4.888   6.696   -7.494  1.00 38.91 ? 418 HOH A O   1 
HETATM 1707 O  O   . HOH C 3 .   ? -3.910  -3.355  -13.100 1.00 34.76 ? 419 HOH A O   1 
# 
